data_6BUH
#
_entry.id   6BUH
#
_cell.length_a   108.677
_cell.length_b   124.581
_cell.length_c   126.712
_cell.angle_alpha   90.000
_cell.angle_beta   96.990
_cell.angle_gamma   90.000
#
_symmetry.space_group_name_H-M   'P 1 21 1'
#
loop_
_entity.id
_entity.type
_entity.pdbx_description
1 polymer 'D-alanyl carrier protein'
2 polymer 'D-alanyl transfer protein DltB'
#
loop_
_entity_poly.entity_id
_entity_poly.type
_entity_poly.pdbx_seq_one_letter_code
_entity_poly.pdbx_strand_id
1 'polypeptide(L)'
;GSHMDVKAEVIEIIDELFMEDVSDMMDEDLFDAGVLD(SEP)MGTVELIVELESRFDIRVPVSEFGRDDWNTANKIVEGV
TELRNA
;
A,B,E,G
2 'polypeptide(L)'
;MIDFLKQLPHLEPYGNPFYFIYLGIALLPIFIGLFFKKRFAIYECLVSITFIVLALTGTHASQILALLFYIVWQIIWVYS
YKRYRSQRDNKWVFYLHSFLVVLPLILVKVEPTINGTQSLLNFLGISYLTFRAVGMIIEMRDGVLKEFTLGEFLRFMLFM
PTFTSGPIDRFKRFNEDYQSIPNRDELLNMLEQAVKYIMLGFLYKFVLAQIFGSMLLPPLKAQALSQGGIFNLPTLGVMY
VYGFDLFFDFAGYSMFALAVSNLMGIKSPINFDKPFISRDMKEFWNRWHMSLSFWFRDFVFMRLVIVLMRNKVFKNRNTT
SNVAYIINMMVMGFWHGITWYYIAYGIFHGIGLVINDAWLRKKKTINKDRKKAGLKPLPENKWTKALGIFITFNTVMLSF
LIFSGFLNDLWFTKKLEHHHHHHHH
;
C,D,F,H
#
# COMPACT_ATOMS: atom_id res chain seq x y z
N MET A 4 -10.99 20.15 -18.37
CA MET A 4 -10.03 20.13 -19.52
C MET A 4 -10.53 19.34 -20.74
N ASP A 5 -9.95 19.67 -21.88
CA ASP A 5 -10.28 19.12 -23.19
C ASP A 5 -9.80 17.67 -23.32
N VAL A 6 -10.69 16.81 -23.83
CA VAL A 6 -10.39 15.38 -24.04
C VAL A 6 -9.39 15.15 -25.17
N LYS A 7 -9.57 15.88 -26.28
CA LYS A 7 -8.70 15.81 -27.46
C LYS A 7 -7.27 16.30 -27.18
N ALA A 8 -7.15 17.35 -26.37
CA ALA A 8 -5.87 17.95 -26.01
C ALA A 8 -5.01 17.05 -25.11
N GLU A 9 -5.67 16.31 -24.22
CA GLU A 9 -4.97 15.43 -23.26
C GLU A 9 -4.50 14.10 -23.86
N VAL A 10 -5.30 13.54 -24.78
CA VAL A 10 -4.92 12.35 -25.56
C VAL A 10 -3.71 12.66 -26.47
N ILE A 11 -3.73 13.83 -27.10
CA ILE A 11 -2.60 14.34 -27.90
C ILE A 11 -1.33 14.54 -27.05
N GLU A 12 -1.51 14.93 -25.79
CA GLU A 12 -0.38 15.17 -24.89
C GLU A 12 0.06 13.97 -24.05
N ILE A 13 -0.73 12.89 -24.04
CA ILE A 13 -0.30 11.64 -23.40
C ILE A 13 0.46 10.72 -24.38
N ILE A 14 0.16 10.84 -25.68
CA ILE A 14 0.78 10.03 -26.74
C ILE A 14 2.27 10.33 -26.92
N ASP A 15 2.66 11.59 -26.77
CA ASP A 15 4.08 11.99 -26.89
C ASP A 15 4.82 12.05 -25.54
N GLU A 16 4.19 11.52 -24.49
CA GLU A 16 4.83 11.40 -23.18
C GLU A 16 5.55 10.06 -23.03
N LEU A 17 4.87 8.98 -23.42
CA LEU A 17 5.41 7.61 -23.33
C LEU A 17 6.19 7.18 -24.57
N PHE A 18 5.79 7.71 -25.73
CA PHE A 18 6.38 7.33 -27.04
C PHE A 18 7.22 8.44 -27.67
N MET A 19 6.94 9.68 -27.30
CA MET A 19 7.63 10.88 -27.79
C MET A 19 7.56 11.13 -29.30
N GLU A 20 6.32 11.32 -29.78
CA GLU A 20 6.04 11.86 -31.12
C GLU A 20 4.64 12.45 -31.20
N ASP A 21 4.59 13.78 -31.43
CA ASP A 21 3.34 14.52 -31.66
C ASP A 21 2.64 14.11 -32.96
N VAL A 22 1.35 13.80 -32.86
CA VAL A 22 0.49 13.50 -34.03
C VAL A 22 -0.85 14.25 -33.97
N SER A 23 -0.76 15.56 -33.70
CA SER A 23 -1.94 16.43 -33.60
C SER A 23 -2.48 16.88 -34.96
N ASP A 24 -1.59 17.29 -35.87
CA ASP A 24 -1.98 17.76 -37.21
C ASP A 24 -2.28 16.62 -38.20
N MET A 25 -1.40 15.61 -38.23
CA MET A 25 -1.59 14.41 -39.05
C MET A 25 -2.12 13.28 -38.15
N MET A 26 -3.44 13.31 -37.95
CA MET A 26 -4.12 12.64 -36.83
C MET A 26 -4.86 11.33 -37.16
N ASP A 27 -5.31 11.18 -38.40
CA ASP A 27 -6.05 9.98 -38.86
C ASP A 27 -5.13 8.82 -39.27
N GLU A 28 -3.87 8.90 -38.88
CA GLU A 28 -2.87 7.85 -39.12
C GLU A 28 -3.17 6.60 -38.30
N ASP A 29 -2.92 5.44 -38.90
CA ASP A 29 -3.00 4.16 -38.20
C ASP A 29 -1.75 4.01 -37.32
N LEU A 30 -1.96 4.05 -36.00
CA LEU A 30 -0.87 4.09 -35.01
C LEU A 30 0.00 2.82 -34.95
N PHE A 31 -0.58 1.68 -35.33
CA PHE A 31 0.15 0.40 -35.45
C PHE A 31 1.11 0.44 -36.64
N ASP A 32 0.63 0.95 -37.77
CA ASP A 32 1.39 1.05 -39.02
C ASP A 32 2.40 2.20 -39.03
N ALA A 33 2.06 3.30 -38.36
CA ALA A 33 2.93 4.48 -38.25
C ALA A 33 4.17 4.29 -37.36
N GLY A 34 4.22 3.15 -36.66
CA GLY A 34 5.36 2.80 -35.80
C GLY A 34 5.39 3.51 -34.47
N VAL A 35 4.20 3.84 -33.95
CA VAL A 35 4.04 4.54 -32.68
C VAL A 35 3.92 3.54 -31.52
N LEU A 36 3.13 2.48 -31.73
CA LEU A 36 2.78 1.52 -30.69
C LEU A 36 3.31 0.11 -30.98
N ASP A 37 3.91 -0.51 -29.97
CA ASP A 37 4.36 -1.90 -30.04
C ASP A 37 3.19 -2.86 -29.83
N MET A 39 3.39 -4.54 -27.12
CA MET A 39 3.37 -4.23 -25.70
C MET A 39 3.02 -2.75 -25.44
N GLY A 40 3.25 -1.91 -26.44
CA GLY A 40 3.03 -0.46 -26.35
C GLY A 40 1.58 -0.03 -26.15
N THR A 41 0.65 -0.84 -26.68
CA THR A 41 -0.79 -0.57 -26.52
C THR A 41 -1.23 -0.76 -25.08
N VAL A 42 -0.72 -1.82 -24.44
CA VAL A 42 -0.95 -2.12 -23.01
C VAL A 42 -0.47 -0.96 -22.11
N GLU A 43 0.69 -0.39 -22.46
CA GLU A 43 1.26 0.76 -21.74
C GLU A 43 0.43 2.04 -21.87
N LEU A 44 -0.21 2.21 -23.04
CA LEU A 44 -1.10 3.34 -23.28
C LEU A 44 -2.42 3.20 -22.51
N ILE A 45 -2.99 1.99 -22.53
CA ILE A 45 -4.24 1.64 -21.82
C ILE A 45 -4.14 1.97 -20.33
N VAL A 46 -3.02 1.57 -19.70
CA VAL A 46 -2.74 1.83 -18.28
C VAL A 46 -2.76 3.33 -17.94
N GLU A 47 -2.06 4.14 -18.76
CA GLU A 47 -2.02 5.59 -18.57
C GLU A 47 -3.30 6.32 -18.99
N LEU A 48 -4.10 5.68 -19.86
CA LEU A 48 -5.40 6.20 -20.27
C LEU A 48 -6.43 6.00 -19.14
N GLU A 49 -6.23 4.95 -18.35
CA GLU A 49 -7.06 4.67 -17.17
C GLU A 49 -6.73 5.60 -16.01
N SER A 50 -5.43 5.82 -15.77
CA SER A 50 -4.94 6.66 -14.68
C SER A 50 -5.28 8.15 -14.84
N ARG A 51 -5.37 8.60 -16.09
CA ARG A 51 -5.63 10.01 -16.40
C ARG A 51 -7.11 10.34 -16.43
N PHE A 52 -7.90 9.48 -17.09
CA PHE A 52 -9.30 9.78 -17.41
C PHE A 52 -10.34 9.18 -16.46
N ASP A 53 -9.88 8.34 -15.52
CA ASP A 53 -10.73 7.64 -14.53
C ASP A 53 -11.75 6.67 -15.17
N ILE A 54 -11.42 6.16 -16.36
CA ILE A 54 -12.25 5.19 -17.09
C ILE A 54 -11.51 3.86 -17.16
N ARG A 55 -12.26 2.77 -17.03
CA ARG A 55 -11.72 1.42 -17.21
C ARG A 55 -12.03 0.96 -18.64
N VAL A 56 -10.98 0.64 -19.40
CA VAL A 56 -11.05 0.39 -20.85
C VAL A 56 -11.30 -1.09 -21.17
N PRO A 57 -12.35 -1.41 -21.96
CA PRO A 57 -12.62 -2.79 -22.37
C PRO A 57 -11.62 -3.26 -23.43
N VAL A 58 -10.74 -4.18 -23.03
CA VAL A 58 -9.71 -4.73 -23.91
C VAL A 58 -10.06 -6.12 -24.46
N SER A 59 -11.09 -6.74 -23.88
CA SER A 59 -11.60 -8.02 -24.34
C SER A 59 -12.67 -7.86 -25.43
N GLU A 60 -13.04 -6.62 -25.70
CA GLU A 60 -13.95 -6.26 -26.81
C GLU A 60 -13.19 -5.48 -27.90
N PHE A 61 -11.99 -5.02 -27.54
CA PHE A 61 -11.03 -4.33 -28.41
C PHE A 61 -10.77 -5.12 -29.71
N GLY A 62 -11.36 -4.65 -30.81
CA GLY A 62 -11.08 -5.18 -32.14
C GLY A 62 -9.88 -4.48 -32.75
N ARG A 63 -9.39 -4.99 -33.88
CA ARG A 63 -8.22 -4.39 -34.57
C ARG A 63 -8.58 -3.07 -35.26
N ASP A 64 -9.78 -3.00 -35.83
CA ASP A 64 -10.25 -1.80 -36.54
C ASP A 64 -10.96 -0.79 -35.63
N ASP A 65 -11.10 -1.13 -34.34
CA ASP A 65 -11.84 -0.31 -33.37
C ASP A 65 -11.12 0.96 -32.95
N TRP A 66 -10.04 0.81 -32.19
CA TRP A 66 -9.31 1.94 -31.59
C TRP A 66 -7.87 2.00 -32.11
N ASN A 67 -7.75 2.17 -33.43
CA ASN A 67 -6.45 2.21 -34.12
C ASN A 67 -5.96 3.62 -34.43
N THR A 68 -6.87 4.50 -34.85
CA THR A 68 -6.55 5.90 -35.15
C THR A 68 -6.83 6.80 -33.94
N ALA A 69 -6.06 7.88 -33.82
CA ALA A 69 -6.12 8.81 -32.68
C ALA A 69 -7.50 9.48 -32.48
N ASN A 70 -8.19 9.72 -33.60
CA ASN A 70 -9.55 10.31 -33.60
C ASN A 70 -10.60 9.34 -33.04
N LYS A 71 -10.41 8.05 -33.31
CA LYS A 71 -11.26 7.00 -32.76
C LYS A 71 -10.94 6.70 -31.29
N ILE A 72 -9.74 7.09 -30.85
CA ILE A 72 -9.33 7.01 -29.44
C ILE A 72 -9.93 8.17 -28.64
N VAL A 73 -9.87 9.38 -29.19
CA VAL A 73 -10.47 10.58 -28.59
C VAL A 73 -11.99 10.43 -28.45
N GLU A 74 -12.65 10.07 -29.55
CA GLU A 74 -14.11 9.92 -29.62
C GLU A 74 -14.63 8.75 -28.78
N GLY A 75 -13.82 7.70 -28.65
CA GLY A 75 -14.14 6.53 -27.83
C GLY A 75 -14.03 6.76 -26.33
N VAL A 76 -13.12 7.65 -25.92
CA VAL A 76 -12.91 8.00 -24.51
C VAL A 76 -14.08 8.85 -23.97
N THR A 77 -14.59 9.77 -24.80
CA THR A 77 -15.73 10.63 -24.47
C THR A 77 -17.03 9.83 -24.27
N GLU A 78 -17.25 8.83 -25.12
CA GLU A 78 -18.40 7.91 -25.03
C GLU A 78 -18.39 7.08 -23.75
N LEU A 79 -17.20 6.69 -23.31
CA LEU A 79 -17.01 5.91 -22.09
C LEU A 79 -16.95 6.78 -20.82
N ARG A 80 -16.81 8.09 -21.00
CA ARG A 80 -16.70 9.05 -19.89
C ARG A 80 -18.05 9.36 -19.23
N ASN A 81 -19.12 9.32 -20.03
CA ASN A 81 -20.47 9.62 -19.55
C ASN A 81 -21.52 8.55 -19.88
N ALA A 82 -21.51 8.06 -21.13
CA ALA A 82 -22.49 7.07 -21.62
C ALA A 82 -21.97 5.64 -21.55
N MET B 1 -33.69 -44.37 -14.75
CA MET B 1 -33.62 -43.09 -15.53
C MET B 1 -32.34 -43.01 -16.35
N ILE B 2 -31.23 -43.46 -15.75
CA ILE B 2 -29.93 -43.57 -16.44
C ILE B 2 -30.03 -44.66 -17.52
N ASP B 3 -30.58 -45.83 -17.15
CA ASP B 3 -30.84 -46.93 -18.10
C ASP B 3 -31.76 -46.57 -19.28
N PHE B 4 -32.65 -45.59 -19.06
CA PHE B 4 -33.48 -45.04 -20.13
C PHE B 4 -32.64 -44.31 -21.17
N LEU B 5 -31.76 -43.43 -20.70
CA LEU B 5 -30.86 -42.63 -21.54
C LEU B 5 -29.89 -43.50 -22.33
N LYS B 6 -29.50 -44.63 -21.73
CA LYS B 6 -28.61 -45.60 -22.35
C LYS B 6 -29.30 -46.42 -23.45
N GLN B 7 -30.60 -46.66 -23.26
CA GLN B 7 -31.48 -47.34 -24.22
C GLN B 7 -31.75 -46.45 -25.47
N LEU B 8 -31.74 -45.14 -25.25
CA LEU B 8 -31.98 -44.10 -26.25
C LEU B 8 -30.98 -44.18 -27.43
N PRO B 9 -31.46 -43.93 -28.67
CA PRO B 9 -30.60 -43.95 -29.87
C PRO B 9 -29.43 -42.96 -29.81
N HIS B 10 -28.34 -43.29 -30.50
CA HIS B 10 -27.11 -42.51 -30.43
C HIS B 10 -26.54 -42.16 -31.81
N LEU B 11 -26.23 -40.89 -32.00
CA LEU B 11 -25.55 -40.44 -33.22
C LEU B 11 -24.41 -39.49 -32.88
N GLU B 12 -23.18 -39.99 -33.02
CA GLU B 12 -21.95 -39.19 -32.88
C GLU B 12 -21.93 -38.05 -33.91
N PRO B 13 -21.70 -36.79 -33.45
CA PRO B 13 -21.79 -35.62 -34.34
C PRO B 13 -20.73 -35.67 -35.45
N TYR B 14 -21.19 -35.57 -36.69
CA TYR B 14 -20.36 -35.72 -37.91
C TYR B 14 -19.53 -37.02 -37.91
N GLY B 15 -20.15 -38.10 -37.44
CA GLY B 15 -19.50 -39.41 -37.32
C GLY B 15 -19.30 -40.12 -38.66
N ASN B 16 -20.25 -39.89 -39.56
CA ASN B 16 -20.22 -40.48 -40.92
C ASN B 16 -20.90 -39.54 -41.93
N PRO B 17 -20.75 -39.79 -43.24
CA PRO B 17 -21.47 -38.97 -44.25
C PRO B 17 -23.00 -39.01 -44.11
N PHE B 18 -23.54 -40.16 -43.73
CA PHE B 18 -24.98 -40.42 -43.70
C PHE B 18 -25.70 -39.66 -42.57
N TYR B 19 -24.92 -39.15 -41.62
CA TYR B 19 -25.35 -38.22 -40.56
C TYR B 19 -25.94 -36.93 -41.12
N PHE B 20 -25.31 -36.41 -42.17
CA PHE B 20 -25.72 -35.14 -42.83
C PHE B 20 -27.07 -35.22 -43.52
N ILE B 21 -27.53 -36.44 -43.84
CA ILE B 21 -28.87 -36.67 -44.37
C ILE B 21 -29.91 -36.29 -43.31
N TYR B 22 -29.71 -36.76 -42.07
CA TYR B 22 -30.57 -36.42 -40.94
C TYR B 22 -30.60 -34.92 -40.68
N LEU B 23 -29.42 -34.37 -40.38
CA LEU B 23 -29.25 -32.97 -40.07
C LEU B 23 -29.67 -32.03 -41.20
N GLY B 24 -29.47 -32.50 -42.45
CA GLY B 24 -29.89 -31.77 -43.65
C GLY B 24 -31.39 -31.64 -43.73
N ILE B 25 -32.09 -32.76 -43.60
CA ILE B 25 -33.57 -32.79 -43.58
C ILE B 25 -34.07 -31.92 -42.43
N ALA B 26 -33.49 -32.12 -41.24
CA ALA B 26 -33.88 -31.42 -40.01
C ALA B 26 -33.75 -29.89 -40.07
N LEU B 27 -32.64 -29.39 -40.61
CA LEU B 27 -32.39 -27.95 -40.66
C LEU B 27 -33.06 -27.25 -41.84
N LEU B 28 -33.54 -28.03 -42.81
CA LEU B 28 -34.13 -27.49 -44.05
C LEU B 28 -35.24 -26.44 -43.81
N PRO B 29 -36.18 -26.69 -42.85
CA PRO B 29 -37.16 -25.64 -42.50
C PRO B 29 -36.53 -24.34 -41.97
N ILE B 30 -35.52 -24.45 -41.11
CA ILE B 30 -34.81 -23.27 -40.55
C ILE B 30 -34.24 -22.41 -41.68
N PHE B 31 -33.48 -23.05 -42.58
CA PHE B 31 -32.85 -22.36 -43.70
C PHE B 31 -33.83 -21.70 -44.67
N ILE B 32 -34.86 -22.46 -45.10
CA ILE B 32 -35.96 -21.92 -45.92
C ILE B 32 -36.65 -20.73 -45.22
N GLY B 33 -36.84 -20.86 -43.90
CA GLY B 33 -37.40 -19.81 -43.06
C GLY B 33 -36.66 -18.48 -43.10
N LEU B 34 -35.33 -18.56 -43.03
CA LEU B 34 -34.45 -17.37 -43.03
C LEU B 34 -34.56 -16.52 -44.31
N PHE B 35 -34.99 -17.13 -45.42
CA PHE B 35 -35.22 -16.41 -46.69
C PHE B 35 -36.42 -15.46 -46.60
N PHE B 36 -37.32 -15.74 -45.66
CA PHE B 36 -38.48 -14.91 -45.38
C PHE B 36 -38.32 -14.18 -44.05
N LYS B 37 -37.06 -14.00 -43.66
CA LYS B 37 -36.62 -13.23 -42.47
C LYS B 37 -37.29 -13.64 -41.15
N LYS B 38 -37.63 -14.91 -41.03
CA LYS B 38 -38.28 -15.46 -39.82
C LYS B 38 -37.51 -16.67 -39.25
N ARG B 39 -37.52 -16.80 -37.93
CA ARG B 39 -36.95 -17.96 -37.24
C ARG B 39 -38.06 -18.70 -36.49
N PHE B 40 -37.94 -20.02 -36.42
CA PHE B 40 -38.89 -20.81 -35.63
C PHE B 40 -38.27 -21.18 -34.28
N ALA B 41 -38.39 -20.22 -33.36
CA ALA B 41 -37.80 -20.28 -32.01
C ALA B 41 -37.93 -21.63 -31.30
N ILE B 42 -39.16 -22.16 -31.26
CA ILE B 42 -39.45 -23.44 -30.60
C ILE B 42 -38.77 -24.61 -31.35
N TYR B 43 -38.96 -24.65 -32.67
CA TYR B 43 -38.42 -25.72 -33.52
C TYR B 43 -36.88 -25.77 -33.53
N GLU B 44 -36.27 -24.59 -33.46
CA GLU B 44 -34.82 -24.47 -33.38
C GLU B 44 -34.24 -25.09 -32.11
N CYS B 45 -34.92 -24.88 -30.97
CA CYS B 45 -34.47 -25.51 -29.71
C CYS B 45 -34.73 -27.01 -29.69
N LEU B 46 -35.85 -27.44 -30.27
CA LEU B 46 -36.19 -28.87 -30.33
C LEU B 46 -35.17 -29.66 -31.12
N VAL B 47 -34.90 -29.22 -32.35
CA VAL B 47 -33.89 -29.85 -33.23
C VAL B 47 -32.46 -29.76 -32.63
N SER B 48 -32.18 -28.67 -31.89
CA SER B 48 -30.92 -28.52 -31.16
C SER B 48 -30.80 -29.53 -30.02
N ILE B 49 -31.82 -29.62 -29.18
CA ILE B 49 -31.86 -30.56 -28.04
C ILE B 49 -31.76 -32.01 -28.52
N THR B 50 -32.41 -32.35 -29.62
CA THR B 50 -32.38 -33.71 -30.17
C THR B 50 -30.95 -34.12 -30.50
N PHE B 51 -30.28 -33.30 -31.32
CA PHE B 51 -28.92 -33.57 -31.75
C PHE B 51 -27.87 -33.51 -30.64
N ILE B 52 -28.03 -32.58 -29.69
CA ILE B 52 -27.18 -32.54 -28.48
C ILE B 52 -27.38 -33.82 -27.65
N VAL B 53 -28.63 -34.25 -27.49
CA VAL B 53 -28.96 -35.48 -26.74
C VAL B 53 -28.39 -36.69 -27.45
N LEU B 54 -28.64 -36.80 -28.76
CA LEU B 54 -28.10 -37.89 -29.60
C LEU B 54 -26.57 -37.97 -29.60
N ALA B 55 -25.93 -36.81 -29.48
CA ALA B 55 -24.46 -36.72 -29.36
C ALA B 55 -23.97 -37.21 -27.98
N LEU B 56 -24.86 -37.20 -27.00
CA LEU B 56 -24.53 -37.53 -25.62
C LEU B 56 -25.08 -38.87 -25.12
N THR B 57 -25.90 -39.53 -25.94
CA THR B 57 -26.57 -40.78 -25.56
C THR B 57 -25.72 -42.03 -25.78
N GLY B 58 -24.44 -41.95 -25.43
CA GLY B 58 -23.52 -43.09 -25.63
C GLY B 58 -23.71 -44.19 -24.56
N THR B 59 -22.63 -44.93 -24.33
CA THR B 59 -22.60 -45.93 -23.27
C THR B 59 -22.45 -45.25 -21.90
N HIS B 60 -21.82 -44.07 -21.89
CA HIS B 60 -21.99 -43.13 -20.77
C HIS B 60 -22.97 -41.99 -21.14
N ALA B 61 -24.24 -42.40 -21.25
CA ALA B 61 -25.36 -41.50 -21.52
C ALA B 61 -25.79 -40.70 -20.28
N SER B 62 -25.38 -41.17 -19.11
CA SER B 62 -25.61 -40.50 -17.82
C SER B 62 -25.13 -39.05 -17.77
N GLN B 63 -24.21 -38.70 -18.67
CA GLN B 63 -23.68 -37.34 -18.79
C GLN B 63 -24.75 -36.26 -19.10
N ILE B 64 -25.89 -36.68 -19.65
CA ILE B 64 -27.00 -35.77 -19.94
C ILE B 64 -27.44 -35.03 -18.65
N LEU B 65 -27.49 -35.78 -17.55
CA LEU B 65 -27.74 -35.23 -16.21
C LEU B 65 -26.66 -34.24 -15.79
N ALA B 66 -25.41 -34.58 -16.07
CA ALA B 66 -24.27 -33.67 -15.84
C ALA B 66 -24.43 -32.36 -16.63
N LEU B 67 -24.96 -32.46 -17.86
CA LEU B 67 -25.28 -31.27 -18.66
C LEU B 67 -26.43 -30.50 -18.04
N LEU B 68 -27.50 -31.21 -17.66
CA LEU B 68 -28.65 -30.60 -16.97
C LEU B 68 -28.27 -29.87 -15.69
N PHE B 69 -27.40 -30.49 -14.89
CA PHE B 69 -26.81 -29.83 -13.72
C PHE B 69 -26.08 -28.56 -14.14
N TYR B 70 -25.25 -28.68 -15.17
CA TYR B 70 -24.42 -27.58 -15.68
C TYR B 70 -25.24 -26.35 -16.09
N ILE B 71 -26.32 -26.56 -16.85
CA ILE B 71 -27.19 -25.45 -17.30
C ILE B 71 -27.80 -24.70 -16.10
N VAL B 72 -28.30 -25.46 -15.12
CA VAL B 72 -28.87 -24.90 -13.88
C VAL B 72 -27.80 -24.10 -13.12
N TRP B 73 -26.65 -24.73 -12.88
CA TRP B 73 -25.52 -24.11 -12.19
C TRP B 73 -25.06 -22.80 -12.85
N GLN B 74 -24.99 -22.80 -14.18
CA GLN B 74 -24.59 -21.61 -14.95
C GLN B 74 -25.64 -20.49 -14.90
N ILE B 75 -26.92 -20.84 -15.04
CA ILE B 75 -28.04 -19.87 -14.91
C ILE B 75 -27.95 -19.11 -13.58
N ILE B 76 -27.80 -19.87 -12.48
CA ILE B 76 -27.61 -19.33 -11.13
C ILE B 76 -26.51 -18.26 -11.10
N TRP B 77 -25.28 -18.63 -11.48
CA TRP B 77 -24.14 -17.73 -11.30
C TRP B 77 -23.98 -16.65 -12.37
N VAL B 78 -24.55 -16.86 -13.54
CA VAL B 78 -24.59 -15.82 -14.59
C VAL B 78 -25.59 -14.75 -14.15
N TYR B 79 -26.79 -15.17 -13.75
CA TYR B 79 -27.80 -14.25 -13.26
C TYR B 79 -27.42 -13.59 -11.93
N SER B 80 -26.74 -14.33 -11.05
CA SER B 80 -26.19 -13.77 -9.81
C SER B 80 -25.29 -12.56 -10.08
N TYR B 81 -24.41 -12.69 -11.08
CA TYR B 81 -23.53 -11.59 -11.47
C TYR B 81 -24.30 -10.49 -12.19
N LYS B 82 -25.28 -10.87 -13.02
CA LYS B 82 -26.09 -9.90 -13.77
C LYS B 82 -26.81 -8.96 -12.82
N ARG B 83 -27.47 -9.55 -11.82
CA ARG B 83 -28.19 -8.86 -10.75
C ARG B 83 -27.25 -7.91 -9.99
N TYR B 84 -26.07 -8.42 -9.62
CA TYR B 84 -25.06 -7.66 -8.89
C TYR B 84 -24.50 -6.48 -9.69
N ARG B 85 -24.17 -6.73 -10.96
CA ARG B 85 -23.46 -5.76 -11.81
C ARG B 85 -24.25 -4.48 -12.11
N SER B 86 -25.57 -4.55 -11.98
CA SER B 86 -26.46 -3.40 -12.13
C SER B 86 -26.10 -2.26 -11.17
N GLN B 87 -25.89 -2.62 -9.90
CA GLN B 87 -25.65 -1.65 -8.84
C GLN B 87 -24.16 -1.43 -8.58
N ARG B 88 -23.51 -2.42 -7.98
CA ARG B 88 -22.09 -2.34 -7.65
C ARG B 88 -21.19 -3.01 -8.72
N ASP B 89 -19.89 -2.72 -8.67
CA ASP B 89 -18.87 -3.42 -9.46
C ASP B 89 -17.54 -3.52 -8.69
N ASN B 90 -17.25 -4.73 -8.21
CA ASN B 90 -16.06 -4.99 -7.40
C ASN B 90 -15.20 -6.04 -8.08
N LYS B 91 -13.89 -5.96 -7.82
CA LYS B 91 -12.89 -6.91 -8.32
C LYS B 91 -13.19 -8.34 -7.90
N TRP B 92 -13.21 -8.57 -6.60
CA TRP B 92 -13.26 -9.90 -6.02
C TRP B 92 -14.60 -10.62 -6.23
N VAL B 93 -15.68 -9.84 -6.33
CA VAL B 93 -17.01 -10.37 -6.65
C VAL B 93 -16.96 -11.00 -8.05
N PHE B 94 -16.39 -10.26 -8.99
CA PHE B 94 -16.15 -10.73 -10.34
C PHE B 94 -15.24 -11.96 -10.38
N TYR B 95 -14.20 -11.96 -9.54
CA TYR B 95 -13.32 -13.13 -9.41
C TYR B 95 -14.05 -14.36 -8.89
N LEU B 96 -14.89 -14.15 -7.89
CA LEU B 96 -15.71 -15.23 -7.32
C LEU B 96 -16.67 -15.84 -8.35
N HIS B 97 -17.35 -14.98 -9.10
CA HIS B 97 -18.28 -15.41 -10.14
C HIS B 97 -17.58 -16.10 -11.31
N SER B 98 -16.37 -15.64 -11.63
CA SER B 98 -15.51 -16.28 -12.62
C SER B 98 -15.11 -17.68 -12.16
N PHE B 99 -14.56 -17.77 -10.95
CA PHE B 99 -14.17 -19.04 -10.33
C PHE B 99 -15.33 -20.05 -10.31
N LEU B 100 -16.51 -19.59 -9.94
CA LEU B 100 -17.69 -20.46 -9.80
C LEU B 100 -18.23 -20.97 -11.13
N VAL B 101 -18.15 -20.15 -12.17
CA VAL B 101 -18.53 -20.52 -13.54
C VAL B 101 -17.58 -21.57 -14.14
N VAL B 102 -16.29 -21.45 -13.81
CA VAL B 102 -15.28 -22.43 -14.26
C VAL B 102 -15.09 -23.63 -13.34
N LEU B 103 -15.63 -23.56 -12.11
CA LEU B 103 -15.45 -24.62 -11.09
C LEU B 103 -15.84 -26.06 -11.52
N PRO B 104 -16.99 -26.23 -12.24
CA PRO B 104 -17.26 -27.59 -12.75
C PRO B 104 -16.16 -28.10 -13.72
N LEU B 105 -15.70 -27.23 -14.64
CA LEU B 105 -14.58 -27.54 -15.52
C LEU B 105 -13.31 -27.87 -14.74
N ILE B 106 -13.00 -27.06 -13.70
CA ILE B 106 -11.84 -27.31 -12.82
C ILE B 106 -11.95 -28.67 -12.15
N LEU B 107 -13.15 -28.99 -11.67
CA LEU B 107 -13.39 -30.28 -11.02
C LEU B 107 -13.21 -31.46 -11.98
N VAL B 108 -13.68 -31.31 -13.23
CA VAL B 108 -13.54 -32.34 -14.28
C VAL B 108 -12.08 -32.62 -14.61
N LYS B 109 -11.29 -31.55 -14.77
CA LYS B 109 -9.86 -31.66 -15.06
C LYS B 109 -9.07 -32.21 -13.87
N VAL B 110 -9.31 -31.68 -12.67
CA VAL B 110 -8.57 -32.04 -11.45
C VAL B 110 -8.83 -33.49 -11.01
N GLU B 111 -10.07 -33.96 -11.23
CA GLU B 111 -10.52 -35.27 -10.73
C GLU B 111 -9.57 -36.45 -10.94
N PRO B 112 -9.22 -36.78 -12.22
CA PRO B 112 -8.40 -37.99 -12.41
C PRO B 112 -6.98 -37.93 -11.85
N THR B 113 -6.53 -36.73 -11.44
CA THR B 113 -5.27 -36.59 -10.69
C THR B 113 -5.42 -37.18 -9.29
N ILE B 114 -6.54 -36.83 -8.61
CA ILE B 114 -6.86 -37.36 -7.30
C ILE B 114 -7.33 -38.82 -7.42
N ASN B 115 -8.35 -39.03 -8.25
CA ASN B 115 -9.13 -40.26 -8.29
C ASN B 115 -8.53 -41.36 -9.13
N GLY B 116 -8.05 -41.00 -10.32
CA GLY B 116 -7.74 -41.97 -11.37
C GLY B 116 -8.97 -42.26 -12.21
N THR B 117 -10.08 -41.61 -11.87
CA THR B 117 -11.36 -41.75 -12.58
C THR B 117 -11.99 -40.38 -12.86
N GLN B 118 -13.01 -40.39 -13.71
CA GLN B 118 -13.71 -39.18 -14.15
C GLN B 118 -14.52 -38.49 -13.07
N SER B 119 -14.84 -37.22 -13.29
CA SER B 119 -15.81 -36.49 -12.47
C SER B 119 -17.23 -36.84 -12.91
N LEU B 120 -18.17 -36.74 -11.97
CA LEU B 120 -19.58 -36.95 -12.26
C LEU B 120 -20.16 -35.79 -13.08
N LEU B 121 -19.57 -34.59 -12.90
CA LEU B 121 -20.00 -33.38 -13.61
C LEU B 121 -19.61 -33.35 -15.09
N ASN B 122 -18.74 -34.29 -15.50
CA ASN B 122 -18.22 -34.39 -16.85
C ASN B 122 -19.27 -34.80 -17.90
N PHE B 123 -19.35 -33.99 -18.96
CA PHE B 123 -20.15 -34.26 -20.15
C PHE B 123 -19.36 -33.74 -21.35
N LEU B 124 -19.75 -34.14 -22.57
CA LEU B 124 -18.88 -33.97 -23.75
C LEU B 124 -18.38 -32.53 -24.02
N GLY B 125 -19.26 -31.61 -24.35
CA GLY B 125 -18.82 -30.26 -24.73
C GLY B 125 -18.32 -29.32 -23.64
N ILE B 126 -18.14 -29.84 -22.42
CA ILE B 126 -17.90 -29.04 -21.20
C ILE B 126 -16.76 -28.01 -21.32
N SER B 127 -15.67 -28.43 -21.94
CA SER B 127 -14.48 -27.60 -22.09
C SER B 127 -14.71 -26.42 -23.02
N TYR B 128 -15.61 -26.60 -23.98
CA TYR B 128 -15.88 -25.59 -24.99
C TYR B 128 -17.09 -24.71 -24.63
N LEU B 129 -18.00 -25.27 -23.85
CA LEU B 129 -19.15 -24.54 -23.31
C LEU B 129 -18.75 -23.50 -22.25
N THR B 130 -17.81 -23.87 -21.39
CA THR B 130 -17.33 -23.01 -20.30
C THR B 130 -16.82 -21.65 -20.78
N PHE B 131 -16.15 -21.63 -21.93
CA PHE B 131 -15.68 -20.38 -22.54
C PHE B 131 -16.82 -19.42 -22.88
N ARG B 132 -17.96 -19.99 -23.30
CA ARG B 132 -19.16 -19.21 -23.61
C ARG B 132 -19.76 -18.61 -22.33
N ALA B 133 -19.80 -19.43 -21.28
CA ALA B 133 -20.29 -19.04 -19.95
C ALA B 133 -19.46 -17.94 -19.26
N VAL B 134 -18.14 -18.15 -19.10
CA VAL B 134 -17.24 -17.14 -18.50
C VAL B 134 -17.23 -15.87 -19.33
N GLY B 135 -17.29 -16.05 -20.65
CA GLY B 135 -17.39 -14.96 -21.62
C GLY B 135 -18.38 -13.89 -21.21
N MET B 136 -19.55 -14.31 -20.75
CA MET B 136 -20.57 -13.38 -20.25
C MET B 136 -20.25 -12.70 -18.94
N ILE B 137 -19.62 -13.41 -18.01
CA ILE B 137 -19.14 -12.81 -16.76
C ILE B 137 -18.11 -11.71 -17.06
N ILE B 138 -17.18 -11.99 -17.98
CA ILE B 138 -16.16 -11.02 -18.43
C ILE B 138 -16.83 -9.83 -19.16
N GLU B 139 -17.78 -10.12 -20.04
CA GLU B 139 -18.46 -9.07 -20.81
C GLU B 139 -19.34 -8.15 -19.97
N MET B 140 -19.93 -8.70 -18.91
CA MET B 140 -20.71 -7.92 -17.93
C MET B 140 -19.78 -7.05 -17.07
N ARG B 141 -18.63 -7.61 -16.71
CA ARG B 141 -17.60 -6.90 -15.94
C ARG B 141 -17.12 -5.64 -16.66
N ASP B 142 -16.87 -5.77 -17.96
CA ASP B 142 -16.40 -4.67 -18.80
C ASP B 142 -17.50 -3.68 -19.17
N GLY B 143 -18.73 -3.98 -18.73
CA GLY B 143 -19.88 -3.11 -18.95
C GLY B 143 -20.35 -3.04 -20.39
N VAL B 144 -19.87 -3.96 -21.22
CA VAL B 144 -20.23 -4.03 -22.63
C VAL B 144 -21.51 -4.87 -22.84
N LEU B 145 -21.89 -5.65 -21.82
CA LEU B 145 -23.15 -6.38 -21.80
C LEU B 145 -24.03 -5.93 -20.63
N LYS B 146 -25.30 -5.67 -20.94
CA LYS B 146 -26.29 -5.24 -19.94
C LYS B 146 -27.62 -5.98 -20.04
N GLU B 147 -28.19 -6.07 -21.25
CA GLU B 147 -29.50 -6.72 -21.46
C GLU B 147 -29.35 -8.10 -22.09
N PHE B 148 -30.04 -9.09 -21.53
CA PHE B 148 -30.23 -10.40 -22.19
C PHE B 148 -31.35 -11.27 -21.63
N THR B 149 -32.09 -11.91 -22.53
CA THR B 149 -33.07 -12.97 -22.22
C THR B 149 -32.33 -14.23 -21.73
N LEU B 150 -33.03 -15.06 -20.97
CA LEU B 150 -32.60 -16.43 -20.68
C LEU B 150 -32.49 -17.24 -21.98
N GLY B 151 -33.39 -16.96 -22.93
CA GLY B 151 -33.37 -17.53 -24.28
C GLY B 151 -32.12 -17.19 -25.06
N GLU B 152 -31.73 -15.91 -25.03
CA GLU B 152 -30.52 -15.43 -25.69
C GLU B 152 -29.23 -16.05 -25.12
N PHE B 153 -29.18 -16.19 -23.80
CA PHE B 153 -28.07 -16.81 -23.08
C PHE B 153 -27.98 -18.30 -23.38
N LEU B 154 -29.12 -18.99 -23.35
CA LEU B 154 -29.18 -20.42 -23.63
C LEU B 154 -28.86 -20.79 -25.07
N ARG B 155 -29.43 -20.05 -26.04
CA ARG B 155 -29.15 -20.24 -27.47
C ARG B 155 -27.67 -20.15 -27.79
N PHE B 156 -27.00 -19.17 -27.16
CA PHE B 156 -25.58 -18.95 -27.32
C PHE B 156 -24.77 -20.06 -26.67
N MET B 157 -24.92 -20.22 -25.36
CA MET B 157 -24.08 -21.13 -24.59
C MET B 157 -24.15 -22.59 -25.07
N LEU B 158 -25.35 -23.04 -25.39
CA LEU B 158 -25.50 -24.42 -25.89
C LEU B 158 -26.01 -24.48 -27.33
N PHE B 159 -25.37 -23.68 -28.19
CA PHE B 159 -25.52 -23.69 -29.64
C PHE B 159 -25.14 -25.08 -30.17
N MET B 160 -26.02 -25.66 -30.98
CA MET B 160 -25.92 -27.06 -31.41
C MET B 160 -24.70 -27.47 -32.29
N PRO B 161 -24.38 -26.72 -33.37
CA PRO B 161 -23.27 -27.13 -34.24
C PRO B 161 -21.88 -27.06 -33.60
N THR B 162 -21.70 -26.15 -32.65
CA THR B 162 -20.41 -25.92 -32.02
C THR B 162 -20.37 -26.48 -30.59
N PHE B 163 -21.20 -27.50 -30.32
CA PHE B 163 -21.40 -27.99 -28.95
C PHE B 163 -20.19 -28.77 -28.43
N THR B 164 -19.89 -29.86 -29.12
CA THR B 164 -18.96 -30.90 -28.65
C THR B 164 -17.51 -30.43 -28.56
N SER B 165 -17.08 -29.65 -29.55
CA SER B 165 -15.70 -29.23 -29.69
C SER B 165 -15.57 -27.96 -30.56
N GLY B 166 -16.71 -27.55 -31.14
CA GLY B 166 -16.77 -26.54 -32.19
C GLY B 166 -16.25 -25.19 -31.77
N PRO B 167 -16.01 -24.29 -32.75
CA PRO B 167 -15.36 -22.98 -32.51
C PRO B 167 -15.92 -22.21 -31.31
N ILE B 168 -15.01 -21.68 -30.49
CA ILE B 168 -15.37 -20.85 -29.34
C ILE B 168 -15.95 -19.51 -29.83
N ASP B 169 -17.04 -19.07 -29.20
CA ASP B 169 -17.69 -17.82 -29.59
C ASP B 169 -17.85 -16.85 -28.42
N ARG B 170 -18.00 -15.57 -28.76
CA ARG B 170 -18.25 -14.50 -27.80
C ARG B 170 -19.72 -14.08 -27.94
N PHE B 171 -20.34 -13.69 -26.83
CA PHE B 171 -21.78 -13.41 -26.79
C PHE B 171 -22.23 -12.25 -27.69
N LYS B 172 -21.60 -11.09 -27.54
CA LYS B 172 -22.00 -9.88 -28.28
C LYS B 172 -22.04 -10.12 -29.79
N ARG B 173 -21.02 -10.83 -30.30
CA ARG B 173 -20.88 -11.13 -31.70
C ARG B 173 -21.90 -12.20 -32.15
N PHE B 174 -22.08 -13.25 -31.34
CA PHE B 174 -23.06 -14.31 -31.65
C PHE B 174 -24.48 -13.77 -31.65
N ASN B 175 -24.78 -12.94 -30.64
CA ASN B 175 -26.12 -12.44 -30.43
C ASN B 175 -26.57 -11.51 -31.56
N GLU B 176 -25.69 -10.57 -31.94
CA GLU B 176 -25.96 -9.63 -33.03
C GLU B 176 -26.18 -10.36 -34.37
N ASP B 177 -25.36 -11.38 -34.62
CA ASP B 177 -25.44 -12.23 -35.81
C ASP B 177 -26.80 -12.93 -35.89
N TYR B 178 -27.23 -13.49 -34.76
CA TYR B 178 -28.52 -14.16 -34.62
C TYR B 178 -29.67 -13.17 -34.70
N GLN B 179 -29.44 -11.95 -34.17
CA GLN B 179 -30.45 -10.90 -34.06
C GLN B 179 -30.92 -10.39 -35.41
N SER B 180 -29.97 -10.16 -36.32
CA SER B 180 -30.28 -9.72 -37.68
C SER B 180 -29.97 -10.83 -38.69
N ILE B 181 -31.05 -11.41 -39.22
CA ILE B 181 -30.99 -12.44 -40.25
C ILE B 181 -30.39 -11.82 -41.52
N PRO B 182 -29.31 -12.43 -42.05
CA PRO B 182 -28.67 -11.96 -43.27
C PRO B 182 -29.61 -11.96 -44.47
N ASN B 183 -29.40 -11.01 -45.39
CA ASN B 183 -30.28 -10.80 -46.56
C ASN B 183 -30.18 -11.92 -47.59
N ARG B 184 -31.14 -11.95 -48.52
CA ARG B 184 -31.40 -13.09 -49.42
C ARG B 184 -30.19 -13.71 -50.11
N ASP B 185 -29.38 -12.88 -50.78
CA ASP B 185 -28.23 -13.40 -51.54
C ASP B 185 -26.96 -13.66 -50.71
N GLU B 186 -26.83 -12.95 -49.58
CA GLU B 186 -25.80 -13.23 -48.58
C GLU B 186 -26.06 -14.59 -47.90
N LEU B 187 -27.34 -14.90 -47.77
CA LEU B 187 -27.80 -16.17 -47.22
C LEU B 187 -27.53 -17.33 -48.18
N LEU B 188 -27.73 -17.08 -49.48
CA LEU B 188 -27.43 -18.05 -50.55
C LEU B 188 -25.92 -18.28 -50.69
N ASN B 189 -25.17 -17.22 -50.42
CA ASN B 189 -23.71 -17.23 -50.37
C ASN B 189 -23.20 -18.18 -49.27
N MET B 190 -23.90 -18.19 -48.14
CA MET B 190 -23.59 -19.08 -47.02
C MET B 190 -23.89 -20.55 -47.33
N LEU B 191 -24.92 -20.78 -48.15
CA LEU B 191 -25.26 -22.12 -48.63
C LEU B 191 -24.16 -22.67 -49.52
N GLU B 192 -23.63 -21.79 -50.37
CA GLU B 192 -22.51 -22.10 -51.26
C GLU B 192 -21.27 -22.44 -50.44
N GLN B 193 -21.01 -21.65 -49.40
CA GLN B 193 -19.87 -21.88 -48.50
C GLN B 193 -20.07 -23.14 -47.63
N ALA B 194 -21.32 -23.44 -47.27
CA ALA B 194 -21.64 -24.62 -46.48
C ALA B 194 -21.43 -25.91 -47.27
N VAL B 195 -21.88 -25.92 -48.53
CA VAL B 195 -21.71 -27.08 -49.42
C VAL B 195 -20.24 -27.30 -49.79
N LYS B 196 -19.46 -26.21 -49.81
CA LYS B 196 -18.01 -26.24 -50.01
C LYS B 196 -17.30 -26.86 -48.79
N TYR B 197 -17.63 -26.35 -47.60
CA TYR B 197 -17.06 -26.79 -46.31
C TYR B 197 -17.34 -28.24 -45.97
N ILE B 198 -18.49 -28.75 -46.41
CA ILE B 198 -18.85 -30.17 -46.23
C ILE B 198 -17.99 -31.04 -47.14
N MET B 199 -17.84 -30.65 -48.41
CA MET B 199 -16.97 -31.36 -49.38
C MET B 199 -15.53 -31.49 -48.87
N LEU B 200 -14.96 -30.39 -48.39
CA LEU B 200 -13.61 -30.36 -47.82
C LEU B 200 -13.49 -31.22 -46.57
N GLY B 201 -14.43 -31.04 -45.65
CA GLY B 201 -14.54 -31.83 -44.41
C GLY B 201 -14.58 -33.33 -44.65
N PHE B 202 -15.31 -33.74 -45.70
CA PHE B 202 -15.34 -35.14 -46.14
C PHE B 202 -13.94 -35.65 -46.43
N LEU B 203 -13.19 -34.89 -47.25
CA LEU B 203 -11.81 -35.23 -47.61
C LEU B 203 -10.91 -35.23 -46.38
N TYR B 204 -10.97 -34.15 -45.60
CA TYR B 204 -10.13 -33.96 -44.42
C TYR B 204 -10.32 -35.05 -43.36
N LYS B 205 -11.56 -35.32 -42.99
CA LYS B 205 -11.86 -36.25 -41.88
C LYS B 205 -11.94 -37.72 -42.28
N PHE B 206 -12.70 -38.02 -43.34
CA PHE B 206 -12.95 -39.42 -43.72
C PHE B 206 -11.91 -40.03 -44.67
N VAL B 207 -11.20 -39.18 -45.40
CA VAL B 207 -10.11 -39.62 -46.29
C VAL B 207 -8.74 -39.43 -45.63
N LEU B 208 -8.32 -38.19 -45.45
CA LEU B 208 -6.93 -37.87 -45.05
C LEU B 208 -6.59 -38.26 -43.61
N ALA B 209 -7.44 -37.87 -42.67
CA ALA B 209 -7.28 -38.22 -41.24
C ALA B 209 -7.36 -39.73 -41.02
N GLN B 210 -7.98 -40.42 -41.96
CA GLN B 210 -8.06 -41.87 -41.97
C GLN B 210 -6.72 -42.49 -42.32
N ILE B 211 -6.08 -41.96 -43.37
CA ILE B 211 -4.78 -42.44 -43.84
C ILE B 211 -3.69 -42.20 -42.79
N PHE B 212 -3.64 -40.98 -42.25
CA PHE B 212 -2.67 -40.67 -41.22
C PHE B 212 -2.98 -41.39 -39.90
N GLY B 213 -4.22 -41.27 -39.44
CA GLY B 213 -4.62 -41.72 -38.11
C GLY B 213 -4.76 -43.21 -37.91
N SER B 214 -5.54 -43.87 -38.76
CA SER B 214 -5.89 -45.27 -38.55
C SER B 214 -5.06 -46.25 -39.38
N MET B 215 -4.40 -45.73 -40.43
CA MET B 215 -3.54 -46.52 -41.32
C MET B 215 -2.05 -46.47 -41.01
N LEU B 216 -1.48 -45.27 -40.99
CA LEU B 216 -0.03 -45.09 -40.79
C LEU B 216 0.39 -45.05 -39.33
N LEU B 217 -0.36 -44.31 -38.51
CA LEU B 217 -0.03 -44.09 -37.10
C LEU B 217 0.07 -45.35 -36.21
N PRO B 218 -0.92 -46.29 -36.29
CA PRO B 218 -0.82 -47.46 -35.38
C PRO B 218 0.42 -48.36 -35.56
N PRO B 219 0.81 -48.76 -36.81
CA PRO B 219 2.05 -49.55 -36.91
C PRO B 219 3.33 -48.76 -36.60
N LEU B 220 3.33 -47.46 -36.90
CA LEU B 220 4.46 -46.58 -36.58
C LEU B 220 4.72 -46.49 -35.07
N LYS B 221 3.64 -46.42 -34.29
CA LYS B 221 3.70 -46.44 -32.82
C LYS B 221 4.21 -47.78 -32.31
N ALA B 222 3.65 -48.86 -32.85
CA ALA B 222 4.02 -50.23 -32.50
C ALA B 222 5.52 -50.46 -32.68
N GLN B 223 6.05 -50.00 -33.81
CA GLN B 223 7.46 -50.13 -34.13
C GLN B 223 8.31 -49.30 -33.18
N ALA B 224 7.95 -48.01 -33.03
CA ALA B 224 8.64 -47.09 -32.11
C ALA B 224 8.75 -47.64 -30.70
N LEU B 225 7.70 -48.35 -30.26
CA LEU B 225 7.68 -49.00 -28.94
C LEU B 225 8.68 -50.14 -28.84
N SER B 226 8.73 -51.00 -29.86
CA SER B 226 9.70 -52.11 -29.90
C SER B 226 11.15 -51.63 -29.91
N GLN B 227 11.40 -50.54 -30.64
CA GLN B 227 12.72 -49.92 -30.76
C GLN B 227 13.30 -49.49 -29.41
N GLY B 228 12.47 -48.86 -28.57
CA GLY B 228 12.90 -48.39 -27.26
C GLY B 228 13.75 -47.13 -27.33
N GLY B 229 14.35 -46.76 -26.20
CA GLY B 229 15.15 -45.54 -26.08
C GLY B 229 14.26 -44.31 -25.94
N ILE B 230 14.88 -43.16 -25.66
CA ILE B 230 14.10 -41.92 -25.46
C ILE B 230 13.63 -41.28 -26.76
N PHE B 231 14.25 -41.67 -27.88
CA PHE B 231 13.80 -41.28 -29.21
C PHE B 231 14.33 -42.31 -30.21
N ASN B 232 13.58 -42.54 -31.28
CA ASN B 232 14.06 -43.33 -32.41
C ASN B 232 13.46 -42.83 -33.72
N LEU B 233 13.89 -43.43 -34.84
CA LEU B 233 13.41 -43.00 -36.15
C LEU B 233 11.90 -43.22 -36.37
N PRO B 234 11.33 -44.37 -35.94
CA PRO B 234 9.87 -44.45 -36.01
C PRO B 234 9.13 -43.42 -35.14
N THR B 235 9.77 -42.94 -34.07
CA THR B 235 9.22 -41.88 -33.21
C THR B 235 9.21 -40.53 -33.96
N LEU B 236 10.21 -40.30 -34.81
CA LEU B 236 10.20 -39.17 -35.73
C LEU B 236 9.07 -39.33 -36.74
N GLY B 237 8.76 -40.59 -37.08
CA GLY B 237 7.63 -40.93 -37.94
C GLY B 237 6.29 -40.59 -37.34
N VAL B 238 6.06 -41.00 -36.08
CA VAL B 238 4.78 -40.72 -35.40
C VAL B 238 4.59 -39.22 -35.21
N MET B 239 5.70 -38.50 -34.99
CA MET B 239 5.69 -37.05 -34.80
C MET B 239 4.99 -36.31 -35.95
N TYR B 240 5.38 -36.65 -37.19
CA TYR B 240 4.81 -36.02 -38.36
C TYR B 240 3.42 -36.58 -38.65
N VAL B 241 3.29 -37.91 -38.63
CA VAL B 241 2.04 -38.59 -38.95
C VAL B 241 0.90 -38.15 -38.02
N TYR B 242 1.13 -38.16 -36.71
CA TYR B 242 0.15 -37.69 -35.73
C TYR B 242 -0.16 -36.22 -35.94
N GLY B 243 0.89 -35.41 -36.12
CA GLY B 243 0.75 -33.97 -36.36
C GLY B 243 -0.26 -33.64 -37.45
N PHE B 244 -0.10 -34.28 -38.61
CA PHE B 244 -1.02 -34.14 -39.74
C PHE B 244 -2.40 -34.72 -39.43
N ASP B 245 -2.42 -35.87 -38.73
CA ASP B 245 -3.65 -36.49 -38.27
C ASP B 245 -4.45 -35.56 -37.36
N LEU B 246 -3.79 -34.98 -36.36
CA LEU B 246 -4.40 -33.99 -35.46
C LEU B 246 -4.99 -32.86 -36.27
N PHE B 247 -4.22 -32.28 -37.19
CA PHE B 247 -4.70 -31.18 -38.02
C PHE B 247 -5.91 -31.57 -38.85
N PHE B 248 -5.81 -32.66 -39.61
CA PHE B 248 -6.86 -33.01 -40.57
C PHE B 248 -8.18 -33.39 -39.91
N ASP B 249 -8.08 -34.10 -38.78
CA ASP B 249 -9.23 -34.53 -38.01
C ASP B 249 -9.95 -33.32 -37.42
N PHE B 250 -9.19 -32.42 -36.81
CA PHE B 250 -9.75 -31.25 -36.17
C PHE B 250 -10.22 -30.17 -37.13
N ALA B 251 -9.47 -29.94 -38.20
CA ALA B 251 -9.81 -28.94 -39.21
C ALA B 251 -11.04 -29.35 -40.01
N GLY B 252 -11.15 -30.65 -40.28
CA GLY B 252 -12.30 -31.23 -40.95
C GLY B 252 -13.55 -31.10 -40.12
N TYR B 253 -13.43 -31.43 -38.83
CA TYR B 253 -14.49 -31.21 -37.87
C TYR B 253 -14.94 -29.76 -37.89
N SER B 254 -13.98 -28.85 -37.73
CA SER B 254 -14.24 -27.41 -37.68
C SER B 254 -15.02 -26.93 -38.89
N MET B 255 -14.73 -27.50 -40.07
CA MET B 255 -15.40 -27.14 -41.31
C MET B 255 -16.84 -27.60 -41.31
N PHE B 256 -17.08 -28.82 -40.81
CA PHE B 256 -18.43 -29.34 -40.61
C PHE B 256 -19.20 -28.40 -39.67
N ALA B 257 -18.58 -28.09 -38.53
CA ALA B 257 -19.16 -27.17 -37.54
C ALA B 257 -19.60 -25.86 -38.16
N LEU B 258 -18.70 -25.24 -38.93
CA LEU B 258 -18.97 -23.99 -39.64
C LEU B 258 -20.09 -24.11 -40.68
N ALA B 259 -20.14 -25.26 -41.35
CA ALA B 259 -21.11 -25.52 -42.39
C ALA B 259 -22.54 -25.64 -41.85
N VAL B 260 -22.69 -26.38 -40.76
CA VAL B 260 -23.98 -26.59 -40.09
C VAL B 260 -24.48 -25.27 -39.50
N SER B 261 -23.57 -24.58 -38.80
CA SER B 261 -23.80 -23.22 -38.31
C SER B 261 -24.35 -22.30 -39.40
N ASN B 262 -23.76 -22.36 -40.60
CA ASN B 262 -24.19 -21.54 -41.75
C ASN B 262 -25.63 -21.81 -42.16
N LEU B 263 -26.00 -23.09 -42.18
CA LEU B 263 -27.38 -23.51 -42.46
C LEU B 263 -28.34 -23.01 -41.39
N MET B 264 -27.82 -22.85 -40.17
CA MET B 264 -28.56 -22.24 -39.05
C MET B 264 -28.48 -20.71 -39.02
N GLY B 265 -28.01 -20.12 -40.12
CA GLY B 265 -28.06 -18.67 -40.29
C GLY B 265 -26.88 -17.88 -39.74
N ILE B 266 -26.27 -18.35 -38.66
CA ILE B 266 -25.15 -17.62 -38.05
C ILE B 266 -23.80 -18.12 -38.59
N LYS B 267 -22.81 -17.24 -38.62
CA LYS B 267 -21.44 -17.62 -39.03
C LYS B 267 -20.42 -17.58 -37.88
N SER B 268 -20.21 -18.76 -37.30
CA SER B 268 -19.28 -18.98 -36.20
C SER B 268 -17.83 -18.65 -36.59
N PRO B 269 -16.96 -18.34 -35.61
CA PRO B 269 -15.56 -18.00 -35.95
C PRO B 269 -14.79 -19.19 -36.53
N ILE B 270 -13.85 -18.91 -37.43
CA ILE B 270 -13.06 -19.95 -38.09
C ILE B 270 -11.90 -20.43 -37.18
N ASN B 271 -11.46 -21.68 -37.38
CA ASN B 271 -10.44 -22.32 -36.56
C ASN B 271 -9.04 -22.43 -37.18
N PHE B 272 -8.97 -22.58 -38.50
CA PHE B 272 -7.68 -22.75 -39.18
C PHE B 272 -7.51 -21.89 -40.41
N ASP B 273 -6.28 -21.40 -40.59
CA ASP B 273 -5.91 -20.58 -41.75
C ASP B 273 -4.50 -20.93 -42.23
N LYS B 274 -4.37 -22.05 -42.95
CA LYS B 274 -3.10 -22.56 -43.47
C LYS B 274 -1.99 -22.49 -42.39
N PRO B 275 -2.11 -23.29 -41.31
CA PRO B 275 -1.18 -23.14 -40.18
C PRO B 275 0.29 -23.49 -40.46
N PHE B 276 0.54 -24.32 -41.47
CA PHE B 276 1.90 -24.83 -41.73
C PHE B 276 2.83 -23.92 -42.54
N ILE B 277 2.26 -22.99 -43.31
CA ILE B 277 3.04 -21.97 -44.00
C ILE B 277 3.47 -20.80 -43.08
N SER B 278 3.22 -20.93 -41.79
CA SER B 278 3.58 -19.88 -40.84
C SER B 278 5.09 -19.88 -40.56
N ARG B 279 5.68 -18.70 -40.70
CA ARG B 279 7.13 -18.49 -40.57
C ARG B 279 7.52 -18.29 -39.12
N ASP B 280 6.52 -18.06 -38.29
CA ASP B 280 6.68 -17.53 -36.95
C ASP B 280 5.87 -18.37 -35.99
N MET B 281 6.32 -18.47 -34.74
CA MET B 281 5.50 -19.01 -33.65
C MET B 281 4.33 -18.08 -33.35
N LYS B 282 4.63 -16.78 -33.36
CA LYS B 282 3.63 -15.71 -33.27
C LYS B 282 2.58 -15.84 -34.39
N GLU B 283 3.02 -16.14 -35.60
CA GLU B 283 2.13 -16.31 -36.74
C GLU B 283 1.33 -17.60 -36.63
N PHE B 284 1.92 -18.64 -36.04
CA PHE B 284 1.27 -19.95 -35.91
C PHE B 284 -0.02 -19.88 -35.11
N TRP B 285 0.02 -19.14 -34.01
CA TRP B 285 -1.13 -18.96 -33.14
C TRP B 285 -2.20 -18.01 -33.71
N ASN B 286 -1.89 -17.39 -34.85
CA ASN B 286 -2.88 -16.66 -35.65
C ASN B 286 -3.47 -17.53 -36.76
N ARG B 287 -3.11 -18.81 -36.75
CA ARG B 287 -3.49 -19.74 -37.82
C ARG B 287 -3.97 -21.09 -37.32
N TRP B 288 -3.58 -21.43 -36.08
CA TRP B 288 -3.92 -22.71 -35.46
C TRP B 288 -4.93 -22.57 -34.33
N HIS B 289 -5.95 -23.43 -34.36
CA HIS B 289 -7.08 -23.42 -33.41
C HIS B 289 -7.46 -22.00 -33.00
N MET B 290 -7.72 -21.18 -34.01
CA MET B 290 -7.82 -19.72 -33.86
C MET B 290 -8.85 -19.27 -32.82
N SER B 291 -10.05 -19.85 -32.86
CA SER B 291 -11.10 -19.54 -31.89
C SER B 291 -10.65 -19.73 -30.43
N LEU B 292 -9.85 -20.76 -30.17
CA LEU B 292 -9.24 -20.98 -28.85
C LEU B 292 -8.12 -19.98 -28.55
N SER B 293 -7.25 -19.78 -29.52
CA SER B 293 -6.11 -18.87 -29.38
C SER B 293 -6.56 -17.43 -29.20
N PHE B 294 -7.46 -17.00 -30.07
CA PHE B 294 -8.02 -15.65 -30.05
C PHE B 294 -8.82 -15.36 -28.76
N TRP B 295 -9.46 -16.39 -28.20
CA TRP B 295 -10.10 -16.27 -26.89
C TRP B 295 -9.02 -16.04 -25.82
N PHE B 296 -8.10 -16.99 -25.68
CA PHE B 296 -6.99 -16.91 -24.71
C PHE B 296 -6.16 -15.62 -24.81
N ARG B 297 -6.06 -15.08 -26.03
CA ARG B 297 -5.34 -13.84 -26.28
C ARG B 297 -6.05 -12.68 -25.58
N ASP B 298 -7.35 -12.55 -25.80
CA ASP B 298 -8.12 -11.43 -25.29
C ASP B 298 -8.57 -11.57 -23.84
N PHE B 299 -8.87 -12.80 -23.43
CA PHE B 299 -9.44 -13.03 -22.11
C PHE B 299 -8.44 -13.47 -21.04
N VAL B 300 -7.35 -14.12 -21.43
CA VAL B 300 -6.31 -14.53 -20.47
C VAL B 300 -5.04 -13.69 -20.60
N PHE B 301 -4.47 -13.62 -21.80
CA PHE B 301 -3.23 -12.86 -22.03
C PHE B 301 -3.42 -11.36 -21.77
N MET B 302 -4.17 -10.68 -22.64
CA MET B 302 -4.40 -9.23 -22.59
C MET B 302 -4.77 -8.74 -21.21
N ARG B 303 -5.70 -9.44 -20.57
CA ARG B 303 -6.18 -9.14 -19.21
C ARG B 303 -5.07 -9.26 -18.16
N LEU B 304 -4.21 -10.27 -18.31
CA LEU B 304 -3.10 -10.50 -17.38
C LEU B 304 -2.01 -9.44 -17.51
N VAL B 305 -1.72 -9.02 -18.74
CA VAL B 305 -0.69 -8.01 -19.00
C VAL B 305 -1.02 -6.69 -18.33
N ILE B 306 -2.29 -6.27 -18.43
CA ILE B 306 -2.78 -5.04 -17.79
C ILE B 306 -2.57 -5.07 -16.27
N VAL B 307 -2.88 -6.21 -15.64
CA VAL B 307 -2.70 -6.42 -14.19
C VAL B 307 -1.23 -6.29 -13.76
N LEU B 308 -0.33 -6.85 -14.56
CA LEU B 308 1.10 -6.78 -14.26
C LEU B 308 1.71 -5.41 -14.60
N MET B 309 0.95 -4.59 -15.33
CA MET B 309 1.35 -3.22 -15.70
C MET B 309 0.68 -2.15 -14.84
N ARG B 310 -0.55 -2.43 -14.39
CA ARG B 310 -1.26 -1.66 -13.35
C ARG B 310 -0.35 -1.67 -12.12
N ASN B 311 -0.05 -2.88 -11.64
CA ASN B 311 0.72 -3.11 -10.41
C ASN B 311 2.23 -2.96 -10.58
N LYS B 312 2.69 -2.73 -11.81
CA LYS B 312 4.12 -2.64 -12.18
C LYS B 312 5.03 -3.63 -11.41
N VAL B 313 4.64 -4.90 -11.44
CA VAL B 313 5.28 -5.96 -10.65
C VAL B 313 6.70 -6.29 -11.12
N PHE B 314 6.92 -6.34 -12.43
CA PHE B 314 8.24 -6.66 -12.99
C PHE B 314 9.00 -5.43 -13.47
N LYS B 315 10.33 -5.52 -13.40
CA LYS B 315 11.27 -4.43 -13.70
C LYS B 315 11.06 -3.77 -15.06
N ASN B 316 11.16 -4.55 -16.14
CA ASN B 316 11.11 -4.00 -17.51
C ASN B 316 9.87 -4.38 -18.32
N ARG B 317 9.75 -3.75 -19.48
CA ARG B 317 8.67 -3.94 -20.46
C ARG B 317 8.52 -5.39 -20.91
N ASN B 318 9.63 -6.09 -21.05
CA ASN B 318 9.66 -7.39 -21.73
C ASN B 318 9.42 -8.59 -20.81
N THR B 319 9.72 -8.42 -19.52
CA THR B 319 9.48 -9.49 -18.53
C THR B 319 7.99 -9.67 -18.26
N THR B 320 7.25 -8.56 -18.16
CA THR B 320 5.79 -8.60 -18.05
C THR B 320 5.16 -9.27 -19.26
N SER B 321 5.76 -9.06 -20.44
CA SER B 321 5.36 -9.73 -21.68
C SER B 321 5.70 -11.21 -21.69
N ASN B 322 6.85 -11.53 -21.10
CA ASN B 322 7.35 -12.91 -21.08
C ASN B 322 6.59 -13.77 -20.09
N VAL B 323 6.39 -13.24 -18.88
CA VAL B 323 5.62 -13.93 -17.81
C VAL B 323 4.17 -14.16 -18.25
N ALA B 324 3.56 -13.15 -18.89
CA ALA B 324 2.21 -13.27 -19.45
C ALA B 324 2.09 -14.40 -20.46
N TYR B 325 3.09 -14.52 -21.36
CA TYR B 325 3.17 -15.60 -22.35
C TYR B 325 3.22 -16.99 -21.71
N ILE B 326 4.16 -17.18 -20.78
CA ILE B 326 4.39 -18.48 -20.12
C ILE B 326 3.19 -18.91 -19.26
N ILE B 327 2.58 -17.97 -18.53
CA ILE B 327 1.36 -18.25 -17.76
C ILE B 327 0.20 -18.60 -18.70
N ASN B 328 -0.04 -17.73 -19.70
CA ASN B 328 -1.15 -17.87 -20.66
C ASN B 328 -1.14 -19.19 -21.41
N MET B 329 0.02 -19.59 -21.91
CA MET B 329 0.15 -20.84 -22.66
C MET B 329 0.11 -22.07 -21.75
N MET B 330 0.52 -21.88 -20.49
CA MET B 330 0.45 -22.93 -19.48
C MET B 330 -0.98 -23.19 -18.99
N VAL B 331 -1.75 -22.12 -18.78
CA VAL B 331 -3.18 -22.21 -18.47
C VAL B 331 -3.92 -22.97 -19.58
N MET B 332 -3.58 -22.67 -20.83
CA MET B 332 -4.06 -23.39 -22.01
C MET B 332 -3.69 -24.88 -21.98
N GLY B 333 -2.53 -25.20 -21.44
CA GLY B 333 -2.08 -26.58 -21.25
C GLY B 333 -2.94 -27.28 -20.20
N PHE B 334 -3.14 -26.60 -19.07
CA PHE B 334 -4.02 -27.07 -18.00
C PHE B 334 -5.45 -27.31 -18.50
N TRP B 335 -5.91 -26.45 -19.41
CA TRP B 335 -7.21 -26.57 -20.07
C TRP B 335 -7.36 -27.88 -20.84
N HIS B 336 -6.30 -28.30 -21.52
CA HIS B 336 -6.30 -29.58 -22.22
C HIS B 336 -6.39 -30.76 -21.25
N GLY B 337 -5.70 -30.66 -20.12
CA GLY B 337 -5.76 -31.69 -19.07
C GLY B 337 -4.63 -31.52 -18.07
N ILE B 338 -4.82 -32.09 -16.88
CA ILE B 338 -3.78 -32.03 -15.84
C ILE B 338 -2.94 -33.31 -15.89
N THR B 339 -2.28 -33.53 -17.02
CA THR B 339 -1.25 -34.57 -17.15
C THR B 339 0.05 -33.93 -17.62
N TRP B 340 1.19 -34.51 -17.22
CA TRP B 340 2.52 -33.91 -17.42
C TRP B 340 2.73 -33.37 -18.83
N TYR B 341 2.24 -34.10 -19.84
CA TYR B 341 2.51 -33.78 -21.23
C TYR B 341 1.68 -32.62 -21.78
N TYR B 342 0.46 -32.47 -21.30
CA TYR B 342 -0.34 -31.29 -21.64
C TYR B 342 0.27 -30.02 -21.04
N ILE B 343 0.75 -30.12 -19.79
CA ILE B 343 1.45 -29.02 -19.12
C ILE B 343 2.78 -28.73 -19.82
N ALA B 344 3.48 -29.81 -20.22
CA ALA B 344 4.70 -29.70 -21.02
C ALA B 344 4.42 -28.97 -22.34
N TYR B 345 3.42 -29.47 -23.08
CA TYR B 345 2.94 -28.84 -24.32
C TYR B 345 2.68 -27.34 -24.14
N GLY B 346 2.18 -26.98 -22.96
CA GLY B 346 1.95 -25.59 -22.57
C GLY B 346 3.23 -24.81 -22.44
N ILE B 347 4.10 -25.23 -21.49
CA ILE B 347 5.37 -24.53 -21.21
C ILE B 347 6.27 -24.45 -22.44
N PHE B 348 6.16 -25.46 -23.32
CA PHE B 348 6.86 -25.52 -24.62
C PHE B 348 6.58 -24.26 -25.44
N HIS B 349 5.34 -24.07 -25.88
CA HIS B 349 4.91 -22.87 -26.62
C HIS B 349 5.09 -21.57 -25.82
N GLY B 350 5.17 -21.71 -24.50
CA GLY B 350 5.49 -20.59 -23.61
C GLY B 350 6.87 -20.07 -23.93
N ILE B 351 7.88 -20.85 -23.56
CA ILE B 351 9.29 -20.51 -23.83
C ILE B 351 9.57 -20.39 -25.33
N GLY B 352 8.74 -21.06 -26.13
CA GLY B 352 8.75 -20.96 -27.58
C GLY B 352 8.43 -19.56 -28.06
N LEU B 353 7.41 -18.94 -27.47
CA LEU B 353 7.01 -17.58 -27.84
C LEU B 353 7.94 -16.50 -27.31
N VAL B 354 8.53 -16.72 -26.14
CA VAL B 354 9.47 -15.74 -25.57
C VAL B 354 10.76 -15.71 -26.40
N ILE B 355 11.24 -16.90 -26.79
CA ILE B 355 12.39 -17.07 -27.68
C ILE B 355 12.12 -16.37 -29.02
N ASN B 356 10.93 -16.64 -29.55
CA ASN B 356 10.47 -16.04 -30.80
C ASN B 356 10.43 -14.52 -30.73
N ASP B 357 9.89 -13.98 -29.64
CA ASP B 357 9.75 -12.54 -29.47
C ASP B 357 11.10 -11.88 -29.27
N ALA B 358 11.97 -12.52 -28.48
CA ALA B 358 13.34 -12.06 -28.20
C ALA B 358 14.17 -11.95 -29.47
N TRP B 359 13.93 -12.87 -30.41
CA TRP B 359 14.58 -12.85 -31.70
C TRP B 359 14.15 -11.64 -32.56
N LEU B 360 12.85 -11.36 -32.60
CA LEU B 360 12.32 -10.19 -33.34
C LEU B 360 12.87 -8.88 -32.82
N ARG B 361 12.99 -8.76 -31.50
CA ARG B 361 13.65 -7.63 -30.83
C ARG B 361 15.13 -7.55 -31.16
N LYS B 362 15.83 -8.70 -31.16
CA LYS B 362 17.25 -8.76 -31.50
C LYS B 362 17.53 -8.44 -32.97
N LYS B 363 16.66 -8.91 -33.87
CA LYS B 363 16.79 -8.66 -35.31
C LYS B 363 16.68 -7.16 -35.65
N LYS B 364 15.80 -6.45 -34.95
CA LYS B 364 15.63 -5.01 -35.14
C LYS B 364 16.82 -4.18 -34.65
N THR B 365 17.45 -4.62 -33.55
CA THR B 365 18.63 -3.95 -32.99
C THR B 365 19.93 -4.32 -33.71
N ILE B 366 19.97 -5.51 -34.32
CA ILE B 366 21.10 -5.90 -35.18
C ILE B 366 21.06 -5.10 -36.50
N ASN B 367 19.85 -4.85 -37.01
CA ASN B 367 19.64 -4.01 -38.20
C ASN B 367 20.02 -2.54 -37.98
N LYS B 368 19.74 -2.01 -36.79
CA LYS B 368 20.18 -0.66 -36.40
C LYS B 368 21.69 -0.59 -36.16
N ASP B 369 22.26 -1.68 -35.64
CA ASP B 369 23.72 -1.85 -35.46
C ASP B 369 24.49 -1.83 -36.78
N ARG B 370 23.86 -2.40 -37.80
CA ARG B 370 24.42 -2.49 -39.15
C ARG B 370 24.28 -1.16 -39.90
N LYS B 371 23.09 -0.56 -39.85
CA LYS B 371 22.78 0.69 -40.56
C LYS B 371 23.64 1.88 -40.11
N LYS B 372 23.92 1.94 -38.81
CA LYS B 372 24.76 2.99 -38.22
C LYS B 372 26.26 2.72 -38.40
N ALA B 373 26.63 1.44 -38.55
CA ALA B 373 28.02 1.04 -38.82
C ALA B 373 28.35 0.96 -40.32
N GLY B 374 27.42 1.44 -41.16
CA GLY B 374 27.61 1.51 -42.61
C GLY B 374 26.92 0.44 -43.43
N LEU B 375 26.91 -0.80 -42.91
CA LEU B 375 26.39 -1.99 -43.59
C LEU B 375 24.90 -1.93 -43.94
N LYS B 376 24.53 -2.68 -44.99
CA LYS B 376 23.16 -2.85 -45.47
C LYS B 376 22.36 -3.75 -44.49
N PRO B 377 21.02 -3.56 -44.39
CA PRO B 377 20.16 -4.44 -43.57
C PRO B 377 20.35 -5.93 -43.80
N LEU B 378 20.27 -6.72 -42.72
CA LEU B 378 20.39 -8.21 -42.76
C LEU B 378 19.42 -8.80 -43.81
N PRO B 379 19.91 -9.75 -44.64
CA PRO B 379 19.15 -10.17 -45.82
C PRO B 379 17.84 -10.89 -45.51
N GLU B 380 16.79 -10.48 -46.22
CA GLU B 380 15.47 -11.07 -46.11
C GLU B 380 14.95 -11.43 -47.51
N ASN B 381 14.92 -12.74 -47.77
CA ASN B 381 14.64 -13.28 -49.10
C ASN B 381 13.94 -14.63 -49.01
N LYS B 382 13.77 -15.30 -50.16
CA LYS B 382 13.03 -16.55 -50.25
C LYS B 382 13.59 -17.70 -49.39
N TRP B 383 14.90 -17.67 -49.11
CA TRP B 383 15.55 -18.72 -48.33
C TRP B 383 15.56 -18.48 -46.84
N THR B 384 15.67 -17.22 -46.42
CA THR B 384 15.50 -16.86 -45.01
C THR B 384 14.05 -17.14 -44.59
N LYS B 385 13.11 -16.76 -45.46
CA LYS B 385 11.68 -17.03 -45.28
C LYS B 385 11.39 -18.52 -45.12
N ALA B 386 11.91 -19.33 -46.04
CA ALA B 386 11.76 -20.78 -46.02
C ALA B 386 12.39 -21.39 -44.77
N LEU B 387 13.58 -20.90 -44.39
CA LEU B 387 14.27 -21.37 -43.18
C LEU B 387 13.37 -21.19 -41.96
N GLY B 388 12.82 -19.96 -41.84
CA GLY B 388 11.84 -19.63 -40.80
C GLY B 388 10.69 -20.62 -40.76
N ILE B 389 10.04 -20.81 -41.91
CA ILE B 389 8.98 -21.82 -42.07
C ILE B 389 9.45 -23.21 -41.62
N PHE B 390 10.65 -23.62 -42.04
CA PHE B 390 11.20 -24.92 -41.68
C PHE B 390 11.40 -25.10 -40.16
N ILE B 391 12.01 -24.09 -39.52
CA ILE B 391 12.22 -24.13 -38.07
C ILE B 391 10.86 -24.20 -37.34
N THR B 392 9.93 -23.33 -37.72
CA THR B 392 8.60 -23.24 -37.11
C THR B 392 7.87 -24.58 -37.21
N PHE B 393 7.77 -25.10 -38.44
CA PHE B 393 7.12 -26.36 -38.75
C PHE B 393 7.55 -27.51 -37.83
N ASN B 394 8.85 -27.60 -37.54
CA ASN B 394 9.38 -28.68 -36.73
C ASN B 394 9.22 -28.46 -35.23
N THR B 395 9.24 -27.20 -34.81
CA THR B 395 8.94 -26.83 -33.43
C THR B 395 7.49 -27.22 -33.12
N VAL B 396 6.59 -26.79 -34.01
CA VAL B 396 5.18 -27.10 -33.95
C VAL B 396 4.91 -28.61 -33.94
N MET B 397 5.59 -29.36 -34.81
CA MET B 397 5.39 -30.80 -34.94
C MET B 397 5.88 -31.58 -33.72
N LEU B 398 6.99 -31.12 -33.13
CA LEU B 398 7.56 -31.74 -31.93
C LEU B 398 6.60 -31.56 -30.75
N SER B 399 5.98 -30.38 -30.68
CA SER B 399 5.00 -30.08 -29.64
C SER B 399 3.79 -31.02 -29.70
N PHE B 400 3.34 -31.34 -30.92
CA PHE B 400 2.24 -32.28 -31.13
C PHE B 400 2.59 -33.72 -30.73
N LEU B 401 3.88 -34.06 -30.76
CA LEU B 401 4.35 -35.35 -30.26
C LEU B 401 4.20 -35.40 -28.74
N ILE B 402 4.57 -34.31 -28.08
CA ILE B 402 4.41 -34.17 -26.64
C ILE B 402 2.92 -34.24 -26.31
N PHE B 403 2.13 -33.43 -27.04
CA PHE B 403 0.67 -33.33 -26.93
C PHE B 403 -0.07 -34.65 -27.08
N SER B 404 0.40 -35.50 -28.00
CA SER B 404 -0.21 -36.81 -28.30
C SER B 404 -0.20 -37.76 -27.13
N GLY B 405 0.67 -37.48 -26.15
CA GLY B 405 0.90 -38.34 -25.01
C GLY B 405 1.56 -39.66 -25.36
N PHE B 406 2.11 -39.77 -26.57
CA PHE B 406 2.82 -40.98 -26.98
C PHE B 406 4.13 -41.12 -26.22
N LEU B 407 4.78 -39.99 -25.90
CA LEU B 407 6.04 -40.02 -25.14
C LEU B 407 5.88 -40.62 -23.74
N ASN B 408 4.63 -40.66 -23.25
CA ASN B 408 4.29 -41.38 -22.04
C ASN B 408 4.42 -42.91 -22.22
N ASP B 409 3.97 -43.41 -23.38
CA ASP B 409 4.14 -44.82 -23.76
C ASP B 409 5.60 -45.20 -23.93
N LEU B 410 6.37 -44.33 -24.58
CA LEU B 410 7.75 -44.63 -24.94
C LEU B 410 8.70 -44.54 -23.75
N TRP B 411 8.51 -43.55 -22.90
CA TRP B 411 9.42 -43.35 -21.77
C TRP B 411 8.99 -44.11 -20.51
N PHE B 412 7.69 -44.11 -20.21
CA PHE B 412 7.22 -44.44 -18.87
C PHE B 412 6.39 -45.72 -18.67
N THR B 413 6.12 -46.48 -19.74
CA THR B 413 5.36 -47.74 -19.64
C THR B 413 5.91 -48.73 -18.58
N LYS B 414 7.23 -48.95 -18.62
CA LYS B 414 7.98 -49.76 -17.63
C LYS B 414 7.41 -51.17 -17.37
N MET C 4 -35.72 4.90 27.42
CA MET C 4 -35.39 4.72 25.97
C MET C 4 -34.12 3.89 25.74
N ASP C 5 -34.03 3.34 24.54
CA ASP C 5 -32.84 2.65 24.02
C ASP C 5 -31.71 3.65 23.72
N VAL C 6 -30.50 3.32 24.17
CA VAL C 6 -29.31 4.14 23.96
C VAL C 6 -28.86 4.17 22.49
N LYS C 7 -28.86 3.00 21.86
CA LYS C 7 -28.48 2.84 20.44
C LYS C 7 -29.43 3.55 19.48
N ALA C 8 -30.73 3.53 19.80
CA ALA C 8 -31.77 4.15 18.97
C ALA C 8 -31.72 5.67 18.98
N GLU C 9 -31.36 6.25 20.13
CA GLU C 9 -31.30 7.71 20.30
C GLU C 9 -30.04 8.36 19.70
N VAL C 10 -28.91 7.66 19.79
CA VAL C 10 -27.65 8.07 19.13
C VAL C 10 -27.81 8.07 17.60
N ILE C 11 -28.46 7.02 17.09
CA ILE C 11 -28.82 6.91 15.66
C ILE C 11 -29.76 8.04 15.21
N GLU C 12 -30.65 8.47 16.10
CA GLU C 12 -31.61 9.52 15.79
C GLU C 12 -31.16 10.95 16.12
N ILE C 13 -30.06 11.10 16.85
CA ILE C 13 -29.45 12.43 17.08
C ILE C 13 -28.45 12.81 15.98
N ILE C 14 -27.82 11.79 15.37
CA ILE C 14 -26.82 11.98 14.31
C ILE C 14 -27.41 12.57 13.02
N ASP C 15 -28.64 12.17 12.67
CA ASP C 15 -29.32 12.71 11.49
C ASP C 15 -30.26 13.90 11.78
N GLU C 16 -30.15 14.45 12.99
CA GLU C 16 -30.87 15.68 13.35
C GLU C 16 -30.03 16.93 13.04
N LEU C 17 -28.76 16.90 13.43
CA LEU C 17 -27.85 18.03 13.26
C LEU C 17 -27.09 17.98 11.93
N PHE C 18 -26.85 16.78 11.42
CA PHE C 18 -26.08 16.56 10.18
C PHE C 18 -26.93 16.09 9.00
N MET C 19 -28.05 15.43 9.32
CA MET C 19 -29.01 14.89 8.34
C MET C 19 -28.45 13.81 7.40
N GLU C 20 -28.00 12.70 8.00
CA GLU C 20 -27.69 11.46 7.29
C GLU C 20 -27.72 10.26 8.25
N ASP C 21 -28.65 9.34 7.97
CA ASP C 21 -28.79 8.07 8.69
C ASP C 21 -27.59 7.14 8.44
N VAL C 22 -27.02 6.61 9.53
CA VAL C 22 -25.95 5.60 9.48
C VAL C 22 -26.21 4.42 10.45
N SER C 23 -27.44 3.90 10.40
CA SER C 23 -27.87 2.79 11.24
C SER C 23 -27.41 1.43 10.75
N ASP C 24 -27.54 1.18 9.44
CA ASP C 24 -27.15 -0.11 8.83
C ASP C 24 -25.63 -0.23 8.58
N MET C 25 -25.03 0.83 8.03
CA MET C 25 -23.58 0.89 7.81
C MET C 25 -22.96 1.75 8.93
N MET C 26 -22.74 1.10 10.06
CA MET C 26 -22.54 1.74 11.38
C MET C 26 -21.10 1.82 11.89
N ASP C 27 -20.25 0.88 11.47
CA ASP C 27 -18.83 0.85 11.89
C ASP C 27 -17.90 1.77 11.06
N GLU C 28 -18.52 2.70 10.34
CA GLU C 28 -17.81 3.70 9.53
C GLU C 28 -17.11 4.71 10.43
N ASP C 29 -15.92 5.15 10.01
CA ASP C 29 -15.19 6.24 10.66
C ASP C 29 -15.87 7.55 10.26
N LEU C 30 -16.49 8.21 11.25
CA LEU C 30 -17.32 9.41 11.05
C LEU C 30 -16.57 10.65 10.53
N PHE C 31 -15.28 10.74 10.86
CA PHE C 31 -14.39 11.79 10.34
C PHE C 31 -14.12 11.61 8.84
N ASP C 32 -13.84 10.37 8.45
CA ASP C 32 -13.53 9.99 7.07
C ASP C 32 -14.76 9.91 6.18
N ALA C 33 -15.90 9.49 6.75
CA ALA C 33 -17.16 9.36 6.01
C ALA C 33 -17.82 10.70 5.65
N GLY C 34 -17.27 11.80 6.16
CA GLY C 34 -17.75 13.15 5.87
C GLY C 34 -19.01 13.55 6.61
N VAL C 35 -19.18 13.00 7.82
CA VAL C 35 -20.34 13.26 8.67
C VAL C 35 -20.09 14.46 9.60
N LEU C 36 -18.88 14.49 10.19
CA LEU C 36 -18.51 15.46 11.22
C LEU C 36 -17.38 16.38 10.77
N ASP C 37 -17.54 17.68 11.05
CA ASP C 37 -16.48 18.67 10.80
C ASP C 37 -15.44 18.63 11.92
N MET C 39 -15.37 21.28 13.69
CA MET C 39 -16.27 21.94 14.61
C MET C 39 -17.51 21.09 14.91
N GLY C 40 -17.83 20.18 13.98
CA GLY C 40 -19.02 19.32 14.06
C GLY C 40 -19.05 18.34 15.21
N THR C 41 -17.87 17.91 15.67
CA THR C 41 -17.74 17.01 16.82
C THR C 41 -18.15 17.72 18.11
N VAL C 42 -17.73 18.97 18.26
CA VAL C 42 -18.10 19.85 19.39
C VAL C 42 -19.62 20.04 19.47
N GLU C 43 -20.26 20.21 18.31
CA GLU C 43 -21.71 20.36 18.19
C GLU C 43 -22.48 19.09 18.59
N LEU C 44 -21.89 17.93 18.31
CA LEU C 44 -22.46 16.64 18.70
C LEU C 44 -22.35 16.39 20.20
N ILE C 45 -21.17 16.70 20.76
CA ILE C 45 -20.88 16.58 22.20
C ILE C 45 -21.90 17.36 23.05
N VAL C 46 -22.19 18.60 22.64
CA VAL C 46 -23.16 19.47 23.32
C VAL C 46 -24.57 18.85 23.37
N GLU C 47 -25.03 18.34 22.23
CA GLU C 47 -26.35 17.68 22.15
C GLU C 47 -26.38 16.27 22.78
N LEU C 48 -25.22 15.64 22.88
CA LEU C 48 -25.08 14.34 23.55
C LEU C 48 -25.15 14.52 25.08
N GLU C 49 -24.73 15.68 25.57
CA GLU C 49 -24.84 16.06 26.97
C GLU C 49 -26.27 16.44 27.36
N SER C 50 -26.92 17.21 26.50
CA SER C 50 -28.30 17.69 26.71
C SER C 50 -29.35 16.58 26.70
N ARG C 51 -29.08 15.53 25.93
CA ARG C 51 -30.02 14.41 25.76
C ARG C 51 -29.86 13.34 26.84
N PHE C 52 -28.62 12.99 27.13
CA PHE C 52 -28.31 11.81 27.97
C PHE C 52 -28.00 12.12 29.43
N ASP C 53 -27.90 13.40 29.77
CA ASP C 53 -27.55 13.89 31.13
C ASP C 53 -26.16 13.44 31.62
N ILE C 54 -25.26 13.20 30.66
CA ILE C 54 -23.86 12.81 30.93
C ILE C 54 -22.93 13.92 30.48
N ARG C 55 -21.88 14.18 31.25
CA ARG C 55 -20.82 15.10 30.89
C ARG C 55 -19.65 14.31 30.27
N VAL C 56 -19.31 14.66 29.02
CA VAL C 56 -18.36 13.90 28.19
C VAL C 56 -16.91 14.39 28.37
N PRO C 57 -15.98 13.46 28.71
CA PRO C 57 -14.56 13.84 28.85
C PRO C 57 -13.90 14.05 27.49
N VAL C 58 -13.59 15.31 27.19
CA VAL C 58 -12.99 15.69 25.90
C VAL C 58 -11.47 15.92 25.99
N SER C 59 -10.97 16.02 27.22
CA SER C 59 -9.54 16.16 27.47
C SER C 59 -8.83 14.81 27.56
N GLU C 60 -9.61 13.73 27.54
CA GLU C 60 -9.09 12.35 27.47
C GLU C 60 -9.41 11.71 26.12
N PHE C 61 -10.31 12.36 25.38
CA PHE C 61 -10.71 12.02 24.00
C PHE C 61 -9.50 11.86 23.08
N GLY C 62 -9.16 10.61 22.77
CA GLY C 62 -8.14 10.29 21.76
C GLY C 62 -8.77 10.23 20.37
N ARG C 63 -7.93 10.11 19.34
CA ARG C 63 -8.42 10.06 17.95
C ARG C 63 -9.08 8.73 17.60
N ASP C 64 -8.54 7.64 18.14
CA ASP C 64 -9.06 6.28 17.91
C ASP C 64 -10.14 5.86 18.93
N ASP C 65 -10.44 6.73 19.88
CA ASP C 65 -11.38 6.43 20.98
C ASP C 65 -12.85 6.41 20.55
N TRP C 66 -13.39 7.58 20.24
CA TRP C 66 -14.83 7.74 19.93
C TRP C 66 -15.04 8.22 18.49
N ASN C 67 -14.56 7.42 17.54
CA ASN C 67 -14.63 7.76 16.11
C ASN C 67 -15.79 7.08 15.37
N THR C 68 -16.04 5.81 15.70
CA THR C 68 -17.14 5.04 15.11
C THR C 68 -18.40 5.09 15.99
N ALA C 69 -19.57 5.03 15.34
CA ALA C 69 -20.88 5.14 16.00
C ALA C 69 -21.13 4.09 17.09
N ASN C 70 -20.60 2.88 16.89
CA ASN C 70 -20.70 1.78 17.84
C ASN C 70 -19.88 2.03 19.11
N LYS C 71 -18.74 2.69 18.96
CA LYS C 71 -17.89 3.11 20.09
C LYS C 71 -18.47 4.34 20.81
N ILE C 72 -19.34 5.07 20.13
CA ILE C 72 -20.08 6.20 20.72
C ILE C 72 -21.27 5.68 21.55
N VAL C 73 -22.01 4.71 21.00
CA VAL C 73 -23.13 4.05 21.70
C VAL C 73 -22.64 3.33 22.96
N GLU C 74 -21.62 2.49 22.80
CA GLU C 74 -21.05 1.68 23.89
C GLU C 74 -20.35 2.52 24.97
N GLY C 75 -19.79 3.66 24.56
CA GLY C 75 -19.14 4.60 25.46
C GLY C 75 -20.10 5.43 26.31
N VAL C 76 -21.29 5.71 25.76
CA VAL C 76 -22.34 6.46 26.46
C VAL C 76 -22.97 5.62 27.59
N THR C 77 -23.18 4.33 27.34
CA THR C 77 -23.73 3.38 28.32
C THR C 77 -22.81 3.20 29.54
N GLU C 78 -21.49 3.12 29.28
CA GLU C 78 -20.46 3.01 30.32
C GLU C 78 -20.41 4.23 31.24
N LEU C 79 -20.64 5.40 30.65
CA LEU C 79 -20.67 6.68 31.38
C LEU C 79 -22.03 6.98 32.03
N ARG C 80 -23.06 6.22 31.64
CA ARG C 80 -24.42 6.41 32.15
C ARG C 80 -24.63 5.85 33.56
N ASN C 81 -23.90 4.78 33.88
CA ASN C 81 -24.01 4.10 35.19
C ASN C 81 -22.67 3.90 35.91
N ALA C 82 -21.65 3.44 35.16
CA ALA C 82 -20.33 3.12 35.72
C ALA C 82 -19.33 4.27 35.55
N MET D 1 22.54 28.93 54.48
CA MET D 1 21.84 27.79 53.83
C MET D 1 21.73 27.97 52.31
N ILE D 2 21.50 29.21 51.89
CA ILE D 2 21.54 29.60 50.47
C ILE D 2 22.99 29.51 49.95
N ASP D 3 23.93 30.05 50.71
CA ASP D 3 25.38 29.93 50.42
C ASP D 3 25.90 28.50 50.33
N PHE D 4 25.26 27.57 51.05
CA PHE D 4 25.55 26.14 50.95
C PHE D 4 25.18 25.59 49.58
N LEU D 5 23.97 25.91 49.12
CA LEU D 5 23.46 25.46 47.82
C LEU D 5 24.27 26.03 46.66
N LYS D 6 24.81 27.24 46.86
CA LYS D 6 25.65 27.90 45.87
C LYS D 6 27.05 27.29 45.78
N GLN D 7 27.54 26.79 46.92
CA GLN D 7 28.82 26.07 47.05
C GLN D 7 28.75 24.68 46.38
N LEU D 8 27.55 24.09 46.38
CA LEU D 8 27.25 22.78 45.82
C LEU D 8 27.59 22.68 44.32
N PRO D 9 28.11 21.52 43.87
CA PRO D 9 28.49 21.31 42.45
C PRO D 9 27.32 21.48 41.48
N HIS D 10 27.61 21.89 40.24
CA HIS D 10 26.59 22.25 39.26
C HIS D 10 26.82 21.59 37.91
N LEU D 11 25.77 20.97 37.38
CA LEU D 11 25.80 20.44 36.01
C LEU D 11 24.52 20.80 35.27
N GLU D 12 24.63 21.72 34.31
CA GLU D 12 23.54 22.10 33.42
C GLU D 12 23.09 20.88 32.59
N PRO D 13 21.76 20.59 32.57
CA PRO D 13 21.27 19.38 31.89
C PRO D 13 21.53 19.39 30.39
N TYR D 14 22.20 18.33 29.91
CA TYR D 14 22.68 18.20 28.52
C TYR D 14 23.50 19.41 28.07
N GLY D 15 24.35 19.92 28.96
CA GLY D 15 25.17 21.11 28.71
C GLY D 15 26.36 20.84 27.82
N ASN D 16 26.90 19.62 27.90
CA ASN D 16 28.02 19.17 27.08
C ASN D 16 27.92 17.66 26.81
N PRO D 17 28.74 17.12 25.87
CA PRO D 17 28.77 15.66 25.65
C PRO D 17 29.16 14.84 26.88
N PHE D 18 30.08 15.38 27.68
CA PHE D 18 30.71 14.68 28.82
C PHE D 18 29.72 14.48 30.00
N TYR D 19 28.61 15.21 29.96
CA TYR D 19 27.46 15.07 30.86
C TYR D 19 26.84 13.67 30.77
N PHE D 20 26.73 13.15 29.54
CA PHE D 20 26.13 11.83 29.27
C PHE D 20 26.93 10.66 29.83
N ILE D 21 28.21 10.87 30.12
CA ILE D 21 29.05 9.88 30.80
C ILE D 21 28.51 9.66 32.21
N TYR D 22 28.24 10.76 32.94
CA TYR D 22 27.65 10.71 34.28
C TYR D 22 26.30 10.01 34.27
N LEU D 23 25.36 10.59 33.52
CA LEU D 23 24.00 10.10 33.41
C LEU D 23 23.91 8.67 32.86
N GLY D 24 24.84 8.33 31.96
CA GLY D 24 24.94 6.99 31.40
C GLY D 24 25.30 5.96 32.44
N ILE D 25 26.37 6.23 33.20
CA ILE D 25 26.79 5.38 34.31
C ILE D 25 25.67 5.26 35.35
N ALA D 26 25.09 6.40 35.71
CA ALA D 26 24.02 6.49 36.71
C ALA D 26 22.75 5.70 36.38
N LEU D 27 22.29 5.77 35.13
CA LEU D 27 21.06 5.10 34.73
C LEU D 27 21.24 3.63 34.37
N LEU D 28 22.50 3.22 34.19
CA LEU D 28 22.83 1.85 33.76
C LEU D 28 22.19 0.74 34.59
N PRO D 29 22.19 0.85 35.96
CA PRO D 29 21.43 -0.10 36.78
C PRO D 29 19.92 -0.13 36.49
N ILE D 30 19.30 1.03 36.32
CA ILE D 30 17.86 1.14 36.00
C ILE D 30 17.53 0.35 34.73
N PHE D 31 18.29 0.63 33.66
CA PHE D 31 18.09 -0.01 32.36
C PHE D 31 18.30 -1.54 32.38
N ILE D 32 19.42 -1.98 32.96
CA ILE D 32 19.69 -3.42 33.16
C ILE D 32 18.55 -4.07 33.99
N GLY D 33 18.09 -3.36 35.01
CA GLY D 33 16.97 -3.78 35.85
C GLY D 33 15.68 -4.08 35.10
N LEU D 34 15.32 -3.20 34.17
CA LEU D 34 14.09 -3.34 33.37
C LEU D 34 14.04 -4.61 32.50
N PHE D 35 15.21 -5.17 32.18
CA PHE D 35 15.29 -6.45 31.44
C PHE D 35 14.81 -7.63 32.27
N PHE D 36 14.83 -7.47 33.59
CA PHE D 36 14.34 -8.46 34.53
C PHE D 36 13.04 -7.99 35.18
N LYS D 37 12.35 -7.09 34.48
CA LYS D 37 11.01 -6.55 34.83
C LYS D 37 10.89 -5.96 36.24
N LYS D 38 12.00 -5.40 36.73
CA LYS D 38 12.06 -4.80 38.08
C LYS D 38 12.58 -3.35 38.04
N ARG D 39 12.03 -2.52 38.93
CA ARG D 39 12.49 -1.13 39.10
C ARG D 39 13.05 -0.95 40.50
N PHE D 40 14.06 -0.09 40.63
CA PHE D 40 14.60 0.25 41.95
C PHE D 40 14.05 1.59 42.40
N ALA D 41 12.84 1.54 42.95
CA ALA D 41 12.05 2.71 43.36
C ALA D 41 12.84 3.79 44.10
N ILE D 42 13.57 3.37 45.13
CA ILE D 42 14.40 4.29 45.94
C ILE D 42 15.54 4.90 45.12
N TYR D 43 16.30 4.04 44.43
CA TYR D 43 17.45 4.47 43.61
C TYR D 43 17.06 5.40 42.46
N GLU D 44 15.89 5.16 41.88
CA GLU D 44 15.35 5.99 40.82
C GLU D 44 15.06 7.42 41.30
N CYS D 45 14.52 7.57 42.51
CA CYS D 45 14.29 8.92 43.07
C CYS D 45 15.59 9.60 43.48
N LEU D 46 16.54 8.83 44.00
CA LEU D 46 17.85 9.38 44.41
C LEU D 46 18.61 9.97 43.23
N VAL D 47 18.77 9.16 42.18
CA VAL D 47 19.42 9.60 40.94
C VAL D 47 18.66 10.75 40.25
N SER D 48 17.33 10.76 40.36
CA SER D 48 16.49 11.86 39.88
C SER D 48 16.74 13.15 40.66
N ILE D 49 16.68 13.07 41.99
CA ILE D 49 16.92 14.23 42.87
C ILE D 49 18.32 14.81 42.68
N THR D 50 19.33 13.95 42.50
CA THR D 50 20.71 14.41 42.29
C THR D 50 20.80 15.30 41.05
N PHE D 51 20.33 14.77 39.91
CA PHE D 51 20.38 15.49 38.64
C PHE D 51 19.49 16.73 38.57
N ILE D 52 18.31 16.68 39.19
CA ILE D 52 17.45 17.86 39.35
C ILE D 52 18.16 18.93 40.19
N VAL D 53 18.78 18.52 41.29
CA VAL D 53 19.52 19.43 42.18
C VAL D 53 20.72 20.02 41.44
N LEU D 54 21.51 19.17 40.79
CA LEU D 54 22.67 19.60 39.99
C LEU D 54 22.30 20.56 38.84
N ALA D 55 21.09 20.38 38.30
CA ALA D 55 20.54 21.27 37.26
C ALA D 55 20.14 22.63 37.83
N LEU D 56 19.90 22.67 39.14
CA LEU D 56 19.40 23.87 39.83
C LEU D 56 20.42 24.57 40.73
N THR D 57 21.59 23.97 40.89
CA THR D 57 22.63 24.50 41.79
C THR D 57 23.52 25.55 41.14
N GLY D 58 22.91 26.45 40.38
CA GLY D 58 23.66 27.51 39.69
C GLY D 58 24.12 28.65 40.59
N THR D 59 24.28 29.81 39.99
CA THR D 59 24.59 31.04 40.71
C THR D 59 23.34 31.56 41.42
N HIS D 60 22.17 31.28 40.84
CA HIS D 60 20.90 31.33 41.59
C HIS D 60 20.45 29.91 42.01
N ALA D 61 21.20 29.34 42.95
CA ALA D 61 20.92 28.03 43.53
C ALA D 61 19.79 28.06 44.57
N SER D 62 19.47 29.26 45.05
CA SER D 62 18.37 29.52 45.98
C SER D 62 17.01 28.99 45.49
N GLN D 63 16.90 28.81 44.19
CA GLN D 63 15.69 28.27 43.55
C GLN D 63 15.27 26.87 44.04
N ILE D 64 16.22 26.12 44.60
CA ILE D 64 15.93 24.78 45.15
C ILE D 64 14.84 24.87 46.22
N LEU D 65 14.91 25.91 47.05
CA LEU D 65 13.90 26.23 48.05
C LEU D 65 12.57 26.56 47.40
N ALA D 66 12.61 27.32 46.30
CA ALA D 66 11.41 27.61 45.51
C ALA D 66 10.77 26.33 44.96
N LEU D 67 11.60 25.35 44.57
CA LEU D 67 11.11 24.04 44.15
C LEU D 67 10.51 23.28 45.33
N LEU D 68 11.22 23.27 46.47
CA LEU D 68 10.73 22.65 47.70
C LEU D 68 9.39 23.22 48.16
N PHE D 69 9.25 24.55 48.10
CA PHE D 69 7.97 25.21 48.35
C PHE D 69 6.91 24.69 47.37
N TYR D 70 7.28 24.65 46.09
CA TYR D 70 6.38 24.24 45.00
C TYR D 70 5.81 22.83 45.21
N ILE D 71 6.66 21.86 45.55
CA ILE D 71 6.21 20.46 45.78
C ILE D 71 5.19 20.38 46.93
N VAL D 72 5.48 21.08 48.02
CA VAL D 72 4.59 21.16 49.19
C VAL D 72 3.25 21.79 48.80
N TRP D 73 3.32 22.96 48.16
CA TRP D 73 2.14 23.70 47.70
C TRP D 73 1.26 22.87 46.75
N GLN D 74 1.89 22.13 45.84
CA GLN D 74 1.16 21.27 44.90
C GLN D 74 0.51 20.05 45.58
N ILE D 75 1.24 19.40 46.49
CA ILE D 75 0.69 18.27 47.27
C ILE D 75 -0.60 18.69 47.99
N ILE D 76 -0.54 19.84 48.68
CA ILE D 76 -1.71 20.44 49.36
C ILE D 76 -2.92 20.52 48.43
N TRP D 77 -2.79 21.24 47.31
CA TRP D 77 -3.95 21.53 46.46
C TRP D 77 -4.37 20.41 45.51
N VAL D 78 -3.46 19.50 45.19
CA VAL D 78 -3.81 18.29 44.43
C VAL D 78 -4.62 17.36 45.32
N TYR D 79 -4.10 17.11 46.53
CA TYR D 79 -4.83 16.29 47.50
C TYR D 79 -6.12 16.93 48.00
N SER D 80 -6.13 18.25 48.16
CA SER D 80 -7.34 19.01 48.49
C SER D 80 -8.46 18.72 47.49
N TYR D 81 -8.14 18.74 46.20
CA TYR D 81 -9.11 18.42 45.17
C TYR D 81 -9.47 16.94 45.14
N LYS D 82 -8.47 16.08 45.38
CA LYS D 82 -8.68 14.63 45.38
C LYS D 82 -9.71 14.23 46.44
N ARG D 83 -9.50 14.75 47.65
CA ARG D 83 -10.39 14.58 48.81
C ARG D 83 -11.80 15.08 48.50
N TYR D 84 -11.90 16.27 47.90
CA TYR D 84 -13.16 16.88 47.54
C TYR D 84 -13.93 16.10 46.47
N ARG D 85 -13.21 15.67 45.43
CA ARG D 85 -13.81 15.08 44.22
C ARG D 85 -14.50 13.73 44.47
N SER D 86 -14.11 13.06 45.57
CA SER D 86 -14.74 11.81 46.01
C SER D 86 -16.25 11.96 46.23
N GLN D 87 -16.63 13.04 46.93
CA GLN D 87 -18.02 13.27 47.34
C GLN D 87 -18.74 14.18 46.36
N ARG D 88 -18.40 15.47 46.37
CA ARG D 88 -19.05 16.46 45.51
C ARG D 88 -18.24 16.73 44.22
N ASP D 89 -18.88 17.39 43.25
CA ASP D 89 -18.21 17.91 42.05
C ASP D 89 -18.85 19.21 41.55
N ASN D 90 -18.18 20.32 41.78
CA ASN D 90 -18.69 21.65 41.46
C ASN D 90 -17.75 22.34 40.48
N LYS D 91 -18.31 23.23 39.66
CA LYS D 91 -17.57 24.05 38.70
C LYS D 91 -16.50 24.90 39.37
N TRP D 92 -16.94 25.78 40.25
CA TRP D 92 -16.10 26.83 40.83
C TRP D 92 -15.01 26.30 41.78
N VAL D 93 -15.30 25.18 42.44
CA VAL D 93 -14.32 24.47 43.28
C VAL D 93 -13.14 24.04 42.42
N PHE D 94 -13.47 23.42 41.28
CA PHE D 94 -12.51 23.01 40.27
C PHE D 94 -11.73 24.22 39.71
N TYR D 95 -12.43 25.33 39.48
CA TYR D 95 -11.78 26.56 39.04
C TYR D 95 -10.80 27.12 40.07
N LEU D 96 -11.21 27.08 41.33
CA LEU D 96 -10.36 27.52 42.45
C LEU D 96 -9.08 26.69 42.56
N HIS D 97 -9.23 25.37 42.48
CA HIS D 97 -8.11 24.44 42.56
C HIS D 97 -7.18 24.55 41.35
N SER D 98 -7.77 24.83 40.18
CA SER D 98 -7.00 25.11 38.97
C SER D 98 -6.18 26.39 39.13
N PHE D 99 -6.85 27.48 39.52
CA PHE D 99 -6.21 28.76 39.77
C PHE D 99 -5.04 28.64 40.77
N LEU D 100 -5.27 27.91 41.86
CA LEU D 100 -4.28 27.76 42.93
C LEU D 100 -3.05 26.94 42.53
N VAL D 101 -3.26 25.93 41.69
CA VAL D 101 -2.19 25.09 41.15
C VAL D 101 -1.30 25.89 40.16
N VAL D 102 -1.92 26.79 39.40
CA VAL D 102 -1.19 27.66 38.46
C VAL D 102 -0.69 28.98 39.08
N LEU D 103 -1.20 29.35 40.25
CA LEU D 103 -0.87 30.63 40.91
C LEU D 103 0.64 30.93 41.09
N PRO D 104 1.46 29.92 41.50
CA PRO D 104 2.91 30.22 41.53
C PRO D 104 3.48 30.59 40.15
N LEU D 105 3.07 29.85 39.11
CA LEU D 105 3.42 30.16 37.72
C LEU D 105 2.94 31.56 37.32
N ILE D 106 1.69 31.91 37.66
CA ILE D 106 1.12 33.25 37.39
C ILE D 106 1.96 34.33 38.09
N LEU D 107 2.35 34.06 39.33
CA LEU D 107 3.17 35.01 40.08
C LEU D 107 4.55 35.22 39.45
N VAL D 108 5.17 34.12 38.97
CA VAL D 108 6.48 34.15 38.28
C VAL D 108 6.43 34.99 37.01
N LYS D 109 5.39 34.77 36.20
CA LYS D 109 5.18 35.51 34.95
C LYS D 109 4.84 36.98 35.19
N VAL D 110 3.91 37.24 36.11
CA VAL D 110 3.42 38.60 36.40
C VAL D 110 4.49 39.49 37.04
N GLU D 111 5.35 38.90 37.86
CA GLU D 111 6.35 39.63 38.67
C GLU D 111 7.16 40.71 37.91
N PRO D 112 7.91 40.34 36.85
CA PRO D 112 8.77 41.35 36.22
C PRO D 112 8.02 42.50 35.52
N THR D 113 6.70 42.37 35.34
CA THR D 113 5.86 43.48 34.89
C THR D 113 5.77 44.55 35.98
N ILE D 114 5.48 44.11 37.21
CA ILE D 114 5.44 44.99 38.37
C ILE D 114 6.85 45.42 38.78
N ASN D 115 7.71 44.43 39.01
CA ASN D 115 8.99 44.61 39.69
C ASN D 115 10.13 45.06 38.79
N GLY D 116 10.22 44.44 37.61
CA GLY D 116 11.41 44.51 36.78
C GLY D 116 12.41 43.44 37.18
N THR D 117 12.04 42.63 38.17
CA THR D 117 12.87 41.53 38.67
C THR D 117 12.05 40.26 38.85
N GLN D 118 12.74 39.13 39.07
CA GLN D 118 12.14 37.81 39.18
C GLN D 118 11.30 37.62 40.45
N SER D 119 10.43 36.62 40.43
CA SER D 119 9.73 36.15 41.62
C SER D 119 10.63 35.24 42.44
N LEU D 120 10.38 35.20 43.75
CA LEU D 120 11.10 34.29 44.65
C LEU D 120 10.68 32.84 44.43
N LEU D 121 9.45 32.64 43.98
CA LEU D 121 8.89 31.30 43.71
C LEU D 121 9.46 30.65 42.44
N ASN D 122 10.17 31.43 41.63
CA ASN D 122 10.76 30.98 40.37
C ASN D 122 11.91 29.98 40.53
N PHE D 123 11.76 28.86 39.81
CA PHE D 123 12.79 27.83 39.67
C PHE D 123 12.71 27.31 38.24
N LEU D 124 13.74 26.59 37.77
CA LEU D 124 13.91 26.32 36.34
C LEU D 124 12.70 25.67 35.62
N GLY D 125 12.36 24.44 35.96
CA GLY D 125 11.31 23.73 35.23
C GLY D 125 9.86 24.16 35.45
N ILE D 126 9.64 25.27 36.17
CA ILE D 126 8.32 25.67 36.70
C ILE D 126 7.20 25.72 35.64
N SER D 127 7.52 26.23 34.46
CA SER D 127 6.56 26.39 33.38
C SER D 127 6.10 25.05 32.81
N TYR D 128 6.98 24.06 32.89
CA TYR D 128 6.72 22.75 32.31
C TYR D 128 6.18 21.76 33.34
N LEU D 129 6.53 21.97 34.60
CA LEU D 129 5.99 21.20 35.72
C LEU D 129 4.52 21.49 35.99
N THR D 130 4.12 22.77 35.90
CA THR D 130 2.75 23.21 36.14
C THR D 130 1.73 22.48 35.27
N PHE D 131 2.07 22.21 34.02
CA PHE D 131 1.20 21.42 33.12
C PHE D 131 0.91 20.03 33.64
N ARG D 132 1.90 19.42 34.29
CA ARG D 132 1.75 18.10 34.89
C ARG D 132 0.83 18.15 36.11
N ALA D 133 1.00 19.19 36.92
CA ALA D 133 0.17 19.47 38.10
C ALA D 133 -1.30 19.77 37.78
N VAL D 134 -1.59 20.76 36.94
CA VAL D 134 -2.98 21.10 36.52
C VAL D 134 -3.62 19.92 35.83
N GLY D 135 -2.82 19.20 35.03
CA GLY D 135 -3.23 17.97 34.34
C GLY D 135 -4.02 17.05 35.22
N MET D 136 -3.54 16.84 36.45
CA MET D 136 -4.26 16.02 37.42
C MET D 136 -5.55 16.61 37.96
N ILE D 137 -5.59 17.91 38.19
CA ILE D 137 -6.83 18.61 38.56
C ILE D 137 -7.89 18.45 37.46
N ILE D 138 -7.49 18.61 36.21
CA ILE D 138 -8.38 18.41 35.04
C ILE D 138 -8.82 16.95 34.92
N GLU D 139 -7.87 16.02 35.10
CA GLU D 139 -8.18 14.59 34.98
C GLU D 139 -9.09 14.05 36.09
N MET D 140 -8.97 14.63 37.28
CA MET D 140 -9.85 14.32 38.41
C MET D 140 -11.25 14.89 38.19
N ARG D 141 -11.31 16.09 37.63
CA ARG D 141 -12.57 16.76 37.27
C ARG D 141 -13.40 15.94 36.29
N ASP D 142 -12.74 15.38 35.28
CA ASP D 142 -13.39 14.57 34.25
C ASP D 142 -13.72 13.15 34.74
N GLY D 143 -13.31 12.85 35.97
CA GLY D 143 -13.59 11.56 36.59
C GLY D 143 -12.81 10.39 35.99
N VAL D 144 -11.80 10.70 35.19
CA VAL D 144 -10.97 9.71 34.54
C VAL D 144 -9.79 9.28 35.43
N LEU D 145 -9.52 10.07 36.47
CA LEU D 145 -8.55 9.72 37.52
C LEU D 145 -9.24 9.66 38.88
N LYS D 146 -8.95 8.59 39.63
CA LYS D 146 -9.51 8.40 40.98
C LYS D 146 -8.46 7.98 42.02
N GLU D 147 -7.67 6.96 41.69
CA GLU D 147 -6.66 6.41 42.60
C GLU D 147 -5.25 6.84 42.22
N PHE D 148 -4.47 7.30 43.20
CA PHE D 148 -3.02 7.50 43.04
C PHE D 148 -2.24 7.64 44.35
N THR D 149 -1.05 7.01 44.37
CA THR D 149 -0.05 7.19 45.44
C THR D 149 0.55 8.60 45.37
N LEU D 150 1.07 9.09 46.49
CA LEU D 150 1.94 10.26 46.52
C LEU D 150 3.20 10.02 45.67
N GLY D 151 3.68 8.76 45.70
CA GLY D 151 4.81 8.32 44.87
C GLY D 151 4.55 8.42 43.39
N GLU D 152 3.36 7.96 42.96
CA GLU D 152 2.93 8.04 41.56
C GLU D 152 2.81 9.48 41.04
N PHE D 153 2.26 10.35 41.89
CA PHE D 153 2.10 11.78 41.60
C PHE D 153 3.45 12.48 41.52
N LEU D 154 4.34 12.20 42.48
CA LEU D 154 5.68 12.80 42.52
C LEU D 154 6.58 12.33 41.36
N ARG D 155 6.60 11.03 41.08
CA ARG D 155 7.37 10.46 39.96
C ARG D 155 7.01 11.11 38.64
N PHE D 156 5.71 11.34 38.43
CA PHE D 156 5.19 11.96 37.23
C PHE D 156 5.56 13.45 37.19
N MET D 157 5.11 14.20 38.17
CA MET D 157 5.24 15.65 38.15
C MET D 157 6.68 16.14 38.07
N LEU D 158 7.58 15.49 38.82
CA LEU D 158 8.99 15.86 38.77
C LEU D 158 9.89 14.75 38.22
N PHE D 159 9.45 14.20 37.09
CA PHE D 159 10.22 13.26 36.25
C PHE D 159 11.50 13.94 35.78
N MET D 160 12.63 13.27 35.99
CA MET D 160 13.97 13.87 35.80
C MET D 160 14.37 14.31 34.37
N PRO D 161 14.19 13.45 33.34
CA PRO D 161 14.64 13.84 31.99
C PRO D 161 13.86 15.00 31.35
N THR D 162 12.60 15.16 31.74
CA THR D 162 11.73 16.17 31.15
C THR D 162 11.48 17.32 32.12
N PHE D 163 12.42 17.55 33.04
CA PHE D 163 12.21 18.51 34.15
C PHE D 163 12.25 19.95 33.67
N THR D 164 13.41 20.33 33.12
CA THR D 164 13.76 21.72 32.86
C THR D 164 12.91 22.39 31.77
N SER D 165 12.62 21.64 30.71
CA SER D 165 11.95 22.15 29.53
C SER D 165 11.30 21.02 28.72
N GLY D 166 11.55 19.78 29.14
CA GLY D 166 11.26 18.56 28.38
C GLY D 166 9.80 18.36 28.10
N PRO D 167 9.46 17.44 27.18
CA PRO D 167 8.09 17.23 26.69
C PRO D 167 7.03 17.18 27.78
N ILE D 168 5.93 17.90 27.58
CA ILE D 168 4.79 17.90 28.51
C ILE D 168 4.09 16.53 28.45
N ASP D 169 3.74 16.01 29.63
CA ASP D 169 3.08 14.71 29.71
C ASP D 169 1.76 14.77 30.46
N ARG D 170 0.91 13.77 30.21
CA ARG D 170 -0.36 13.58 30.89
C ARG D 170 -0.22 12.40 31.84
N PHE D 171 -0.90 12.47 33.00
CA PHE D 171 -0.74 11.47 34.08
C PHE D 171 -1.12 10.04 33.68
N LYS D 172 -2.34 9.87 33.17
CA LYS D 172 -2.86 8.53 32.85
C LYS D 172 -1.93 7.77 31.92
N ARG D 173 -1.40 8.47 30.91
CA ARG D 173 -0.51 7.89 29.92
C ARG D 173 0.89 7.62 30.50
N PHE D 174 1.43 8.56 31.28
CA PHE D 174 2.73 8.38 31.93
C PHE D 174 2.70 7.25 32.94
N ASN D 175 1.62 7.19 33.73
CA ASN D 175 1.49 6.22 34.81
C ASN D 175 1.41 4.80 34.29
N GLU D 176 0.56 4.58 33.28
CA GLU D 176 0.40 3.27 32.64
C GLU D 176 1.70 2.77 32.01
N ASP D 177 2.43 3.68 31.36
CA ASP D 177 3.72 3.40 30.74
C ASP D 177 4.75 2.94 31.79
N TYR D 178 4.78 3.65 32.92
CA TYR D 178 5.65 3.32 34.05
C TYR D 178 5.20 2.04 34.74
N GLN D 179 3.88 1.81 34.76
CA GLN D 179 3.26 0.68 35.46
C GLN D 179 3.64 -0.66 34.85
N SER D 180 3.62 -0.74 33.52
CA SER D 180 3.99 -1.95 32.79
C SER D 180 5.29 -1.75 32.03
N ILE D 181 6.34 -2.39 32.55
CA ILE D 181 7.68 -2.37 31.95
C ILE D 181 7.61 -3.09 30.60
N PRO D 182 8.04 -2.42 29.51
CA PRO D 182 8.07 -3.01 28.17
C PRO D 182 8.93 -4.28 28.11
N ASN D 183 8.55 -5.20 27.24
CA ASN D 183 9.20 -6.51 27.10
C ASN D 183 10.61 -6.43 26.49
N ARG D 184 11.36 -7.53 26.61
CA ARG D 184 12.81 -7.58 26.36
C ARG D 184 13.31 -6.92 25.08
N ASP D 185 12.72 -7.27 23.93
CA ASP D 185 13.19 -6.74 22.65
C ASP D 185 12.63 -5.35 22.27
N GLU D 186 11.46 -5.01 22.82
CA GLU D 186 10.90 -3.66 22.74
C GLU D 186 11.76 -2.68 23.55
N LEU D 187 12.33 -3.19 24.63
CA LEU D 187 13.24 -2.44 25.50
C LEU D 187 14.58 -2.20 24.81
N LEU D 188 15.07 -3.20 24.08
CA LEU D 188 16.30 -3.11 23.28
C LEU D 188 16.12 -2.16 22.10
N ASN D 189 14.91 -2.14 21.57
CA ASN D 189 14.47 -1.23 20.52
C ASN D 189 14.57 0.23 20.97
N MET D 190 14.23 0.48 22.24
CA MET D 190 14.33 1.80 22.85
C MET D 190 15.77 2.24 23.06
N LEU D 191 16.65 1.28 23.32
CA LEU D 191 18.10 1.53 23.44
C LEU D 191 18.67 1.99 22.10
N GLU D 192 18.21 1.33 21.04
CA GLU D 192 18.58 1.66 19.67
C GLU D 192 18.11 3.07 19.32
N GLN D 193 16.87 3.39 19.71
CA GLN D 193 16.30 4.73 19.49
C GLN D 193 16.98 5.80 20.35
N ALA D 194 17.40 5.41 21.55
CA ALA D 194 18.09 6.33 22.48
C ALA D 194 19.47 6.70 21.97
N VAL D 195 20.22 5.72 21.48
CA VAL D 195 21.56 5.94 20.92
C VAL D 195 21.50 6.74 19.61
N LYS D 196 20.40 6.58 18.87
CA LYS D 196 20.09 7.37 17.67
C LYS D 196 19.82 8.84 18.03
N TYR D 197 18.90 9.05 18.98
CA TYR D 197 18.49 10.37 19.45
C TYR D 197 19.60 11.21 20.07
N ILE D 198 20.56 10.55 20.70
CA ILE D 198 21.75 11.21 21.27
C ILE D 198 22.66 11.69 20.14
N MET D 199 22.91 10.84 19.15
CA MET D 199 23.72 11.18 17.97
C MET D 199 23.17 12.41 17.23
N LEU D 200 21.86 12.43 16.98
CA LEU D 200 21.18 13.55 16.34
C LEU D 200 21.24 14.83 17.17
N GLY D 201 20.91 14.69 18.46
CA GLY D 201 20.97 15.78 19.44
C GLY D 201 22.33 16.44 19.51
N PHE D 202 23.40 15.64 19.43
CA PHE D 202 24.78 16.14 19.35
C PHE D 202 24.94 17.09 18.18
N LEU D 203 24.50 16.65 16.99
CA LEU D 203 24.56 17.46 15.77
C LEU D 203 23.68 18.71 15.88
N TYR D 204 22.43 18.52 16.30
CA TYR D 204 21.45 19.59 16.42
C TYR D 204 21.88 20.70 17.40
N LYS D 205 22.28 20.32 18.61
CA LYS D 205 22.58 21.30 19.66
C LYS D 205 24.00 21.83 19.66
N PHE D 206 24.98 20.95 19.58
CA PHE D 206 26.39 21.36 19.70
C PHE D 206 27.06 21.78 18.39
N VAL D 207 26.52 21.31 17.26
CA VAL D 207 27.01 21.69 15.93
C VAL D 207 26.13 22.79 15.31
N LEU D 208 24.90 22.45 14.95
CA LEU D 208 24.06 23.34 14.13
C LEU D 208 23.56 24.58 14.86
N ALA D 209 23.02 24.40 16.07
CA ALA D 209 22.55 25.51 16.92
C ALA D 209 23.70 26.44 17.31
N GLN D 210 24.93 25.91 17.26
CA GLN D 210 26.14 26.67 17.50
C GLN D 210 26.43 27.62 16.34
N ILE D 211 26.33 27.09 15.12
CA ILE D 211 26.57 27.87 13.90
C ILE D 211 25.54 28.99 13.75
N PHE D 212 24.26 28.65 13.89
CA PHE D 212 23.21 29.65 13.81
C PHE D 212 23.25 30.63 14.99
N GLY D 213 23.28 30.09 16.20
CA GLY D 213 23.11 30.87 17.42
C GLY D 213 24.26 31.73 17.85
N SER D 214 25.44 31.15 17.97
CA SER D 214 26.61 31.85 18.54
C SER D 214 27.56 32.41 17.48
N MET D 215 27.46 31.91 16.25
CA MET D 215 28.32 32.34 15.13
C MET D 215 27.68 33.39 14.20
N LEU D 216 26.52 33.07 13.64
CA LEU D 216 25.86 33.94 12.66
C LEU D 216 24.97 35.02 13.30
N LEU D 217 24.19 34.63 14.31
CA LEU D 217 23.20 35.51 14.93
C LEU D 217 23.76 36.80 15.60
N PRO D 218 24.86 36.69 16.40
CA PRO D 218 25.35 37.92 17.06
C PRO D 218 25.80 39.08 16.13
N PRO D 219 26.63 38.81 15.08
CA PRO D 219 26.96 39.93 14.19
C PRO D 219 25.79 40.42 13.33
N LEU D 220 24.88 39.52 12.96
CA LEU D 220 23.67 39.89 12.23
C LEU D 220 22.77 40.85 12.99
N LYS D 221 22.65 40.62 14.30
CA LYS D 221 21.90 41.52 15.20
C LYS D 221 22.60 42.87 15.33
N ALA D 222 23.92 42.83 15.54
CA ALA D 222 24.76 44.03 15.66
C ALA D 222 24.59 44.95 14.46
N GLN D 223 24.62 44.34 13.26
CA GLN D 223 24.48 45.08 12.01
C GLN D 223 23.08 45.66 11.89
N ALA D 224 22.07 44.82 12.09
CA ALA D 224 20.66 45.24 12.04
C ALA D 224 20.37 46.42 12.95
N LEU D 225 21.04 46.45 14.12
CA LEU D 225 20.91 47.55 15.06
C LEU D 225 21.50 48.86 14.53
N SER D 226 22.70 48.78 13.95
CA SER D 226 23.36 49.96 13.33
C SER D 226 22.55 50.54 12.18
N GLN D 227 21.94 49.66 11.38
CA GLN D 227 21.11 50.03 10.23
C GLN D 227 19.92 50.91 10.62
N GLY D 228 19.24 50.55 11.70
CA GLY D 228 18.08 51.31 12.17
C GLY D 228 16.84 51.07 11.34
N GLY D 229 15.81 51.87 11.58
CA GLY D 229 14.51 51.73 10.90
C GLY D 229 13.68 50.60 11.48
N ILE D 230 12.43 50.48 11.03
CA ILE D 230 11.54 49.43 11.57
C ILE D 230 11.82 48.03 11.02
N PHE D 231 12.51 47.98 9.89
CA PHE D 231 12.97 46.73 9.29
C PHE D 231 14.15 47.04 8.39
N ASN D 232 15.09 46.11 8.29
CA ASN D 232 16.17 46.19 7.30
C ASN D 232 16.57 44.79 6.84
N LEU D 233 17.49 44.72 5.87
CA LEU D 233 17.94 43.45 5.32
C LEU D 233 18.66 42.55 6.34
N PRO D 234 19.56 43.12 7.19
CA PRO D 234 20.08 42.25 8.26
C PRO D 234 19.02 41.73 9.25
N THR D 235 17.91 42.46 9.40
CA THR D 235 16.78 42.03 10.23
C THR D 235 16.05 40.83 9.59
N LEU D 236 15.99 40.81 8.26
CA LEU D 236 15.53 39.63 7.52
C LEU D 236 16.50 38.47 7.74
N GLY D 237 17.78 38.80 7.91
CA GLY D 237 18.81 37.82 8.23
C GLY D 237 18.62 37.17 9.59
N VAL D 238 18.41 37.99 10.62
CA VAL D 238 18.21 37.47 11.99
C VAL D 238 16.94 36.63 12.07
N MET D 239 15.92 37.01 11.29
CA MET D 239 14.66 36.30 11.23
C MET D 239 14.82 34.80 10.91
N TYR D 240 15.59 34.51 9.86
CA TYR D 240 15.84 33.13 9.45
C TYR D 240 16.84 32.46 10.37
N VAL D 241 17.94 33.15 10.65
CA VAL D 241 19.02 32.59 11.47
C VAL D 241 18.54 32.20 12.87
N TYR D 242 17.83 33.12 13.55
CA TYR D 242 17.24 32.83 14.87
C TYR D 242 16.22 31.70 14.77
N GLY D 243 15.35 31.76 13.76
CA GLY D 243 14.34 30.74 13.53
C GLY D 243 14.90 29.34 13.54
N PHE D 244 15.94 29.12 12.74
CA PHE D 244 16.66 27.83 12.68
C PHE D 244 17.38 27.52 13.99
N ASP D 245 17.97 28.55 14.60
CA ASP D 245 18.61 28.43 15.91
C ASP D 245 17.63 27.96 16.98
N LEU D 246 16.47 28.60 17.06
CA LEU D 246 15.39 28.20 17.97
C LEU D 246 15.03 26.75 17.76
N PHE D 247 14.79 26.35 16.50
CA PHE D 247 14.44 24.98 16.18
C PHE D 247 15.53 24.00 16.59
N PHE D 248 16.76 24.22 16.16
CA PHE D 248 17.83 23.25 16.37
C PHE D 248 18.19 23.05 17.83
N ASP D 249 18.20 24.15 18.57
CA ASP D 249 18.50 24.14 19.99
C ASP D 249 17.43 23.39 20.77
N PHE D 250 16.16 23.69 20.47
CA PHE D 250 15.04 23.07 21.17
C PHE D 250 14.77 21.64 20.76
N ALA D 251 14.89 21.34 19.47
CA ALA D 251 14.67 20.00 18.93
C ALA D 251 15.75 19.03 19.39
N GLY D 252 16.99 19.54 19.46
CA GLY D 252 18.13 18.78 19.95
C GLY D 252 17.97 18.44 21.41
N TYR D 253 17.58 19.44 22.19
CA TYR D 253 17.23 19.24 23.60
C TYR D 253 16.17 18.16 23.73
N SER D 254 15.07 18.32 23.00
CA SER D 254 13.95 17.39 23.04
C SER D 254 14.37 15.95 22.77
N MET D 255 15.32 15.77 21.86
CA MET D 255 15.84 14.46 21.51
C MET D 255 16.64 13.84 22.66
N PHE D 256 17.45 14.66 23.31
CA PHE D 256 18.17 14.27 24.52
C PHE D 256 17.17 13.83 25.59
N ALA D 257 16.18 14.68 25.83
CA ALA D 257 15.10 14.41 26.79
C ALA D 257 14.44 13.05 26.54
N LEU D 258 14.06 12.81 25.28
CA LEU D 258 13.45 11.54 24.87
C LEU D 258 14.38 10.33 25.04
N ALA D 259 15.67 10.56 24.80
CA ALA D 259 16.69 9.51 24.88
C ALA D 259 16.91 9.04 26.31
N VAL D 260 17.04 9.99 27.23
CA VAL D 260 17.25 9.71 28.67
C VAL D 260 16.02 9.04 29.25
N SER D 261 14.83 9.59 28.93
CA SER D 261 13.55 9.00 29.25
C SER D 261 13.49 7.52 28.83
N ASN D 262 13.95 7.21 27.62
CA ASN D 262 13.97 5.84 27.09
C ASN D 262 14.81 4.89 27.93
N LEU D 263 15.98 5.37 28.36
CA LEU D 263 16.85 4.62 29.26
C LEU D 263 16.19 4.38 30.60
N MET D 264 15.31 5.31 31.00
CA MET D 264 14.49 5.18 32.20
C MET D 264 13.19 4.40 31.97
N GLY D 265 13.09 3.72 30.82
CA GLY D 265 12.00 2.78 30.56
C GLY D 265 10.74 3.36 29.95
N ILE D 266 10.42 4.62 30.26
CA ILE D 266 9.20 5.23 29.73
C ILE D 266 9.49 6.00 28.44
N LYS D 267 8.49 6.09 27.55
CA LYS D 267 8.61 6.88 26.32
C LYS D 267 7.70 8.13 26.31
N SER D 268 8.33 9.24 26.68
CA SER D 268 7.71 10.56 26.73
C SER D 268 7.21 11.01 25.34
N PRO D 269 6.21 11.92 25.28
CA PRO D 269 5.70 12.37 23.97
C PRO D 269 6.76 13.14 23.16
N ILE D 270 6.70 13.02 21.84
CA ILE D 270 7.65 13.68 20.95
C ILE D 270 7.28 15.17 20.74
N ASN D 271 8.28 16.01 20.44
CA ASN D 271 8.10 17.46 20.30
C ASN D 271 8.10 17.99 18.85
N PHE D 272 8.84 17.35 17.95
CA PHE D 272 8.96 17.81 16.57
C PHE D 272 8.79 16.72 15.54
N ASP D 273 8.12 17.07 14.45
CA ASP D 273 7.91 16.17 13.32
C ASP D 273 8.03 16.91 11.98
N LYS D 274 9.27 17.18 11.58
CA LYS D 274 9.60 17.94 10.35
C LYS D 274 8.69 19.18 10.21
N PRO D 275 8.85 20.17 11.10
CA PRO D 275 7.90 21.30 11.11
C PRO D 275 7.92 22.21 9.87
N PHE D 276 9.04 22.24 9.14
CA PHE D 276 9.20 23.18 8.03
C PHE D 276 8.58 22.76 6.69
N ILE D 277 8.37 21.46 6.49
CA ILE D 277 7.63 20.96 5.32
C ILE D 277 6.11 21.08 5.44
N SER D 278 5.63 21.76 6.49
CA SER D 278 4.20 21.95 6.70
C SER D 278 3.65 23.01 5.75
N ARG D 279 2.58 22.63 5.04
CA ARG D 279 1.93 23.45 4.02
C ARG D 279 0.94 24.41 4.64
N ASP D 280 0.62 24.16 5.89
CA ASP D 280 -0.53 24.73 6.57
C ASP D 280 -0.08 25.27 7.92
N MET D 281 -0.76 26.31 8.40
CA MET D 281 -0.63 26.75 9.79
C MET D 281 -1.22 25.71 10.73
N LYS D 282 -2.36 25.15 10.31
CA LYS D 282 -2.99 24.00 10.98
C LYS D 282 -2.03 22.81 11.08
N GLU D 283 -1.31 22.55 10.00
CA GLU D 283 -0.34 21.46 9.96
C GLU D 283 0.89 21.76 10.81
N PHE D 284 1.28 23.04 10.89
CA PHE D 284 2.47 23.46 11.63
C PHE D 284 2.37 23.11 13.11
N TRP D 285 1.21 23.37 13.69
CA TRP D 285 0.98 23.07 15.10
C TRP D 285 0.77 21.58 15.41
N ASN D 286 0.74 20.76 14.36
CA ASN D 286 0.83 19.31 14.50
C ASN D 286 2.26 18.80 14.34
N ARG D 287 3.21 19.73 14.23
CA ARG D 287 4.60 19.41 13.95
C ARG D 287 5.60 20.19 14.80
N TRP D 288 5.15 21.31 15.36
CA TRP D 288 6.00 22.19 16.17
C TRP D 288 5.62 22.16 17.64
N HIS D 289 6.65 22.02 18.50
CA HIS D 289 6.48 21.89 19.97
C HIS D 289 5.22 21.11 20.34
N MET D 290 5.12 19.91 19.78
CA MET D 290 3.89 19.13 19.77
C MET D 290 3.30 18.87 21.15
N SER D 291 4.15 18.45 22.10
CA SER D 291 3.73 18.22 23.49
C SER D 291 3.03 19.43 24.12
N LEU D 292 3.52 20.64 23.81
CA LEU D 292 2.87 21.88 24.24
C LEU D 292 1.58 22.17 23.47
N SER D 293 1.63 22.01 22.15
CA SER D 293 0.50 22.26 21.28
C SER D 293 -0.65 21.29 21.57
N PHE D 294 -0.31 20.01 21.63
CA PHE D 294 -1.27 18.94 21.90
C PHE D 294 -1.90 19.06 23.30
N TRP D 295 -1.14 19.56 24.28
CA TRP D 295 -1.71 19.90 25.59
C TRP D 295 -2.73 21.01 25.44
N PHE D 296 -2.28 22.18 24.96
CA PHE D 296 -3.15 23.35 24.76
C PHE D 296 -4.39 23.07 23.90
N ARG D 297 -4.27 22.12 22.97
CA ARG D 297 -5.39 21.70 22.12
C ARG D 297 -6.48 21.05 22.95
N ASP D 298 -6.10 20.09 23.78
CA ASP D 298 -7.04 19.29 24.55
C ASP D 298 -7.50 19.95 25.84
N PHE D 299 -6.61 20.70 26.48
CA PHE D 299 -6.90 21.27 27.79
C PHE D 299 -7.36 22.72 27.78
N VAL D 300 -6.95 23.51 26.78
CA VAL D 300 -7.38 24.92 26.69
C VAL D 300 -8.38 25.12 25.55
N PHE D 301 -8.01 24.71 24.32
CA PHE D 301 -8.89 24.89 23.15
C PHE D 301 -10.19 24.10 23.28
N MET D 302 -10.10 22.77 23.19
CA MET D 302 -11.26 21.86 23.21
C MET D 302 -12.23 22.18 24.33
N ARG D 303 -11.69 22.39 25.54
CA ARG D 303 -12.48 22.73 26.72
C ARG D 303 -13.22 24.07 26.58
N LEU D 304 -12.56 25.06 25.97
CA LEU D 304 -13.15 26.38 25.76
C LEU D 304 -14.27 26.37 24.71
N VAL D 305 -14.07 25.58 23.65
CA VAL D 305 -15.06 25.49 22.57
C VAL D 305 -16.40 24.95 23.08
N ILE D 306 -16.34 23.90 23.92
CA ILE D 306 -17.54 23.31 24.55
C ILE D 306 -18.31 24.35 25.36
N VAL D 307 -17.60 25.16 26.16
CA VAL D 307 -18.18 26.25 26.98
C VAL D 307 -18.91 27.29 26.12
N LEU D 308 -18.31 27.67 24.98
CA LEU D 308 -18.92 28.65 24.09
C LEU D 308 -20.07 28.04 23.25
N MET D 309 -20.16 26.71 23.25
CA MET D 309 -21.23 25.97 22.55
C MET D 309 -22.33 25.49 23.48
N ARG D 310 -21.97 25.20 24.73
CA ARG D 310 -22.90 24.96 25.84
C ARG D 310 -23.77 26.22 25.96
N ASN D 311 -23.09 27.35 26.19
CA ASN D 311 -23.72 28.66 26.41
C ASN D 311 -24.19 29.37 25.14
N LYS D 312 -23.92 28.78 23.98
CA LYS D 312 -24.24 29.35 22.65
C LYS D 312 -24.06 30.88 22.56
N VAL D 313 -22.87 31.34 22.98
CA VAL D 313 -22.56 32.76 23.12
C VAL D 313 -22.49 33.52 21.78
N PHE D 314 -21.88 32.90 20.78
CA PHE D 314 -21.73 33.52 19.45
C PHE D 314 -22.73 33.00 18.43
N LYS D 315 -23.06 33.88 17.48
CA LYS D 315 -24.06 33.65 16.42
C LYS D 315 -23.86 32.35 15.62
N ASN D 316 -22.70 32.21 14.96
CA ASN D 316 -22.46 31.08 14.06
C ASN D 316 -21.40 30.08 14.53
N ARG D 317 -21.31 28.98 13.79
CA ARG D 317 -20.37 27.88 14.00
C ARG D 317 -18.90 28.34 14.02
N ASN D 318 -18.57 29.30 13.16
CA ASN D 318 -17.18 29.65 12.89
C ASN D 318 -16.59 30.70 13.81
N THR D 319 -17.44 31.55 14.39
CA THR D 319 -17.00 32.58 15.33
C THR D 319 -16.55 31.96 16.66
N THR D 320 -17.31 30.96 17.14
CA THR D 320 -16.91 30.20 18.34
C THR D 320 -15.58 29.48 18.11
N SER D 321 -15.35 29.02 16.88
CA SER D 321 -14.07 28.43 16.47
C SER D 321 -12.95 29.47 16.38
N ASN D 322 -13.30 30.66 15.93
CA ASN D 322 -12.32 31.73 15.75
C ASN D 322 -11.88 32.33 17.07
N VAL D 323 -12.86 32.64 17.93
CA VAL D 323 -12.61 33.19 19.27
C VAL D 323 -11.79 32.21 20.14
N ALA D 324 -12.13 30.92 20.06
CA ALA D 324 -11.38 29.86 20.74
C ALA D 324 -9.91 29.82 20.31
N TYR D 325 -9.66 29.95 19.01
CA TYR D 325 -8.30 30.02 18.44
C TYR D 325 -7.49 31.20 18.99
N ILE D 326 -8.06 32.40 18.91
CA ILE D 326 -7.39 33.64 19.32
C ILE D 326 -7.11 33.67 20.84
N ILE D 327 -8.07 33.23 21.65
CA ILE D 327 -7.88 33.11 23.11
C ILE D 327 -6.80 32.06 23.42
N ASN D 328 -6.95 30.86 22.84
CA ASN D 328 -6.05 29.71 23.08
C ASN D 328 -4.59 30.01 22.76
N MET D 329 -4.35 30.64 21.62
CA MET D 329 -2.99 30.98 21.19
C MET D 329 -2.42 32.16 21.97
N MET D 330 -3.31 33.03 22.46
CA MET D 330 -2.93 34.16 23.30
C MET D 330 -2.56 33.75 24.73
N VAL D 331 -3.31 32.80 25.29
CA VAL D 331 -2.99 32.17 26.59
C VAL D 331 -1.60 31.52 26.53
N MET D 332 -1.32 30.83 25.41
CA MET D 332 0.00 30.27 25.11
C MET D 332 1.10 31.33 25.04
N GLY D 333 0.74 32.52 24.55
CA GLY D 333 1.65 33.66 24.53
C GLY D 333 1.96 34.14 25.94
N PHE D 334 0.90 34.30 26.74
CA PHE D 334 1.00 34.66 28.16
C PHE D 334 1.87 33.66 28.94
N TRP D 335 1.74 32.38 28.56
CA TRP D 335 2.56 31.30 29.13
C TRP D 335 4.05 31.51 28.91
N HIS D 336 4.42 31.98 27.72
CA HIS D 336 5.81 32.29 27.43
C HIS D 336 6.32 33.45 28.29
N GLY D 337 5.48 34.46 28.49
CA GLY D 337 5.82 35.61 29.32
C GLY D 337 4.86 36.77 29.11
N ILE D 338 4.80 37.66 30.10
CA ILE D 338 3.94 38.85 30.00
C ILE D 338 4.76 40.04 29.48
N THR D 339 5.29 39.89 28.27
CA THR D 339 5.91 41.00 27.54
C THR D 339 5.22 41.15 26.18
N TRP D 340 5.16 42.38 25.68
CA TRP D 340 4.37 42.71 24.47
C TRP D 340 4.58 41.71 23.32
N TYR D 341 5.81 41.26 23.13
CA TYR D 341 6.17 40.43 21.99
C TYR D 341 5.75 38.98 22.10
N TYR D 342 5.75 38.44 23.32
CA TYR D 342 5.18 37.11 23.55
C TYR D 342 3.67 37.09 23.30
N ILE D 343 2.98 38.15 23.78
CA ILE D 343 1.54 38.33 23.56
C ILE D 343 1.27 38.56 22.06
N ALA D 344 2.14 39.35 21.42
CA ALA D 344 2.09 39.55 19.96
C ALA D 344 2.24 38.22 19.23
N TYR D 345 3.31 37.47 19.55
CA TYR D 345 3.56 36.13 19.03
C TYR D 345 2.31 35.23 19.15
N GLY D 346 1.57 35.42 20.25
CA GLY D 346 0.32 34.73 20.49
C GLY D 346 -0.76 35.12 19.51
N ILE D 347 -1.14 36.40 19.53
CA ILE D 347 -2.21 36.94 18.67
C ILE D 347 -1.94 36.73 17.18
N PHE D 348 -0.64 36.72 16.83
CA PHE D 348 -0.15 36.42 15.47
C PHE D 348 -0.69 35.08 14.97
N HIS D 349 -0.26 33.99 15.61
CA HIS D 349 -0.75 32.63 15.30
C HIS D 349 -2.26 32.47 15.50
N GLY D 350 -2.84 33.35 16.32
CA GLY D 350 -4.27 33.42 16.50
C GLY D 350 -4.95 33.76 15.19
N ILE D 351 -4.78 35.02 14.77
CA ILE D 351 -5.33 35.51 13.49
C ILE D 351 -4.76 34.75 12.29
N GLY D 352 -3.57 34.17 12.49
CA GLY D 352 -2.94 33.27 11.52
C GLY D 352 -3.76 32.03 11.27
N LEU D 353 -4.27 31.42 12.34
CA LEU D 353 -5.07 30.21 12.23
C LEU D 353 -6.49 30.45 11.72
N VAL D 354 -7.07 31.61 12.07
CA VAL D 354 -8.42 31.95 11.60
C VAL D 354 -8.41 32.24 10.10
N ILE D 355 -7.37 32.97 9.65
CA ILE D 355 -7.13 33.24 8.21
C ILE D 355 -6.95 31.91 7.47
N ASN D 356 -6.12 31.03 8.04
CA ASN D 356 -5.87 29.71 7.51
C ASN D 356 -7.14 28.89 7.36
N ASP D 357 -7.97 28.89 8.41
CA ASP D 357 -9.20 28.09 8.42
C ASP D 357 -10.22 28.66 7.45
N ALA D 358 -10.33 29.99 7.40
CA ALA D 358 -11.23 30.73 6.50
C ALA D 358 -10.93 30.44 5.04
N TRP D 359 -9.64 30.26 4.73
CA TRP D 359 -9.19 29.90 3.40
C TRP D 359 -9.65 28.49 3.00
N LEU D 360 -9.50 27.52 3.90
CA LEU D 360 -9.94 26.13 3.65
C LEU D 360 -11.44 26.05 3.37
N ARG D 361 -12.22 26.83 4.12
CA ARG D 361 -13.66 27.00 3.90
C ARG D 361 -13.97 27.67 2.55
N LYS D 362 -13.22 28.71 2.23
CA LYS D 362 -13.35 29.43 0.95
C LYS D 362 -12.96 28.59 -0.27
N LYS D 363 -11.90 27.80 -0.13
CA LYS D 363 -11.42 26.92 -1.20
C LYS D 363 -12.46 25.86 -1.58
N LYS D 364 -13.19 25.32 -0.59
CA LYS D 364 -14.25 24.34 -0.85
C LYS D 364 -15.47 24.93 -1.55
N THR D 365 -15.81 26.18 -1.23
CA THR D 365 -16.94 26.88 -1.83
C THR D 365 -16.60 27.49 -3.20
N ILE D 366 -15.32 27.80 -3.43
CA ILE D 366 -14.84 28.22 -4.75
C ILE D 366 -14.82 27.02 -5.73
N ASN D 367 -14.49 25.84 -5.22
CA ASN D 367 -14.56 24.58 -5.98
C ASN D 367 -15.98 24.18 -6.40
N LYS D 368 -16.94 24.42 -5.50
CA LYS D 368 -18.37 24.22 -5.81
C LYS D 368 -18.91 25.27 -6.78
N ASP D 369 -18.39 26.50 -6.66
CA ASP D 369 -18.70 27.61 -7.59
C ASP D 369 -18.23 27.33 -9.01
N ARG D 370 -17.09 26.65 -9.12
CA ARG D 370 -16.48 26.29 -10.40
C ARG D 370 -17.19 25.09 -11.04
N LYS D 371 -17.44 24.03 -10.23
CA LYS D 371 -18.05 22.79 -10.70
C LYS D 371 -19.47 22.99 -11.26
N LYS D 372 -20.24 23.88 -10.62
CA LYS D 372 -21.59 24.21 -11.06
C LYS D 372 -21.63 25.21 -12.22
N ALA D 373 -20.57 26.02 -12.37
CA ALA D 373 -20.43 26.95 -13.49
C ALA D 373 -19.71 26.34 -14.69
N GLY D 374 -19.47 25.02 -14.64
CA GLY D 374 -18.85 24.28 -15.74
C GLY D 374 -17.38 23.94 -15.59
N LEU D 375 -16.61 24.86 -15.01
CA LEU D 375 -15.15 24.75 -14.85
C LEU D 375 -14.69 23.55 -13.99
N LYS D 376 -13.46 23.09 -14.26
CA LYS D 376 -12.80 22.01 -13.52
C LYS D 376 -12.35 22.52 -12.13
N PRO D 377 -12.31 21.63 -11.11
CA PRO D 377 -11.78 21.99 -9.77
C PRO D 377 -10.41 22.69 -9.79
N LEU D 378 -10.24 23.67 -8.89
CA LEU D 378 -9.02 24.49 -8.77
C LEU D 378 -7.77 23.59 -8.67
N PRO D 379 -6.69 23.92 -9.43
CA PRO D 379 -5.56 23.00 -9.56
C PRO D 379 -4.77 22.76 -8.28
N GLU D 380 -4.47 21.49 -8.01
CA GLU D 380 -3.67 21.09 -6.87
C GLU D 380 -2.53 20.17 -7.32
N ASN D 381 -1.32 20.72 -7.29
CA ASN D 381 -0.12 20.09 -7.87
C ASN D 381 1.14 20.48 -7.09
N LYS D 382 2.30 20.09 -7.61
CA LYS D 382 3.59 20.31 -6.95
C LYS D 382 3.92 21.77 -6.66
N TRP D 383 3.41 22.70 -7.47
CA TRP D 383 3.68 24.12 -7.31
C TRP D 383 2.73 24.85 -6.37
N THR D 384 1.47 24.45 -6.37
CA THR D 384 0.51 24.95 -5.37
C THR D 384 0.94 24.49 -3.98
N LYS D 385 1.34 23.21 -3.88
CA LYS D 385 1.86 22.63 -2.65
C LYS D 385 3.08 23.37 -2.14
N ALA D 386 4.06 23.60 -3.02
CA ALA D 386 5.27 24.35 -2.68
C ALA D 386 4.96 25.78 -2.26
N LEU D 387 4.03 26.43 -2.98
CA LEU D 387 3.60 27.80 -2.65
C LEU D 387 3.08 27.85 -1.22
N GLY D 388 2.18 26.91 -0.89
CA GLY D 388 1.66 26.74 0.46
C GLY D 388 2.77 26.64 1.49
N ILE D 389 3.69 25.70 1.28
CA ILE D 389 4.89 25.54 2.11
C ILE D 389 5.66 26.86 2.24
N PHE D 390 5.87 27.56 1.12
CA PHE D 390 6.60 28.84 1.11
C PHE D 390 5.92 29.92 1.95
N ILE D 391 4.60 30.09 1.78
CA ILE D 391 3.84 31.08 2.56
C ILE D 391 3.91 30.73 4.06
N THR D 392 3.66 29.45 4.39
CA THR D 392 3.66 28.97 5.78
C THR D 392 5.01 29.24 6.44
N PHE D 393 6.08 28.77 5.80
CA PHE D 393 7.46 28.91 6.25
C PHE D 393 7.81 30.34 6.66
N ASN D 394 7.37 31.32 5.88
CA ASN D 394 7.69 32.72 6.15
C ASN D 394 6.81 33.35 7.21
N THR D 395 5.56 32.90 7.30
CA THR D 395 4.65 33.32 8.37
C THR D 395 5.25 32.86 9.71
N VAL D 396 5.59 31.57 9.76
CA VAL D 396 6.23 30.93 10.91
C VAL D 396 7.54 31.62 11.30
N MET D 397 8.38 31.93 10.33
CA MET D 397 9.69 32.55 10.57
C MET D 397 9.59 33.99 11.10
N LEU D 398 8.59 34.73 10.59
CA LEU D 398 8.35 36.10 11.02
C LEU D 398 7.88 36.12 12.47
N SER D 399 7.06 35.13 12.84
CA SER D 399 6.57 34.98 14.21
C SER D 399 7.74 34.75 15.20
N PHE D 400 8.72 33.95 14.78
CA PHE D 400 9.93 33.71 15.58
C PHE D 400 10.81 34.95 15.77
N LEU D 401 10.72 35.89 14.82
CA LEU D 401 11.40 37.19 14.96
C LEU D 401 10.73 38.00 16.07
N ILE D 402 9.40 37.99 16.07
CA ILE D 402 8.62 38.65 17.11
C ILE D 402 8.95 37.99 18.45
N PHE D 403 8.87 36.66 18.48
CA PHE D 403 9.16 35.79 19.63
C PHE D 403 10.54 36.00 20.25
N SER D 404 11.55 36.23 19.40
CA SER D 404 12.95 36.42 19.83
C SER D 404 13.15 37.65 20.70
N GLY D 405 12.18 38.56 20.64
CA GLY D 405 12.25 39.85 21.32
C GLY D 405 13.29 40.78 20.77
N PHE D 406 13.82 40.47 19.58
CA PHE D 406 14.81 41.34 18.94
C PHE D 406 14.15 42.63 18.47
N LEU D 407 12.88 42.56 18.05
CA LEU D 407 12.16 43.76 17.60
C LEU D 407 12.01 44.81 18.71
N ASN D 408 12.16 44.38 19.95
CA ASN D 408 12.25 45.29 21.10
C ASN D 408 13.54 46.11 21.08
N ASP D 409 14.65 45.46 20.72
CA ASP D 409 15.96 46.12 20.54
C ASP D 409 15.93 47.11 19.39
N LEU D 410 15.33 46.70 18.27
CA LEU D 410 15.34 47.48 17.03
C LEU D 410 14.42 48.69 17.09
N TRP D 411 13.22 48.51 17.65
CA TRP D 411 12.24 49.59 17.68
C TRP D 411 12.35 50.49 18.91
N PHE D 412 12.59 49.89 20.08
CA PHE D 412 12.32 50.58 21.35
C PHE D 412 13.51 50.90 22.26
N THR D 413 14.74 50.56 21.87
CA THR D 413 15.96 50.89 22.64
C THR D 413 16.07 52.40 22.99
N LYS D 414 15.86 53.26 21.98
CA LYS D 414 15.81 54.74 22.13
C LYS D 414 17.00 55.36 22.86
N MET E 4 53.24 65.77 -24.27
CA MET E 4 54.46 65.90 -23.41
C MET E 4 54.97 64.56 -22.86
N ASP E 5 55.50 64.55 -21.63
CA ASP E 5 56.18 63.41 -21.04
C ASP E 5 55.19 62.30 -20.67
N VAL E 6 55.54 61.06 -21.05
CA VAL E 6 54.70 59.88 -20.80
C VAL E 6 54.70 59.50 -19.30
N LYS E 7 55.88 59.55 -18.67
CA LYS E 7 56.05 59.24 -17.25
C LYS E 7 55.33 60.22 -16.33
N ALA E 8 55.35 61.51 -16.70
CA ALA E 8 54.73 62.58 -15.92
C ALA E 8 53.19 62.50 -15.92
N GLU E 9 52.62 62.09 -17.04
CA GLU E 9 51.16 62.01 -17.21
C GLU E 9 50.52 60.78 -16.55
N VAL E 10 51.23 59.65 -16.59
CA VAL E 10 50.83 58.41 -15.88
C VAL E 10 50.84 58.64 -14.35
N ILE E 11 51.89 59.33 -13.88
CA ILE E 11 52.00 59.74 -12.47
C ILE E 11 50.86 60.69 -12.06
N GLU E 12 50.43 61.54 -12.98
CA GLU E 12 49.37 62.51 -12.70
C GLU E 12 47.94 62.04 -12.99
N ILE E 13 47.79 60.91 -13.68
CA ILE E 13 46.48 60.28 -13.87
C ILE E 13 46.11 59.32 -12.73
N ILE E 14 47.14 58.73 -12.10
CA ILE E 14 46.96 57.77 -11.01
C ILE E 14 46.39 58.40 -9.73
N ASP E 15 46.77 59.65 -9.43
CA ASP E 15 46.24 60.36 -8.27
C ASP E 15 45.04 61.28 -8.59
N GLU E 16 44.48 61.12 -9.78
CA GLU E 16 43.25 61.82 -10.17
C GLU E 16 42.01 61.00 -9.82
N LEU E 17 42.04 59.72 -10.15
CA LEU E 17 40.92 58.79 -9.96
C LEU E 17 40.98 58.07 -8.61
N PHE E 18 42.19 57.87 -8.08
CA PHE E 18 42.42 57.15 -6.82
C PHE E 18 42.89 58.05 -5.68
N MET E 19 43.53 59.17 -6.04
CA MET E 19 44.09 60.16 -5.10
C MET E 19 45.17 59.65 -4.15
N GLU E 20 46.27 59.18 -4.74
CA GLU E 20 47.53 58.92 -4.02
C GLU E 20 48.72 58.92 -4.97
N ASP E 21 49.64 59.87 -4.75
CA ASP E 21 50.90 60.01 -5.48
C ASP E 21 51.85 58.83 -5.20
N VAL E 22 52.38 58.24 -6.26
CA VAL E 22 53.40 57.18 -6.18
C VAL E 22 54.56 57.41 -7.17
N SER E 23 55.06 58.65 -7.17
CA SER E 23 56.16 59.06 -8.05
C SER E 23 57.54 58.63 -7.54
N ASP E 24 57.79 58.84 -6.24
CA ASP E 24 59.08 58.49 -5.62
C ASP E 24 59.23 57.00 -5.30
N MET E 25 58.19 56.41 -4.71
CA MET E 25 58.16 54.97 -4.42
C MET E 25 57.29 54.29 -5.49
N MET E 26 57.94 54.02 -6.63
CA MET E 26 57.29 53.74 -7.92
C MET E 26 57.22 52.27 -8.36
N ASP E 27 58.17 51.45 -7.90
CA ASP E 27 58.22 50.02 -8.24
C ASP E 27 57.31 49.13 -7.38
N GLU E 28 56.37 49.77 -6.68
CA GLU E 28 55.38 49.09 -5.85
C GLU E 28 54.38 48.34 -6.71
N ASP E 29 53.96 47.17 -6.22
CA ASP E 29 52.86 46.41 -6.83
C ASP E 29 51.54 47.08 -6.47
N LEU E 30 50.88 47.65 -7.48
CA LEU E 30 49.67 48.47 -7.31
C LEU E 30 48.43 47.73 -6.77
N PHE E 31 48.36 46.42 -7.03
CA PHE E 31 47.32 45.54 -6.47
C PHE E 31 47.51 45.36 -4.96
N ASP E 32 48.76 45.10 -4.56
CA ASP E 32 49.14 44.86 -3.16
C ASP E 32 49.22 46.14 -2.33
N ALA E 33 49.60 47.25 -2.95
CA ALA E 33 49.73 48.55 -2.28
C ALA E 33 48.38 49.20 -1.95
N GLY E 34 47.28 48.61 -2.43
CA GLY E 34 45.92 49.09 -2.15
C GLY E 34 45.51 50.31 -2.96
N VAL E 35 46.05 50.42 -4.17
CA VAL E 35 45.78 51.55 -5.07
C VAL E 35 44.58 51.22 -5.98
N LEU E 36 44.56 50.00 -6.51
CA LEU E 36 43.60 49.55 -7.52
C LEU E 36 42.70 48.42 -7.01
N ASP E 37 41.41 48.55 -7.30
CA ASP E 37 40.43 47.49 -7.00
C ASP E 37 40.48 46.39 -8.08
N MET E 39 37.85 46.21 -9.85
CA MET E 39 37.16 47.08 -10.80
C MET E 39 37.98 48.32 -11.13
N GLY E 40 38.89 48.68 -10.23
CA GLY E 40 39.73 49.88 -10.36
C GLY E 40 40.71 49.87 -11.52
N THR E 41 41.14 48.68 -11.94
CA THR E 41 42.04 48.52 -13.09
C THR E 41 41.31 48.87 -14.39
N VAL E 42 40.06 48.44 -14.51
CA VAL E 42 39.16 48.76 -15.64
C VAL E 42 38.96 50.28 -15.78
N GLU E 43 38.80 50.95 -14.64
CA GLU E 43 38.65 52.40 -14.58
C GLU E 43 39.90 53.17 -15.02
N LEU E 44 41.07 52.60 -14.73
CA LEU E 44 42.35 53.16 -15.17
C LEU E 44 42.57 52.99 -16.66
N ILE E 45 42.27 51.78 -17.17
CA ILE E 45 42.38 51.45 -18.61
C ILE E 45 41.58 52.43 -19.48
N VAL E 46 40.34 52.72 -19.08
CA VAL E 46 39.46 53.66 -19.78
C VAL E 46 40.07 55.07 -19.89
N GLU E 47 40.59 55.58 -18.77
CA GLU E 47 41.25 56.89 -18.75
C GLU E 47 42.64 56.92 -19.39
N LEU E 48 43.29 55.75 -19.46
CA LEU E 48 44.57 55.59 -20.14
C LEU E 48 44.38 55.61 -21.67
N GLU E 49 43.22 55.17 -22.12
CA GLU E 49 42.82 55.21 -23.54
C GLU E 49 42.43 56.63 -23.97
N SER E 50 41.66 57.32 -23.12
CA SER E 50 41.17 58.68 -23.39
C SER E 50 42.27 59.73 -23.43
N ARG E 51 43.34 59.50 -22.66
CA ARG E 51 44.44 60.45 -22.53
C ARG E 51 45.50 60.26 -23.61
N PHE E 52 45.88 59.01 -23.86
CA PHE E 52 47.05 58.67 -24.68
C PHE E 52 46.74 58.31 -26.13
N ASP E 53 45.45 58.18 -26.46
CA ASP E 53 44.96 57.78 -27.80
C ASP E 53 45.41 56.36 -28.24
N ILE E 54 45.67 55.50 -27.25
CA ILE E 54 46.08 54.10 -27.46
C ILE E 54 44.96 53.19 -26.97
N ARG E 55 44.72 52.11 -27.71
CA ARG E 55 43.80 51.06 -27.31
C ARG E 55 44.59 49.92 -26.64
N VAL E 56 44.24 49.62 -25.38
CA VAL E 56 45.01 48.73 -24.50
C VAL E 56 44.54 47.27 -24.60
N PRO E 57 45.47 46.32 -24.91
CA PRO E 57 45.11 44.90 -24.95
C PRO E 57 44.91 44.32 -23.55
N VAL E 58 43.66 44.00 -23.24
CA VAL E 58 43.29 43.48 -21.91
C VAL E 58 43.07 41.96 -21.93
N SER E 59 42.96 41.39 -23.12
CA SER E 59 42.82 39.94 -23.28
C SER E 59 44.18 39.22 -23.35
N GLU E 60 45.26 40.01 -23.39
CA GLU E 60 46.63 39.51 -23.32
C GLU E 60 47.30 39.92 -22.00
N PHE E 61 46.65 40.85 -21.29
CA PHE E 61 47.00 41.33 -19.95
C PHE E 61 47.19 40.15 -18.97
N GLY E 62 48.45 39.84 -18.66
CA GLY E 62 48.78 38.86 -17.62
C GLY E 62 48.84 39.54 -16.26
N ARG E 63 48.97 38.73 -15.19
CA ARG E 63 49.04 39.27 -13.83
C ARG E 63 50.38 39.94 -13.51
N ASP E 64 51.46 39.39 -14.06
CA ASP E 64 52.81 39.93 -13.85
C ASP E 64 53.22 40.97 -14.90
N ASP E 65 52.34 41.24 -15.86
CA ASP E 65 52.62 42.13 -16.99
C ASP E 65 52.65 43.62 -16.62
N TRP E 66 51.47 44.17 -16.32
CA TRP E 66 51.31 45.62 -16.06
C TRP E 66 50.82 45.87 -14.63
N ASN E 67 51.64 45.43 -13.67
CA ASN E 67 51.32 45.56 -12.24
C ASN E 67 51.99 46.75 -11.56
N THR E 68 53.26 47.00 -11.91
CA THR E 68 54.03 48.13 -11.37
C THR E 68 53.95 49.35 -12.30
N ALA E 69 54.02 50.55 -11.72
CA ALA E 69 53.88 51.82 -12.45
C ALA E 69 54.93 52.03 -13.55
N ASN E 70 56.14 51.53 -13.33
CA ASN E 70 57.24 51.59 -14.30
C ASN E 70 56.99 50.72 -15.52
N LYS E 71 56.34 49.58 -15.31
CA LYS E 71 55.92 48.67 -16.39
C LYS E 71 54.69 49.20 -17.14
N ILE E 72 53.94 50.10 -16.49
CA ILE E 72 52.80 50.81 -17.11
C ILE E 72 53.31 51.95 -17.99
N VAL E 73 54.27 52.73 -17.49
CA VAL E 73 54.92 53.83 -18.23
C VAL E 73 55.64 53.29 -19.49
N GLU E 74 56.48 52.28 -19.29
CA GLU E 74 57.29 51.68 -20.35
C GLU E 74 56.44 50.93 -21.39
N GLY E 75 55.32 50.37 -20.96
CA GLY E 75 54.37 49.67 -21.82
C GLY E 75 53.52 50.58 -22.70
N VAL E 76 53.24 51.79 -22.21
CA VAL E 76 52.46 52.81 -22.94
C VAL E 76 53.29 53.40 -24.10
N THR E 77 54.58 53.63 -23.87
CA THR E 77 55.52 54.15 -24.89
C THR E 77 55.70 53.17 -26.07
N GLU E 78 55.79 51.88 -25.75
CA GLU E 78 55.90 50.81 -26.75
C GLU E 78 54.67 50.70 -27.65
N LEU E 79 53.50 50.95 -27.06
CA LEU E 79 52.21 50.93 -27.76
C LEU E 79 51.90 52.25 -28.48
N ARG E 80 52.64 53.31 -28.14
CA ARG E 80 52.43 54.65 -28.71
C ARG E 80 52.98 54.80 -30.13
N ASN E 81 54.06 54.07 -30.44
CA ASN E 81 54.70 54.13 -31.76
C ASN E 81 54.89 52.75 -32.42
N ALA E 82 55.37 51.77 -31.65
CA ALA E 82 55.66 50.42 -32.16
C ALA E 82 54.52 49.44 -31.90
N MET F 1 28.64 7.77 -49.71
CA MET F 1 29.80 8.52 -49.15
C MET F 1 29.72 8.66 -47.64
N ILE F 2 28.50 8.88 -47.13
CA ILE F 2 28.22 8.87 -45.69
C ILE F 2 28.40 7.44 -45.14
N ASP F 3 27.80 6.46 -45.83
CA ASP F 3 27.98 5.03 -45.54
C ASP F 3 29.43 4.53 -45.56
N PHE F 4 30.29 5.18 -46.35
CA PHE F 4 31.73 4.90 -46.35
C PHE F 4 32.36 5.30 -45.02
N LEU F 5 32.06 6.52 -44.56
CA LEU F 5 32.59 7.05 -43.31
C LEU F 5 32.12 6.24 -42.10
N LYS F 6 30.91 5.69 -42.20
CA LYS F 6 30.33 4.85 -41.16
C LYS F 6 30.96 3.46 -41.10
N GLN F 7 31.38 2.96 -42.26
CA GLN F 7 32.11 1.69 -42.42
C GLN F 7 33.53 1.77 -41.86
N LEU F 8 34.10 2.98 -41.91
CA LEU F 8 35.46 3.31 -41.44
C LEU F 8 35.65 3.00 -39.95
N PRO F 9 36.85 2.48 -39.56
CA PRO F 9 37.10 2.06 -38.16
C PRO F 9 36.95 3.20 -37.15
N HIS F 10 36.59 2.87 -35.91
CA HIS F 10 36.23 3.88 -34.91
C HIS F 10 36.92 3.64 -33.57
N LEU F 11 37.55 4.67 -33.03
CA LEU F 11 38.10 4.66 -31.68
C LEU F 11 37.74 5.93 -30.93
N GLU F 12 36.83 5.80 -29.98
CA GLU F 12 36.37 6.91 -29.14
C GLU F 12 37.53 7.37 -28.26
N PRO F 13 37.83 8.70 -28.22
CA PRO F 13 39.05 9.19 -27.56
C PRO F 13 39.01 8.93 -26.05
N TYR F 14 40.05 8.25 -25.55
CA TYR F 14 40.16 7.77 -24.16
C TYR F 14 38.91 6.98 -23.70
N GLY F 15 38.41 6.14 -24.60
CA GLY F 15 37.20 5.34 -24.37
C GLY F 15 37.43 4.15 -23.46
N ASN F 16 38.64 3.61 -23.51
CA ASN F 16 39.06 2.50 -22.65
C ASN F 16 40.59 2.60 -22.37
N PRO F 17 41.11 1.81 -21.40
CA PRO F 17 42.56 1.75 -21.17
C PRO F 17 43.39 1.32 -22.39
N PHE F 18 42.84 0.39 -23.17
CA PHE F 18 43.55 -0.26 -24.29
C PHE F 18 43.77 0.66 -25.50
N TYR F 19 43.05 1.80 -25.49
CA TYR F 19 43.22 2.93 -26.42
C TYR F 19 44.63 3.52 -26.33
N PHE F 20 45.15 3.65 -25.10
CA PHE F 20 46.45 4.25 -24.84
C PHE F 20 47.63 3.43 -25.38
N ILE F 21 47.40 2.14 -25.64
CA ILE F 21 48.39 1.28 -26.29
C ILE F 21 48.63 1.78 -27.72
N TYR F 22 47.55 2.05 -28.45
CA TYR F 22 47.62 2.60 -29.81
C TYR F 22 48.32 3.96 -29.83
N LEU F 23 47.76 4.91 -29.10
CA LEU F 23 48.27 6.27 -29.01
C LEU F 23 49.70 6.34 -28.46
N GLY F 24 50.02 5.43 -27.54
CA GLY F 24 51.36 5.29 -26.97
C GLY F 24 52.39 4.90 -28.01
N ILE F 25 52.10 3.83 -28.75
CA ILE F 25 52.94 3.37 -29.85
C ILE F 25 53.10 4.47 -30.90
N ALA F 26 51.97 5.08 -31.28
CA ALA F 26 51.90 6.13 -32.29
C ALA F 26 52.73 7.39 -31.98
N LEU F 27 52.65 7.87 -30.73
CA LEU F 27 53.34 9.10 -30.33
C LEU F 27 54.81 8.89 -29.97
N LEU F 28 55.20 7.62 -29.78
CA LEU F 28 56.55 7.26 -29.33
C LEU F 28 57.68 7.90 -30.17
N PRO F 29 57.58 7.89 -31.53
CA PRO F 29 58.55 8.62 -32.34
C PRO F 29 58.61 10.13 -32.06
N ILE F 30 57.46 10.78 -31.91
CA ILE F 30 57.38 12.22 -31.60
C ILE F 30 58.15 12.53 -30.32
N PHE F 31 57.85 11.80 -29.25
CA PHE F 31 58.48 12.00 -27.94
C PHE F 31 59.99 11.76 -27.95
N ILE F 32 60.43 10.62 -28.51
CA ILE F 32 61.86 10.32 -28.71
C ILE F 32 62.54 11.44 -29.53
N GLY F 33 61.84 11.92 -30.56
CA GLY F 33 62.30 13.03 -31.40
C GLY F 33 62.61 14.31 -30.65
N LEU F 34 61.73 14.69 -29.73
CA LEU F 34 61.88 15.91 -28.93
C LEU F 34 63.14 15.95 -28.05
N PHE F 35 63.69 14.78 -27.72
CA PHE F 35 64.95 14.67 -26.97
C PHE F 35 66.15 15.13 -27.79
N PHE F 36 66.00 15.11 -29.10
CA PHE F 36 67.02 15.58 -30.04
C PHE F 36 66.57 16.89 -30.70
N LYS F 37 65.68 17.60 -30.00
CA LYS F 37 65.18 18.93 -30.37
C LYS F 37 64.59 19.05 -31.80
N LYS F 38 64.02 17.96 -32.30
CA LYS F 38 63.43 17.91 -33.64
C LYS F 38 61.97 17.43 -33.62
N ARG F 39 61.17 17.98 -34.52
CA ARG F 39 59.78 17.54 -34.72
C ARG F 39 59.60 16.99 -36.12
N PHE F 40 58.74 15.97 -36.26
CA PHE F 40 58.42 15.42 -37.58
C PHE F 40 57.08 15.98 -38.06
N ALA F 41 57.16 17.19 -38.62
CA ALA F 41 56.01 17.99 -39.06
C ALA F 41 54.92 17.22 -39.79
N ILE F 42 55.33 16.45 -40.81
CA ILE F 42 54.39 15.66 -41.61
C ILE F 42 53.75 14.53 -40.78
N TYR F 43 54.58 13.77 -40.06
CA TYR F 43 54.14 12.63 -39.24
C TYR F 43 53.20 13.05 -38.11
N GLU F 44 53.46 14.23 -37.54
CA GLU F 44 52.62 14.79 -36.48
C GLU F 44 51.21 15.11 -36.97
N CYS F 45 51.08 15.64 -38.19
CA CYS F 45 49.74 15.91 -38.75
C CYS F 45 49.02 14.61 -39.15
N LEU F 46 49.77 13.64 -39.67
CA LEU F 46 49.20 12.35 -40.08
C LEU F 46 48.59 11.61 -38.89
N VAL F 47 49.38 11.44 -37.83
CA VAL F 47 48.92 10.80 -36.59
C VAL F 47 47.79 11.60 -35.90
N SER F 48 47.81 12.92 -36.04
CA SER F 48 46.73 13.79 -35.56
C SER F 48 45.43 13.57 -36.34
N ILE F 49 45.51 13.61 -37.68
CA ILE F 49 44.36 13.40 -38.55
C ILE F 49 43.74 12.01 -38.35
N THR F 50 44.58 10.99 -38.16
CA THR F 50 44.09 9.62 -37.95
C THR F 50 43.20 9.56 -36.72
N PHE F 51 43.73 10.02 -35.58
CA PHE F 51 43.02 9.98 -34.31
C PHE F 51 41.80 10.91 -34.24
N ILE F 52 41.87 12.08 -34.87
CA ILE F 52 40.70 12.96 -35.02
C ILE F 52 39.61 12.27 -35.85
N VAL F 53 40.01 11.63 -36.96
CA VAL F 53 39.09 10.92 -37.83
C VAL F 53 38.45 9.74 -37.08
N LEU F 54 39.31 8.92 -36.44
CA LEU F 54 38.86 7.78 -35.65
C LEU F 54 37.94 8.16 -34.48
N ALA F 55 38.14 9.36 -33.93
CA ALA F 55 37.28 9.91 -32.89
C ALA F 55 35.91 10.34 -33.42
N LEU F 56 35.85 10.58 -34.73
CA LEU F 56 34.65 11.11 -35.39
C LEU F 56 33.91 10.11 -36.27
N THR F 57 34.49 8.93 -36.46
CA THR F 57 33.93 7.90 -37.34
C THR F 57 32.88 7.02 -36.65
N GLY F 58 32.02 7.64 -35.85
CA GLY F 58 30.98 6.94 -35.14
C GLY F 58 29.80 6.50 -35.95
N THR F 59 28.67 6.37 -35.26
CA THR F 59 27.39 6.07 -35.90
C THR F 59 26.85 7.32 -36.59
N HIS F 60 27.19 8.50 -36.06
CA HIS F 60 27.11 9.74 -36.85
C HIS F 60 28.50 10.17 -37.34
N ALA F 61 29.01 9.40 -38.30
CA ALA F 61 30.32 9.64 -38.93
C ALA F 61 30.26 10.77 -39.98
N SER F 62 29.05 11.10 -40.43
CA SER F 62 28.81 12.19 -41.38
C SER F 62 29.38 13.54 -40.94
N GLN F 63 29.59 13.68 -39.64
CA GLN F 63 30.16 14.89 -39.04
C GLN F 63 31.56 15.26 -39.57
N ILE F 64 32.29 14.29 -40.12
CA ILE F 64 33.62 14.53 -40.69
C ILE F 64 33.54 15.60 -41.78
N LEU F 65 32.48 15.53 -42.60
CA LEU F 65 32.17 16.53 -43.61
C LEU F 65 31.89 17.89 -42.98
N ALA F 66 31.14 17.89 -41.88
CA ALA F 66 30.90 19.12 -41.10
C ALA F 66 32.20 19.74 -40.57
N LEU F 67 33.15 18.88 -40.19
CA LEU F 67 34.48 19.33 -39.78
C LEU F 67 35.25 19.89 -40.98
N LEU F 68 35.23 19.16 -42.09
CA LEU F 68 35.85 19.61 -43.35
C LEU F 68 35.32 20.96 -43.83
N PHE F 69 34.00 21.14 -43.76
CA PHE F 69 33.37 22.43 -44.01
C PHE F 69 33.93 23.49 -43.06
N TYR F 70 33.96 23.15 -41.77
CA TYR F 70 34.42 24.04 -40.70
C TYR F 70 35.84 24.58 -40.93
N ILE F 71 36.78 23.69 -41.27
CA ILE F 71 38.19 24.09 -41.50
C ILE F 71 38.30 25.08 -42.67
N VAL F 72 37.58 24.79 -43.76
CA VAL F 72 37.52 25.67 -44.95
C VAL F 72 36.93 27.04 -44.56
N TRP F 73 35.76 27.02 -43.92
CA TRP F 73 35.06 28.22 -43.46
C TRP F 73 35.92 29.08 -42.55
N GLN F 74 36.64 28.45 -41.62
CA GLN F 74 37.53 29.18 -40.70
C GLN F 74 38.76 29.78 -41.40
N ILE F 75 39.39 29.02 -42.29
CA ILE F 75 40.52 29.52 -43.10
C ILE F 75 40.13 30.82 -43.83
N ILE F 76 38.99 30.77 -44.52
CA ILE F 76 38.42 31.94 -45.21
C ILE F 76 38.37 33.17 -44.29
N TRP F 77 37.64 33.08 -43.18
CA TRP F 77 37.38 34.25 -42.35
C TRP F 77 38.51 34.67 -41.41
N VAL F 78 39.40 33.73 -41.07
CA VAL F 78 40.62 34.07 -40.31
C VAL F 78 41.57 34.84 -41.24
N TYR F 79 41.80 34.30 -42.42
CA TYR F 79 42.64 34.98 -43.41
C TYR F 79 42.04 36.27 -43.94
N SER F 80 40.71 36.31 -44.09
CA SER F 80 39.99 37.54 -44.44
C SER F 80 40.30 38.67 -43.48
N TYR F 81 40.28 38.37 -42.17
CA TYR F 81 40.62 39.35 -41.16
C TYR F 81 42.12 39.67 -41.14
N LYS F 82 42.95 38.65 -41.36
CA LYS F 82 44.41 38.82 -41.37
C LYS F 82 44.82 39.82 -42.45
N ARG F 83 44.31 39.60 -43.66
CA ARG F 83 44.49 40.45 -44.84
C ARG F 83 44.04 41.89 -44.55
N TYR F 84 42.84 42.01 -43.96
CA TYR F 84 42.27 43.31 -43.62
C TYR F 84 43.06 44.07 -42.56
N ARG F 85 43.47 43.37 -41.50
CA ARG F 85 44.09 43.98 -40.32
C ARG F 85 45.46 44.63 -40.58
N SER F 86 46.12 44.20 -41.67
CA SER F 86 47.38 44.78 -42.14
C SER F 86 47.25 46.28 -42.40
N GLN F 87 46.20 46.68 -43.10
CA GLN F 87 45.99 48.06 -43.55
C GLN F 87 45.10 48.84 -42.58
N ARG F 88 43.81 48.51 -42.57
CA ARG F 88 42.84 49.21 -41.73
C ARG F 88 42.55 48.44 -40.42
N ASP F 89 41.91 49.12 -39.46
CA ASP F 89 41.38 48.49 -38.25
C ASP F 89 40.11 49.20 -37.76
N ASN F 90 38.97 48.55 -37.98
CA ASN F 90 37.66 49.10 -37.65
C ASN F 90 36.96 48.19 -36.67
N LYS F 91 36.09 48.79 -35.84
CA LYS F 91 35.25 48.11 -34.86
C LYS F 91 34.37 47.05 -35.51
N TRP F 92 33.50 47.48 -36.40
CA TRP F 92 32.42 46.65 -36.95
C TRP F 92 32.92 45.55 -37.87
N VAL F 93 34.04 45.79 -38.54
CA VAL F 93 34.70 44.77 -39.38
C VAL F 93 35.12 43.59 -38.49
N PHE F 94 35.77 43.93 -37.36
CA PHE F 94 36.15 42.98 -36.32
C PHE F 94 34.93 42.24 -35.76
N TYR F 95 33.83 42.98 -35.53
CA TYR F 95 32.59 42.38 -35.06
C TYR F 95 32.00 41.39 -36.07
N LEU F 96 32.04 41.77 -37.35
CA LEU F 96 31.57 40.91 -38.43
C LEU F 96 32.37 39.60 -38.53
N HIS F 97 33.69 39.73 -38.47
CA HIS F 97 34.59 38.58 -38.53
C HIS F 97 34.47 37.68 -37.30
N SER F 98 34.22 38.28 -36.14
CA SER F 98 33.92 37.55 -34.92
C SER F 98 32.63 36.76 -35.05
N PHE F 99 31.55 37.45 -35.44
CA PHE F 99 30.25 36.84 -35.68
C PHE F 99 30.33 35.65 -36.66
N LEU F 100 31.07 35.84 -37.75
CA LEU F 100 31.17 34.82 -38.80
C LEU F 100 31.96 33.58 -38.38
N VAL F 101 32.98 33.78 -37.56
CA VAL F 101 33.79 32.69 -37.00
C VAL F 101 32.99 31.85 -36.00
N VAL F 102 32.12 32.51 -35.23
CA VAL F 102 31.24 31.82 -34.27
C VAL F 102 29.90 31.35 -34.86
N LEU F 103 29.54 31.84 -36.05
CA LEU F 103 28.23 31.54 -36.68
C LEU F 103 27.89 30.04 -36.84
N PRO F 104 28.87 29.17 -37.23
CA PRO F 104 28.55 27.74 -37.23
C PRO F 104 28.17 27.22 -35.83
N LEU F 105 28.92 27.62 -34.80
CA LEU F 105 28.62 27.28 -33.41
C LEU F 105 27.25 27.82 -32.99
N ILE F 106 26.93 29.07 -33.37
CA ILE F 106 25.61 29.68 -33.08
C ILE F 106 24.50 28.86 -33.76
N LEU F 107 24.73 28.45 -35.00
CA LEU F 107 23.76 27.65 -35.72
C LEU F 107 23.53 26.28 -35.08
N VAL F 108 24.60 25.65 -34.59
CA VAL F 108 24.53 24.34 -33.89
C VAL F 108 23.71 24.42 -32.61
N LYS F 109 23.97 25.47 -31.82
CA LYS F 109 23.25 25.71 -30.57
C LYS F 109 21.78 26.09 -30.81
N VAL F 110 21.54 27.03 -31.72
CA VAL F 110 20.20 27.56 -32.00
C VAL F 110 19.27 26.52 -32.64
N GLU F 111 19.84 25.63 -33.46
CA GLU F 111 19.07 24.67 -34.26
C GLU F 111 17.96 23.89 -33.51
N PRO F 112 18.31 23.14 -32.43
CA PRO F 112 17.26 22.31 -31.82
C PRO F 112 16.13 23.10 -31.12
N THR F 113 16.31 24.41 -30.94
CA THR F 113 15.23 25.30 -30.50
C THR F 113 14.17 25.44 -31.60
N ILE F 114 14.63 25.69 -32.83
CA ILE F 114 13.76 25.77 -34.00
C ILE F 114 13.28 24.36 -34.40
N ASN F 115 14.23 23.47 -34.62
CA ASN F 115 14.02 22.20 -35.30
C ASN F 115 13.52 21.07 -34.40
N GLY F 116 14.14 20.97 -33.23
CA GLY F 116 14.01 19.77 -32.40
C GLY F 116 15.06 18.73 -32.79
N THR F 117 15.87 19.07 -33.78
CA THR F 117 16.97 18.22 -34.27
C THR F 117 18.27 18.99 -34.42
N GLN F 118 19.35 18.26 -34.64
CA GLN F 118 20.71 18.83 -34.75
C GLN F 118 20.91 19.64 -36.03
N SER F 119 21.95 20.48 -36.02
CA SER F 119 22.44 21.17 -37.22
C SER F 119 23.31 20.22 -38.03
N LEU F 120 23.36 20.46 -39.34
CA LEU F 120 24.23 19.72 -40.24
C LEU F 120 25.71 20.07 -40.02
N LEU F 121 25.96 21.30 -39.57
CA LEU F 121 27.31 21.80 -39.30
C LEU F 121 27.95 21.22 -38.04
N ASN F 122 27.13 20.54 -37.22
CA ASN F 122 27.57 19.94 -35.97
C ASN F 122 28.55 18.77 -36.11
N PHE F 123 29.67 18.89 -35.39
CA PHE F 123 30.67 17.83 -35.24
C PHE F 123 31.21 17.91 -33.81
N LEU F 124 31.92 16.88 -33.35
CA LEU F 124 32.22 16.70 -31.93
C LEU F 124 32.91 17.89 -31.24
N GLY F 125 34.14 18.21 -31.60
CA GLY F 125 34.87 19.26 -30.87
C GLY F 125 34.47 20.72 -31.10
N ILE F 126 33.35 20.94 -31.80
CA ILE F 126 32.97 22.27 -32.35
C ILE F 126 32.96 23.40 -31.31
N SER F 127 32.44 23.10 -30.12
CA SER F 127 32.32 24.08 -29.04
C SER F 127 33.67 24.51 -28.49
N TYR F 128 34.65 23.60 -28.56
CA TYR F 128 35.97 23.85 -28.00
C TYR F 128 36.95 24.35 -29.04
N LEU F 129 36.72 23.99 -30.30
CA LEU F 129 37.50 24.49 -31.44
C LEU F 129 37.26 25.97 -31.72
N THR F 130 35.99 26.39 -31.63
CA THR F 130 35.58 27.78 -31.91
C THR F 130 36.33 28.80 -31.05
N PHE F 131 36.59 28.47 -29.78
CA PHE F 131 37.40 29.32 -28.90
C PHE F 131 38.80 29.59 -29.44
N ARG F 132 39.39 28.57 -30.07
CA ARG F 132 40.72 28.67 -30.67
C ARG F 132 40.67 29.59 -31.90
N ALA F 133 39.62 29.43 -32.71
CA ALA F 133 39.38 30.23 -33.91
C ALA F 133 39.11 31.73 -33.63
N VAL F 134 38.12 32.04 -32.78
CA VAL F 134 37.83 33.45 -32.40
C VAL F 134 39.02 34.08 -31.71
N GLY F 135 39.72 33.27 -30.90
CA GLY F 135 40.96 33.66 -30.23
C GLY F 135 41.91 34.42 -31.11
N MET F 136 42.09 33.92 -32.33
CA MET F 136 42.93 34.60 -33.33
C MET F 136 42.38 35.90 -33.88
N ILE F 137 41.07 35.96 -34.11
CA ILE F 137 40.41 37.21 -34.51
C ILE F 137 40.60 38.29 -33.43
N ILE F 138 40.43 37.91 -32.16
CA ILE F 138 40.65 38.82 -31.02
C ILE F 138 42.12 39.22 -30.90
N GLU F 139 43.03 38.26 -31.06
CA GLU F 139 44.47 38.52 -30.95
C GLU F 139 45.02 39.40 -32.08
N MET F 140 44.44 39.27 -33.28
CA MET F 140 44.78 40.13 -34.42
C MET F 140 44.24 41.55 -34.22
N ARG F 141 43.04 41.64 -33.66
CA ARG F 141 42.40 42.92 -33.33
C ARG F 141 43.25 43.75 -32.37
N ASP F 142 43.78 43.10 -31.34
CA ASP F 142 44.60 43.75 -30.33
C ASP F 142 46.03 44.02 -30.82
N GLY F 143 46.33 43.59 -32.04
CA GLY F 143 47.63 43.83 -32.67
C GLY F 143 48.78 43.04 -32.06
N VAL F 144 48.43 42.04 -31.23
CA VAL F 144 49.42 41.20 -30.58
C VAL F 144 49.81 39.99 -31.46
N LEU F 145 49.01 39.73 -32.49
CA LEU F 145 49.33 38.73 -33.52
C LEU F 145 49.41 39.39 -34.90
N LYS F 146 50.48 39.06 -35.63
CA LYS F 146 50.70 39.59 -36.99
C LYS F 146 51.12 38.51 -38.00
N GLU F 147 52.10 37.69 -37.64
CA GLU F 147 52.63 36.65 -38.55
C GLU F 147 52.14 35.27 -38.14
N PHE F 148 51.66 34.49 -39.13
CA PHE F 148 51.42 33.05 -38.93
C PHE F 148 51.26 32.26 -40.23
N THR F 149 51.85 31.05 -40.24
CA THR F 149 51.65 30.04 -41.29
C THR F 149 50.23 29.48 -41.21
N LEU F 150 49.73 28.95 -42.32
CA LEU F 150 48.53 28.09 -42.33
C LEU F 150 48.75 26.84 -41.47
N GLY F 151 49.99 26.34 -41.48
CA GLY F 151 50.42 25.23 -40.64
C GLY F 151 50.33 25.52 -39.16
N GLU F 152 50.82 26.69 -38.76
CA GLU F 152 50.74 27.15 -37.36
C GLU F 152 49.31 27.32 -36.85
N PHE F 153 48.45 27.87 -37.71
CA PHE F 153 47.02 28.06 -37.42
C PHE F 153 46.29 26.73 -37.32
N LEU F 154 46.55 25.82 -38.26
CA LEU F 154 45.93 24.50 -38.27
C LEU F 154 46.37 23.61 -37.11
N ARG F 155 47.67 23.57 -36.82
CA ARG F 155 48.22 22.79 -35.68
C ARG F 155 47.58 23.20 -34.37
N PHE F 156 47.37 24.50 -34.18
CA PHE F 156 46.76 25.05 -33.00
C PHE F 156 45.27 24.73 -32.94
N MET F 157 44.53 25.19 -33.94
CA MET F 157 43.07 25.09 -33.93
C MET F 157 42.56 23.66 -33.82
N LEU F 158 43.18 22.74 -34.55
CA LEU F 158 42.77 21.34 -34.48
C LEU F 158 43.87 20.43 -33.92
N PHE F 159 44.43 20.86 -32.79
CA PHE F 159 45.36 20.08 -31.95
C PHE F 159 44.66 18.82 -31.48
N MET F 160 45.31 17.69 -31.68
CA MET F 160 44.69 16.36 -31.50
C MET F 160 44.23 15.96 -30.06
N PRO F 161 45.10 16.14 -29.02
CA PRO F 161 44.69 15.71 -27.66
C PRO F 161 43.55 16.52 -27.04
N THR F 162 43.43 17.78 -27.43
CA THR F 162 42.44 18.68 -26.85
C THR F 162 41.28 18.94 -27.81
N PHE F 163 41.04 18.00 -28.73
CA PHE F 163 40.08 18.21 -29.82
C PHE F 163 38.63 18.20 -29.35
N THR F 164 38.23 17.06 -28.79
CA THR F 164 36.83 16.75 -28.52
C THR F 164 36.19 17.62 -27.44
N SER F 165 36.95 17.90 -26.38
CA SER F 165 36.46 18.61 -25.19
C SER F 165 37.60 19.24 -24.40
N GLY F 166 38.83 18.94 -24.82
CA GLY F 166 40.06 19.21 -24.06
C GLY F 166 40.28 20.68 -23.81
N PRO F 167 41.22 21.02 -22.89
CA PRO F 167 41.43 22.39 -22.40
C PRO F 167 41.52 23.44 -23.52
N ILE F 168 40.82 24.56 -23.32
CA ILE F 168 40.83 25.68 -24.25
C ILE F 168 42.21 26.36 -24.24
N ASP F 169 42.73 26.69 -25.41
CA ASP F 169 44.05 27.33 -25.51
C ASP F 169 44.02 28.65 -26.29
N ARG F 170 45.04 29.47 -26.04
CA ARG F 170 45.24 30.73 -26.75
C ARG F 170 46.43 30.54 -27.70
N PHE F 171 46.38 31.21 -28.85
CA PHE F 171 47.38 31.01 -29.93
C PHE F 171 48.81 31.38 -29.54
N LYS F 172 49.02 32.59 -29.04
CA LYS F 172 50.36 33.09 -28.72
C LYS F 172 51.10 32.16 -27.76
N ARG F 173 50.38 31.67 -26.76
CA ARG F 173 50.92 30.77 -25.74
C ARG F 173 51.18 29.35 -26.31
N PHE F 174 50.23 28.83 -27.09
CA PHE F 174 50.38 27.51 -27.72
C PHE F 174 51.52 27.51 -28.73
N ASN F 175 51.60 28.57 -29.53
CA ASN F 175 52.57 28.67 -30.61
C ASN F 175 54.00 28.73 -30.08
N GLU F 176 54.23 29.58 -29.08
CA GLU F 176 55.54 29.73 -28.45
C GLU F 176 56.01 28.42 -27.78
N ASP F 177 55.07 27.72 -27.14
CA ASP F 177 55.32 26.42 -26.49
C ASP F 177 55.77 25.38 -27.52
N TYR F 178 55.07 25.36 -28.65
CA TYR F 178 55.39 24.46 -29.77
C TYR F 178 56.69 24.88 -30.46
N GLN F 179 56.94 26.19 -30.50
CA GLN F 179 58.09 26.79 -31.19
C GLN F 179 59.41 26.39 -30.57
N SER F 180 59.48 26.43 -29.24
CA SER F 180 60.68 26.04 -28.49
C SER F 180 60.45 24.75 -27.71
N ILE F 181 61.06 23.68 -28.20
CA ILE F 181 61.00 22.36 -27.58
C ILE F 181 61.72 22.43 -26.23
N PRO F 182 61.02 22.03 -25.14
CA PRO F 182 61.61 22.00 -23.80
C PRO F 182 62.85 21.10 -23.71
N ASN F 183 63.77 21.48 -22.83
CA ASN F 183 65.07 20.80 -22.67
C ASN F 183 64.95 19.40 -22.06
N ARG F 184 66.04 18.63 -22.15
CA ARG F 184 66.06 17.18 -21.91
C ARG F 184 65.38 16.69 -20.63
N ASP F 185 65.72 17.28 -19.49
CA ASP F 185 65.17 16.82 -18.20
C ASP F 185 63.80 17.40 -17.85
N GLU F 186 63.48 18.57 -18.39
CA GLU F 186 62.14 19.16 -18.32
C GLU F 186 61.15 18.31 -19.13
N LEU F 187 61.66 17.74 -20.22
CA LEU F 187 60.91 16.84 -21.08
C LEU F 187 60.63 15.50 -20.39
N LEU F 188 61.63 14.99 -19.66
CA LEU F 188 61.50 13.76 -18.87
C LEU F 188 60.55 13.96 -17.69
N ASN F 189 60.55 15.18 -17.16
CA ASN F 189 59.63 15.62 -16.12
C ASN F 189 58.19 15.56 -16.58
N MET F 190 57.95 15.90 -17.84
CA MET F 190 56.62 15.83 -18.47
C MET F 190 56.15 14.40 -18.66
N LEU F 191 57.09 13.48 -18.92
CA LEU F 191 56.81 12.05 -19.04
C LEU F 191 56.35 11.49 -17.70
N GLU F 192 57.01 11.94 -16.64
CA GLU F 192 56.66 11.58 -15.27
C GLU F 192 55.27 12.08 -14.92
N GLN F 193 54.97 13.31 -15.30
CA GLN F 193 53.65 13.92 -15.09
C GLN F 193 52.57 13.27 -15.96
N ALA F 194 52.94 12.83 -17.17
CA ALA F 194 52.02 12.16 -18.08
C ALA F 194 51.60 10.79 -17.57
N VAL F 195 52.57 10.03 -17.07
CA VAL F 195 52.32 8.69 -16.52
C VAL F 195 51.51 8.77 -15.20
N LYS F 196 51.69 9.87 -14.47
CA LYS F 196 50.90 10.19 -13.26
C LYS F 196 49.44 10.50 -13.63
N TYR F 197 49.26 11.42 -14.59
CA TYR F 197 47.95 11.88 -15.06
C TYR F 197 47.07 10.78 -15.68
N ILE F 198 47.72 9.80 -16.31
CA ILE F 198 47.03 8.64 -16.87
C ILE F 198 46.50 7.74 -15.75
N MET F 199 47.35 7.46 -14.75
CA MET F 199 46.98 6.66 -13.58
C MET F 199 45.77 7.23 -12.85
N LEU F 200 45.79 8.54 -12.59
CA LEU F 200 44.69 9.26 -11.95
C LEU F 200 43.42 9.24 -12.80
N GLY F 201 43.56 9.56 -14.08
CA GLY F 201 42.48 9.53 -15.06
C GLY F 201 41.75 8.19 -15.13
N PHE F 202 42.53 7.10 -15.04
CA PHE F 202 41.99 5.74 -14.96
C PHE F 202 41.02 5.62 -13.78
N LEU F 203 41.48 6.04 -12.60
CA LEU F 203 40.67 6.02 -11.38
C LEU F 203 39.46 6.93 -11.48
N TYR F 204 39.69 8.17 -11.91
CA TYR F 204 38.65 9.20 -12.03
C TYR F 204 37.53 8.80 -12.98
N LYS F 205 37.88 8.39 -14.20
CA LYS F 205 36.88 8.14 -15.24
C LYS F 205 36.30 6.73 -15.26
N PHE F 206 37.16 5.71 -15.17
CA PHE F 206 36.68 4.33 -15.28
C PHE F 206 36.23 3.69 -13.97
N VAL F 207 36.73 4.20 -12.84
CA VAL F 207 36.35 3.71 -11.52
C VAL F 207 35.30 4.62 -10.86
N LEU F 208 35.69 5.84 -10.50
CA LEU F 208 34.86 6.72 -9.68
C LEU F 208 33.61 7.27 -10.39
N ALA F 209 33.80 7.79 -11.60
CA ALA F 209 32.69 8.29 -12.43
C ALA F 209 31.70 7.18 -12.80
N GLN F 210 32.19 5.94 -12.76
CA GLN F 210 31.37 4.76 -12.97
C GLN F 210 30.44 4.51 -11.80
N ILE F 211 31.00 4.60 -10.58
CA ILE F 211 30.24 4.38 -9.33
C ILE F 211 29.16 5.45 -9.15
N PHE F 212 29.55 6.71 -9.32
CA PHE F 212 28.59 7.80 -9.21
C PHE F 212 27.59 7.79 -10.35
N GLY F 213 28.10 7.74 -11.59
CA GLY F 213 27.29 7.95 -12.78
C GLY F 213 26.34 6.82 -13.19
N SER F 214 26.90 5.62 -13.32
CA SER F 214 26.14 4.49 -13.86
C SER F 214 25.58 3.55 -12.80
N MET F 215 26.11 3.64 -11.58
CA MET F 215 25.69 2.80 -10.45
C MET F 215 24.70 3.45 -9.49
N LEU F 216 25.06 4.61 -8.93
CA LEU F 216 24.25 5.30 -7.93
C LEU F 216 23.19 6.23 -8.52
N LEU F 217 23.58 6.99 -9.54
CA LEU F 217 22.70 8.01 -10.15
C LEU F 217 21.38 7.49 -10.77
N PRO F 218 21.42 6.39 -11.57
CA PRO F 218 20.15 5.94 -12.18
C PRO F 218 19.02 5.52 -11.20
N PRO F 219 19.29 4.69 -10.16
CA PRO F 219 18.19 4.41 -9.23
C PRO F 219 17.76 5.60 -8.36
N LEU F 220 18.70 6.48 -8.04
CA LEU F 220 18.40 7.71 -7.29
C LEU F 220 17.44 8.63 -8.04
N LYS F 221 17.63 8.74 -9.37
CA LYS F 221 16.74 9.50 -10.26
C LYS F 221 15.36 8.84 -10.33
N ALA F 222 15.35 7.53 -10.51
CA ALA F 222 14.12 6.74 -10.59
C ALA F 222 13.25 6.95 -9.35
N GLN F 223 13.88 6.91 -8.18
CA GLN F 223 13.19 7.09 -6.91
C GLN F 223 12.66 8.52 -6.79
N ALA F 224 13.53 9.51 -7.04
CA ALA F 224 13.17 10.93 -7.03
C ALA F 224 11.96 11.25 -7.91
N LEU F 225 11.88 10.55 -9.05
CA LEU F 225 10.75 10.70 -9.98
C LEU F 225 9.45 10.17 -9.40
N SER F 226 9.49 8.98 -8.79
CA SER F 226 8.32 8.39 -8.12
C SER F 226 7.80 9.24 -6.97
N GLN F 227 8.72 9.83 -6.21
CA GLN F 227 8.42 10.70 -5.07
C GLN F 227 7.57 11.92 -5.47
N GLY F 228 7.91 12.56 -6.58
CA GLY F 228 7.20 13.75 -7.05
C GLY F 228 7.52 14.99 -6.25
N GLY F 229 6.75 16.06 -6.51
CA GLY F 229 6.97 17.36 -5.87
C GLY F 229 8.11 18.12 -6.49
N ILE F 230 8.29 19.38 -6.09
CA ILE F 230 9.35 20.23 -6.69
C ILE F 230 10.75 19.93 -6.15
N PHE F 231 10.80 19.26 -5.00
CA PHE F 231 12.05 18.75 -4.43
C PHE F 231 11.71 17.59 -3.50
N ASN F 232 12.61 16.62 -3.40
CA ASN F 232 12.52 15.58 -2.38
C ASN F 232 13.91 15.11 -1.94
N LEU F 233 13.95 14.22 -0.95
CA LEU F 233 15.22 13.73 -0.42
C LEU F 233 16.07 12.95 -1.44
N PRO F 234 15.45 12.06 -2.26
CA PRO F 234 16.27 11.48 -3.34
C PRO F 234 16.81 12.50 -4.35
N THR F 235 16.11 13.63 -4.52
CA THR F 235 16.57 14.72 -5.39
C THR F 235 17.81 15.41 -4.79
N LEU F 236 17.87 15.50 -3.45
CA LEU F 236 19.08 15.94 -2.76
C LEU F 236 20.20 14.91 -2.99
N GLY F 237 19.81 13.64 -3.13
CA GLY F 237 20.74 12.56 -3.46
C GLY F 237 21.35 12.70 -4.84
N VAL F 238 20.52 12.92 -5.86
CA VAL F 238 21.01 13.09 -7.24
C VAL F 238 21.90 14.32 -7.36
N MET F 239 21.58 15.36 -6.59
CA MET F 239 22.33 16.61 -6.58
C MET F 239 23.82 16.39 -6.29
N TYR F 240 24.11 15.63 -5.23
CA TYR F 240 25.49 15.34 -4.85
C TYR F 240 26.10 14.31 -5.77
N VAL F 241 25.38 13.22 -6.02
CA VAL F 241 25.88 12.11 -6.84
C VAL F 241 26.25 12.57 -8.26
N TYR F 242 25.35 13.30 -8.92
CA TYR F 242 25.62 13.86 -10.25
C TYR F 242 26.79 14.83 -10.19
N GLY F 243 26.78 15.72 -9.20
CA GLY F 243 27.84 16.71 -9.01
C GLY F 243 29.23 16.09 -9.03
N PHE F 244 29.43 15.05 -8.22
CA PHE F 244 30.68 14.28 -8.18
C PHE F 244 30.94 13.55 -9.50
N ASP F 245 29.89 12.99 -10.08
CA ASP F 245 29.96 12.32 -11.38
C ASP F 245 30.46 13.28 -12.47
N LEU F 246 29.83 14.47 -12.55
CA LEU F 246 30.26 15.52 -13.48
C LEU F 246 31.73 15.83 -13.28
N PHE F 247 32.15 16.08 -12.05
CA PHE F 247 33.54 16.39 -11.76
C PHE F 247 34.48 15.27 -12.17
N PHE F 248 34.22 14.03 -11.72
CA PHE F 248 35.16 12.94 -11.94
C PHE F 248 35.32 12.56 -13.41
N ASP F 249 34.20 12.58 -14.14
CA ASP F 249 34.19 12.27 -15.55
C ASP F 249 34.98 13.31 -16.34
N PHE F 250 34.72 14.58 -16.06
CA PHE F 250 35.37 15.67 -16.77
C PHE F 250 36.83 15.90 -16.38
N ALA F 251 37.12 15.78 -15.09
CA ALA F 251 38.48 15.96 -14.57
C ALA F 251 39.41 14.85 -15.03
N GLY F 252 38.86 13.63 -15.09
CA GLY F 252 39.57 12.46 -15.58
C GLY F 252 39.91 12.59 -17.05
N TYR F 253 38.91 13.01 -17.83
CA TYR F 253 39.12 13.33 -19.22
C TYR F 253 40.26 14.36 -19.37
N SER F 254 40.12 15.47 -18.66
CA SER F 254 41.08 16.57 -18.71
C SER F 254 42.51 16.11 -18.44
N MET F 255 42.66 15.16 -17.53
CA MET F 255 43.97 14.60 -17.17
C MET F 255 44.56 13.80 -18.30
N PHE F 256 43.72 12.99 -18.96
CA PHE F 256 44.10 12.26 -20.15
C PHE F 256 44.56 13.23 -21.23
N ALA F 257 43.73 14.25 -21.48
CA ALA F 257 44.03 15.32 -22.44
C ALA F 257 45.41 15.93 -22.21
N LEU F 258 45.66 16.33 -20.95
CA LEU F 258 46.94 16.91 -20.55
C LEU F 258 48.12 15.95 -20.70
N ALA F 259 47.86 14.67 -20.45
CA ALA F 259 48.89 13.63 -20.51
C ALA F 259 49.38 13.38 -21.93
N VAL F 260 48.41 13.27 -22.86
CA VAL F 260 48.70 13.05 -24.29
C VAL F 260 49.41 14.25 -24.87
N SER F 261 48.88 15.44 -24.57
CA SER F 261 49.51 16.72 -24.90
C SER F 261 50.99 16.75 -24.48
N ASN F 262 51.28 16.29 -23.26
CA ASN F 262 52.65 16.25 -22.72
C ASN F 262 53.58 15.39 -23.56
N LEU F 263 53.08 14.22 -23.98
CA LEU F 263 53.83 13.32 -24.86
C LEU F 263 54.08 13.97 -26.22
N MET F 264 53.16 14.86 -26.62
CA MET F 264 53.32 15.67 -27.83
C MET F 264 54.14 16.96 -27.61
N GLY F 265 54.81 17.04 -26.46
CA GLY F 265 55.77 18.11 -26.21
C GLY F 265 55.23 19.39 -25.61
N ILE F 266 53.98 19.74 -25.93
CA ILE F 266 53.40 20.99 -25.40
C ILE F 266 52.61 20.72 -24.12
N LYS F 267 52.54 21.74 -23.25
CA LYS F 267 51.75 21.65 -22.02
C LYS F 267 50.53 22.59 -22.05
N SER F 268 49.39 21.99 -22.40
CA SER F 268 48.09 22.64 -22.47
C SER F 268 47.66 23.15 -21.09
N PRO F 269 46.76 24.17 -21.03
CA PRO F 269 46.33 24.70 -19.73
C PRO F 269 45.56 23.67 -18.91
N ILE F 270 45.69 23.75 -17.59
CA ILE F 270 45.01 22.81 -16.68
C ILE F 270 43.55 23.22 -16.46
N ASN F 271 42.69 22.24 -16.15
CA ASN F 271 41.24 22.44 -16.00
C ASN F 271 40.71 22.49 -14.56
N PHE F 272 41.35 21.73 -13.66
CA PHE F 272 40.88 21.64 -12.27
C PHE F 272 41.99 21.78 -11.25
N ASP F 273 41.67 22.47 -10.16
CA ASP F 273 42.59 22.68 -9.04
C ASP F 273 41.86 22.58 -7.68
N LYS F 274 41.56 21.35 -7.27
CA LYS F 274 40.81 21.06 -6.03
C LYS F 274 39.60 22.00 -5.89
N PRO F 275 38.58 21.88 -6.78
CA PRO F 275 37.49 22.86 -6.79
C PRO F 275 36.59 22.91 -5.54
N PHE F 276 36.53 21.81 -4.80
CA PHE F 276 35.59 21.69 -3.67
C PHE F 276 36.03 22.30 -2.34
N ILE F 277 37.35 22.48 -2.16
CA ILE F 277 37.88 23.19 -0.99
C ILE F 277 37.81 24.72 -1.13
N SER F 278 37.14 25.21 -2.17
CA SER F 278 37.00 26.66 -2.39
C SER F 278 35.97 27.24 -1.43
N ARG F 279 36.40 28.31 -0.74
CA ARG F 279 35.61 28.99 0.29
C ARG F 279 34.68 30.02 -0.34
N ASP F 280 34.92 30.32 -1.61
CA ASP F 280 34.38 31.47 -2.30
C ASP F 280 33.80 31.03 -3.63
N MET F 281 32.79 31.73 -4.11
CA MET F 281 32.32 31.57 -5.50
C MET F 281 33.37 32.12 -6.46
N LYS F 282 33.97 33.25 -6.09
CA LYS F 282 35.13 33.82 -6.78
C LYS F 282 36.28 32.84 -6.86
N GLU F 283 36.54 32.13 -5.77
CA GLU F 283 37.59 31.12 -5.72
C GLU F 283 37.25 29.89 -6.56
N PHE F 284 35.96 29.55 -6.61
CA PHE F 284 35.50 28.36 -7.34
C PHE F 284 35.83 28.42 -8.83
N TRP F 285 35.61 29.59 -9.42
CA TRP F 285 35.89 29.79 -10.84
C TRP F 285 37.39 29.93 -11.16
N ASN F 286 38.23 29.96 -10.12
CA ASN F 286 39.67 29.83 -10.28
C ASN F 286 40.13 28.39 -10.09
N ARG F 287 39.17 27.46 -9.96
CA ARG F 287 39.46 26.06 -9.67
C ARG F 287 38.64 25.08 -10.51
N TRP F 288 37.52 25.56 -11.06
CA TRP F 288 36.62 24.74 -11.87
C TRP F 288 36.65 25.10 -13.35
N HIS F 289 36.74 24.08 -14.19
CA HIS F 289 36.86 24.20 -15.66
C HIS F 289 37.68 25.43 -16.06
N MET F 290 38.89 25.50 -15.51
CA MET F 290 39.71 26.71 -15.52
C MET F 290 39.95 27.28 -16.91
N SER F 291 40.34 26.41 -17.85
CA SER F 291 40.58 26.82 -19.25
C SER F 291 39.38 27.54 -19.87
N LEU F 292 38.16 27.08 -19.55
CA LEU F 292 36.94 27.76 -19.98
C LEU F 292 36.70 29.06 -19.23
N SER F 293 36.85 29.03 -17.91
CA SER F 293 36.64 30.18 -17.06
C SER F 293 37.63 31.30 -17.37
N PHE F 294 38.92 30.92 -17.44
CA PHE F 294 40.01 31.85 -17.72
C PHE F 294 39.89 32.48 -19.13
N TRP F 295 39.37 31.71 -20.09
CA TRP F 295 39.04 32.26 -21.41
C TRP F 295 37.95 33.33 -21.27
N PHE F 296 36.77 32.91 -20.77
CA PHE F 296 35.63 33.81 -20.57
C PHE F 296 35.95 35.05 -19.75
N ARG F 297 36.90 34.93 -18.83
CA ARG F 297 37.35 36.05 -17.99
C ARG F 297 38.00 37.12 -18.86
N ASP F 298 38.96 36.69 -19.68
CA ASP F 298 39.77 37.60 -20.48
C ASP F 298 39.11 38.06 -21.77
N PHE F 299 38.34 37.18 -22.39
CA PHE F 299 37.77 37.46 -23.71
C PHE F 299 36.33 37.95 -23.69
N VAL F 300 35.54 37.57 -22.68
CA VAL F 300 34.14 38.03 -22.59
C VAL F 300 33.96 39.05 -21.46
N PHE F 301 34.38 38.70 -20.24
CA PHE F 301 34.22 39.60 -19.08
C PHE F 301 35.03 40.88 -19.24
N MET F 302 36.37 40.77 -19.17
CA MET F 302 37.30 41.92 -19.22
C MET F 302 36.97 42.89 -20.35
N ARG F 303 36.76 42.33 -21.54
CA ARG F 303 36.41 43.09 -22.73
C ARG F 303 35.08 43.85 -22.61
N LEU F 304 34.09 43.21 -21.98
CA LEU F 304 32.77 43.82 -21.78
C LEU F 304 32.79 44.95 -20.75
N VAL F 305 33.58 44.77 -19.69
CA VAL F 305 33.68 45.78 -18.62
C VAL F 305 34.22 47.11 -19.17
N ILE F 306 35.26 47.03 -20.01
CA ILE F 306 35.85 48.21 -20.66
C ILE F 306 34.80 48.98 -21.50
N VAL F 307 34.00 48.24 -22.27
CA VAL F 307 32.91 48.80 -23.10
C VAL F 307 31.87 49.56 -22.26
N LEU F 308 31.49 48.99 -21.13
CA LEU F 308 30.51 49.61 -20.23
C LEU F 308 31.11 50.78 -19.42
N MET F 309 32.45 50.88 -19.42
CA MET F 309 33.18 51.95 -18.74
C MET F 309 33.68 53.04 -19.70
N ARG F 310 33.97 52.65 -20.94
CA ARG F 310 34.20 53.55 -22.07
C ARG F 310 32.94 54.42 -22.20
N ASN F 311 31.81 53.74 -22.42
CA ASN F 311 30.50 54.35 -22.67
C ASN F 311 29.79 54.85 -21.41
N LYS F 312 30.39 54.61 -20.24
CA LYS F 312 29.81 54.96 -18.91
C LYS F 312 28.29 54.80 -18.82
N VAL F 313 27.82 53.60 -19.19
CA VAL F 313 26.38 53.29 -19.31
C VAL F 313 25.66 53.25 -17.95
N PHE F 314 26.29 52.67 -16.94
CA PHE F 314 25.69 52.55 -15.61
C PHE F 314 26.23 53.57 -14.61
N LYS F 315 25.36 53.92 -13.65
CA LYS F 315 25.60 54.94 -12.62
C LYS F 315 26.92 54.78 -11.85
N ASN F 316 27.10 53.65 -11.17
CA ASN F 316 28.26 53.44 -10.28
C ASN F 316 29.25 52.36 -10.74
N ARG F 317 30.38 52.30 -10.04
CA ARG F 317 31.46 51.36 -10.24
C ARG F 317 31.01 49.89 -10.21
N ASN F 318 30.08 49.59 -9.30
CA ASN F 318 29.74 48.20 -8.98
C ASN F 318 28.65 47.59 -9.86
N THR F 319 27.79 48.43 -10.45
CA THR F 319 26.73 47.97 -11.36
C THR F 319 27.31 47.50 -12.69
N THR F 320 28.30 48.23 -13.21
CA THR F 320 29.03 47.81 -14.43
C THR F 320 29.77 46.48 -14.18
N SER F 321 30.24 46.27 -12.95
CA SER F 321 30.83 44.99 -12.53
C SER F 321 29.80 43.88 -12.40
N ASN F 322 28.61 44.25 -11.93
CA ASN F 322 27.54 43.29 -11.69
C ASN F 322 26.90 42.84 -12.99
N VAL F 323 26.58 43.79 -13.86
CA VAL F 323 26.00 43.52 -15.19
C VAL F 323 26.97 42.69 -16.06
N ALA F 324 28.26 43.01 -16.01
CA ALA F 324 29.30 42.24 -16.69
C ALA F 324 29.34 40.78 -16.23
N TYR F 325 29.22 40.55 -14.92
CA TYR F 325 29.14 39.20 -14.33
C TYR F 325 27.95 38.39 -14.84
N ILE F 326 26.75 38.98 -14.76
CA ILE F 326 25.49 38.33 -15.14
C ILE F 326 25.44 38.03 -16.65
N ILE F 327 25.89 38.97 -17.49
CA ILE F 327 25.99 38.75 -18.94
C ILE F 327 27.03 37.65 -19.25
N ASN F 328 28.23 37.79 -18.69
CA ASN F 328 29.35 36.86 -18.92
C ASN F 328 29.03 35.42 -18.57
N MET F 329 28.41 35.20 -17.42
CA MET F 329 28.06 33.86 -16.96
C MET F 329 26.86 33.31 -17.71
N MET F 330 26.00 34.20 -18.20
CA MET F 330 24.85 33.83 -19.02
C MET F 330 25.25 33.43 -20.44
N VAL F 331 26.19 34.16 -21.04
CA VAL F 331 26.79 33.80 -22.34
C VAL F 331 27.42 32.39 -22.26
N MET F 332 28.11 32.12 -21.15
CA MET F 332 28.65 30.79 -20.83
C MET F 332 27.56 29.72 -20.73
N GLY F 333 26.39 30.11 -20.23
CA GLY F 333 25.23 29.24 -20.18
C GLY F 333 24.72 28.92 -21.58
N PHE F 334 24.58 29.96 -22.39
CA PHE F 334 24.20 29.85 -23.82
C PHE F 334 25.18 28.95 -24.58
N TRP F 335 26.45 29.05 -24.23
CA TRP F 335 27.50 28.19 -24.79
C TRP F 335 27.28 26.71 -24.54
N HIS F 336 26.81 26.37 -23.34
CA HIS F 336 26.45 25.00 -23.02
C HIS F 336 25.27 24.50 -23.86
N GLY F 337 24.28 25.37 -24.06
CA GLY F 337 23.11 25.06 -24.88
C GLY F 337 21.99 26.05 -24.68
N ILE F 338 21.09 26.14 -25.66
CA ILE F 338 19.93 27.04 -25.57
C ILE F 338 18.72 26.27 -25.02
N THR F 339 18.85 25.75 -23.80
CA THR F 339 17.72 25.18 -23.06
C THR F 339 17.61 25.88 -21.72
N TRP F 340 16.39 25.97 -21.18
CA TRP F 340 16.09 26.79 -19.98
C TRP F 340 17.09 26.60 -18.85
N TYR F 341 17.50 25.36 -18.63
CA TYR F 341 18.34 25.00 -17.49
C TYR F 341 19.81 25.37 -17.63
N TYR F 342 20.33 25.33 -18.86
CA TYR F 342 21.68 25.85 -19.10
C TYR F 342 21.74 27.36 -18.90
N ILE F 343 20.71 28.07 -19.37
CA ILE F 343 20.57 29.51 -19.17
C ILE F 343 20.37 29.83 -17.69
N ALA F 344 19.56 29.00 -17.01
CA ALA F 344 19.37 29.07 -15.57
C ALA F 344 20.71 28.89 -14.83
N TYR F 345 21.41 27.79 -15.14
CA TYR F 345 22.76 27.52 -14.63
C TYR F 345 23.68 28.73 -14.78
N GLY F 346 23.52 29.45 -15.89
CA GLY F 346 24.24 30.68 -16.16
C GLY F 346 23.88 31.79 -15.19
N ILE F 347 22.62 32.21 -15.21
CA ILE F 347 22.12 33.32 -14.37
C ILE F 347 22.34 33.05 -12.88
N PHE F 348 22.31 31.77 -12.50
CA PHE F 348 22.60 31.29 -11.14
C PHE F 348 23.97 31.79 -10.67
N HIS F 349 25.04 31.31 -11.29
CA HIS F 349 26.41 31.77 -11.00
C HIS F 349 26.62 33.27 -11.23
N GLY F 350 25.75 33.86 -12.05
CA GLY F 350 25.73 35.30 -12.26
C GLY F 350 25.41 36.00 -10.96
N ILE F 351 24.15 35.88 -10.53
CA ILE F 351 23.69 36.46 -9.26
C ILE F 351 24.44 35.88 -8.05
N GLY F 352 24.99 34.68 -8.24
CA GLY F 352 25.87 34.05 -7.26
C GLY F 352 27.14 34.83 -7.03
N LEU F 353 27.75 35.30 -8.12
CA LEU F 353 29.00 36.07 -8.03
C LEU F 353 28.80 37.51 -7.58
N VAL F 354 27.65 38.10 -7.93
CA VAL F 354 27.35 39.47 -7.49
C VAL F 354 27.08 39.50 -5.99
N ILE F 355 26.33 38.51 -5.50
CA ILE F 355 26.08 38.31 -4.06
C ILE F 355 27.40 38.10 -3.33
N ASN F 356 28.25 37.25 -3.89
CA ASN F 356 29.56 36.97 -3.35
C ASN F 356 30.44 38.22 -3.25
N ASP F 357 30.44 39.02 -4.31
CA ASP F 357 31.26 40.23 -4.37
C ASP F 357 30.73 41.31 -3.42
N ALA F 358 29.40 41.44 -3.37
CA ALA F 358 28.69 42.38 -2.49
C ALA F 358 28.96 42.11 -1.03
N TRP F 359 29.12 40.83 -0.69
CA TRP F 359 29.47 40.40 0.66
C TRP F 359 30.88 40.83 1.04
N LEU F 360 31.86 40.64 0.15
CA LEU F 360 33.26 41.06 0.41
C LEU F 360 33.37 42.57 0.66
N ARG F 361 32.61 43.35 -0.12
CA ARG F 361 32.46 44.79 0.07
C ARG F 361 31.78 45.14 1.42
N LYS F 362 30.72 44.41 1.73
CA LYS F 362 29.98 44.58 2.99
C LYS F 362 30.76 44.17 4.22
N LYS F 363 31.55 43.10 4.13
CA LYS F 363 32.39 42.61 5.23
C LYS F 363 33.44 43.64 5.65
N LYS F 364 34.01 44.37 4.67
CA LYS F 364 34.99 45.41 4.96
C LYS F 364 34.39 46.65 5.66
N THR F 365 33.15 46.99 5.28
CA THR F 365 32.45 48.13 5.87
C THR F 365 31.75 47.78 7.20
N ILE F 366 31.42 46.51 7.41
CA ILE F 366 30.92 46.01 8.70
C ILE F 366 32.06 45.98 9.73
N ASN F 367 33.28 45.64 9.29
CA ASN F 367 34.48 45.68 10.14
C ASN F 367 34.85 47.10 10.58
N LYS F 368 34.69 48.07 9.68
CA LYS F 368 34.88 49.48 10.02
C LYS F 368 33.77 50.02 10.93
N ASP F 369 32.55 49.53 10.74
CA ASP F 369 31.39 49.84 11.59
C ASP F 369 31.57 49.34 13.02
N ARG F 370 32.22 48.19 13.16
CA ARG F 370 32.50 47.58 14.46
C ARG F 370 33.66 48.25 15.17
N LYS F 371 34.76 48.51 14.44
CA LYS F 371 35.98 49.12 15.01
C LYS F 371 35.74 50.52 15.57
N LYS F 372 34.90 51.31 14.89
CA LYS F 372 34.54 52.65 15.32
C LYS F 372 33.47 52.68 16.42
N ALA F 373 32.65 51.63 16.49
CA ALA F 373 31.64 51.47 17.54
C ALA F 373 32.16 50.72 18.77
N GLY F 374 33.47 50.47 18.81
CA GLY F 374 34.14 49.84 19.96
C GLY F 374 34.49 48.37 19.80
N LEU F 375 33.62 47.61 19.15
CA LEU F 375 33.75 46.15 18.97
C LEU F 375 35.01 45.71 18.19
N LYS F 376 35.45 44.48 18.45
CA LYS F 376 36.58 43.84 17.77
C LYS F 376 36.16 43.43 16.33
N PRO F 377 37.11 43.42 15.36
CA PRO F 377 36.86 42.88 14.01
C PRO F 377 36.22 41.47 14.01
N LEU F 378 35.31 41.23 13.05
CA LEU F 378 34.58 39.97 12.87
C LEU F 378 35.52 38.76 12.89
N PRO F 379 35.16 37.70 13.65
CA PRO F 379 36.06 36.55 13.82
C PRO F 379 36.35 35.77 12.54
N GLU F 380 37.62 35.45 12.32
CA GLU F 380 38.05 34.64 11.19
C GLU F 380 38.94 33.49 11.65
N ASN F 381 38.38 32.28 11.63
CA ASN F 381 39.01 31.08 12.22
C ASN F 381 38.61 29.83 11.43
N LYS F 382 38.99 28.66 11.97
CA LYS F 382 38.77 27.37 11.32
C LYS F 382 37.30 27.05 11.01
N TRP F 383 36.38 27.58 11.82
CA TRP F 383 34.96 27.30 11.67
C TRP F 383 34.24 28.26 10.73
N THR F 384 34.65 29.52 10.72
CA THR F 384 34.15 30.47 9.72
C THR F 384 34.61 30.05 8.33
N LYS F 385 35.88 29.64 8.23
CA LYS F 385 36.45 29.10 7.00
C LYS F 385 35.69 27.89 6.48
N ALA F 386 35.47 26.92 7.37
CA ALA F 386 34.70 25.71 7.05
C ALA F 386 33.26 26.04 6.62
N LEU F 387 32.63 26.97 7.34
CA LEU F 387 31.26 27.42 7.01
C LEU F 387 31.22 27.96 5.59
N GLY F 388 32.16 28.83 5.25
CA GLY F 388 32.35 29.36 3.90
C GLY F 388 32.42 28.25 2.85
N ILE F 389 33.34 27.31 3.08
CA ILE F 389 33.47 26.10 2.25
C ILE F 389 32.13 25.36 2.12
N PHE F 390 31.43 25.16 3.25
CA PHE F 390 30.13 24.47 3.26
C PHE F 390 29.07 25.18 2.44
N ILE F 391 28.93 26.50 2.61
CA ILE F 391 27.96 27.29 1.85
C ILE F 391 28.29 27.20 0.34
N THR F 392 29.56 27.43 -0.01
CA THR F 392 30.03 27.40 -1.40
C THR F 392 29.73 26.05 -2.05
N PHE F 393 30.18 24.98 -1.41
CA PHE F 393 29.99 23.60 -1.86
C PHE F 393 28.55 23.28 -2.25
N ASN F 394 27.59 23.76 -1.47
CA ASN F 394 26.18 23.47 -1.72
C ASN F 394 25.55 24.36 -2.77
N THR F 395 26.04 25.60 -2.87
CA THR F 395 25.64 26.52 -3.95
C THR F 395 26.08 25.91 -5.30
N VAL F 396 27.35 25.51 -5.35
CA VAL F 396 27.96 24.85 -6.49
C VAL F 396 27.22 23.55 -6.87
N MET F 397 26.89 22.73 -5.87
CA MET F 397 26.22 21.44 -6.11
C MET F 397 24.79 21.58 -6.61
N LEU F 398 24.10 22.61 -6.12
CA LEU F 398 22.72 22.90 -6.53
C LEU F 398 22.70 23.33 -7.99
N SER F 399 23.71 24.12 -8.38
CA SER F 399 23.86 24.57 -9.77
C SER F 399 24.03 23.39 -10.73
N PHE F 400 24.81 22.38 -10.31
CA PHE F 400 25.00 21.15 -11.08
C PHE F 400 23.73 20.32 -11.24
N LEU F 401 22.80 20.44 -10.28
CA LEU F 401 21.48 19.82 -10.39
C LEU F 401 20.67 20.50 -11.49
N ILE F 402 20.73 21.83 -11.53
CA ILE F 402 20.08 22.61 -12.57
C ILE F 402 20.70 22.23 -13.92
N PHE F 403 22.04 22.26 -13.95
CA PHE F 403 22.88 21.92 -15.12
C PHE F 403 22.60 20.54 -15.71
N SER F 404 22.35 19.55 -14.84
CA SER F 404 22.10 18.15 -15.22
C SER F 404 20.84 17.98 -16.07
N GLY F 405 19.96 18.99 -16.02
CA GLY F 405 18.68 18.94 -16.69
C GLY F 405 17.70 17.94 -16.06
N PHE F 406 18.03 17.44 -14.87
CA PHE F 406 17.14 16.49 -14.19
C PHE F 406 15.88 17.21 -13.69
N LEU F 407 16.01 18.47 -13.31
CA LEU F 407 14.85 19.25 -12.85
C LEU F 407 13.77 19.43 -13.93
N ASN F 408 14.17 19.21 -15.19
CA ASN F 408 13.23 19.14 -16.30
C ASN F 408 12.35 17.88 -16.22
N ASP F 409 12.97 16.76 -15.85
CA ASP F 409 12.25 15.49 -15.60
C ASP F 409 11.30 15.58 -14.41
N LEU F 410 11.78 16.21 -13.34
CA LEU F 410 11.04 16.27 -12.07
C LEU F 410 9.87 17.23 -12.11
N TRP F 411 10.07 18.40 -12.72
CA TRP F 411 9.04 19.43 -12.74
C TRP F 411 8.11 19.33 -13.94
N PHE F 412 8.66 19.05 -15.12
CA PHE F 412 7.93 19.29 -16.37
C PHE F 412 7.51 18.09 -17.23
N THR F 413 7.84 16.86 -16.81
CA THR F 413 7.34 15.63 -17.46
C THR F 413 5.80 15.60 -17.55
N LYS F 414 5.13 15.92 -16.42
CA LYS F 414 3.67 16.08 -16.32
C LYS F 414 2.85 14.89 -16.84
N MET G 4 -10.10 -64.21 35.05
CA MET G 4 -11.44 -64.39 35.70
C MET G 4 -12.59 -64.35 34.69
N ASP G 5 -13.71 -64.94 35.12
CA ASP G 5 -15.00 -64.91 34.39
C ASP G 5 -15.63 -63.51 34.46
N VAL G 6 -16.09 -63.02 33.32
CA VAL G 6 -16.74 -61.69 33.20
C VAL G 6 -18.11 -61.67 33.88
N LYS G 7 -18.91 -62.73 33.67
CA LYS G 7 -20.25 -62.87 34.25
C LYS G 7 -20.23 -62.99 35.77
N ALA G 8 -19.23 -63.70 36.30
CA ALA G 8 -19.08 -63.93 37.74
C ALA G 8 -18.70 -62.67 38.51
N GLU G 9 -17.89 -61.81 37.89
CA GLU G 9 -17.41 -60.57 38.53
C GLU G 9 -18.43 -59.44 38.53
N VAL G 10 -19.22 -59.33 37.46
CA VAL G 10 -20.35 -58.38 37.38
C VAL G 10 -21.42 -58.72 38.42
N ILE G 11 -21.71 -60.02 38.56
CA ILE G 11 -22.62 -60.55 39.59
C ILE G 11 -22.10 -60.23 41.02
N GLU G 12 -20.78 -60.27 41.19
CA GLU G 12 -20.16 -60.02 42.50
C GLU G 12 -19.80 -58.56 42.80
N ILE G 13 -19.86 -57.70 41.79
CA ILE G 13 -19.68 -56.24 41.99
C ILE G 13 -21.01 -55.54 42.32
N ILE G 14 -22.11 -56.10 41.81
CA ILE G 14 -23.45 -55.54 41.99
C ILE G 14 -23.94 -55.60 43.45
N ASP G 15 -23.60 -56.68 44.15
CA ASP G 15 -23.98 -56.83 45.57
C ASP G 15 -22.87 -56.36 46.56
N GLU G 16 -21.86 -55.66 46.03
CA GLU G 16 -20.83 -55.04 46.86
C GLU G 16 -21.20 -53.61 47.26
N LEU G 17 -21.67 -52.84 46.27
CA LEU G 17 -22.04 -51.44 46.46
C LEU G 17 -23.51 -51.26 46.86
N PHE G 18 -24.38 -52.17 46.39
CA PHE G 18 -25.83 -52.09 46.59
C PHE G 18 -26.37 -53.16 47.55
N MET G 19 -25.64 -54.27 47.65
CA MET G 19 -25.96 -55.41 48.52
C MET G 19 -27.30 -56.12 48.25
N GLU G 20 -27.41 -56.68 47.04
CA GLU G 20 -28.45 -57.65 46.69
C GLU G 20 -28.03 -58.48 45.46
N ASP G 21 -27.89 -59.78 45.68
CA ASP G 21 -27.59 -60.77 44.63
C ASP G 21 -28.73 -60.92 43.62
N VAL G 22 -28.39 -60.82 42.33
CA VAL G 22 -29.35 -61.06 41.22
C VAL G 22 -28.76 -61.96 40.12
N SER G 23 -28.20 -63.09 40.56
CA SER G 23 -27.59 -64.08 39.68
C SER G 23 -28.60 -64.99 38.98
N ASP G 24 -29.58 -65.50 39.74
CA ASP G 24 -30.59 -66.42 39.20
C ASP G 24 -31.73 -65.70 38.44
N MET G 25 -32.24 -64.61 39.02
CA MET G 25 -33.26 -63.77 38.37
C MET G 25 -32.57 -62.53 37.80
N MET G 26 -31.99 -62.72 36.60
CA MET G 26 -30.95 -61.84 36.03
C MET G 26 -31.40 -60.86 34.95
N ASP G 27 -32.49 -61.19 34.23
CA ASP G 27 -33.01 -60.33 33.16
C ASP G 27 -33.94 -59.20 33.65
N GLU G 28 -33.86 -58.91 34.95
CA GLU G 28 -34.60 -57.83 35.60
C GLU G 28 -34.06 -56.48 35.15
N ASP G 29 -34.98 -55.52 34.98
CA ASP G 29 -34.62 -54.12 34.72
C ASP G 29 -34.16 -53.49 36.04
N LEU G 30 -32.87 -53.16 36.11
CA LEU G 30 -32.20 -52.70 37.34
C LEU G 30 -32.70 -51.34 37.86
N PHE G 31 -33.19 -50.49 36.96
CA PHE G 31 -33.81 -49.21 37.31
C PHE G 31 -35.16 -49.42 38.01
N ASP G 32 -35.97 -50.33 37.45
CA ASP G 32 -37.30 -50.66 37.95
C ASP G 32 -37.29 -51.55 39.19
N ALA G 33 -36.29 -52.44 39.27
CA ALA G 33 -36.14 -53.37 40.41
C ALA G 33 -35.67 -52.69 41.71
N GLY G 34 -35.30 -51.41 41.63
CA GLY G 34 -34.88 -50.62 42.79
C GLY G 34 -33.47 -50.89 43.25
N VAL G 35 -32.59 -51.25 42.30
CA VAL G 35 -31.19 -51.57 42.58
C VAL G 35 -30.32 -50.31 42.45
N LEU G 36 -30.58 -49.52 41.41
CA LEU G 36 -29.75 -48.35 41.07
C LEU G 36 -30.48 -47.03 41.21
N ASP G 37 -29.81 -46.06 41.84
CA ASP G 37 -30.34 -44.70 41.97
C ASP G 37 -30.11 -43.90 40.68
N MET G 39 -28.06 -41.50 41.01
CA MET G 39 -26.63 -41.36 41.27
C MET G 39 -25.93 -42.73 41.28
N GLY G 40 -26.71 -43.78 41.54
CA GLY G 40 -26.20 -45.15 41.70
C GLY G 40 -25.57 -45.76 40.46
N THR G 41 -26.03 -45.35 39.28
CA THR G 41 -25.49 -45.81 38.01
C THR G 41 -24.06 -45.29 37.79
N VAL G 42 -23.85 -44.01 38.14
CA VAL G 42 -22.54 -43.35 38.10
C VAL G 42 -21.53 -44.07 39.00
N GLU G 43 -21.99 -44.49 40.18
CA GLU G 43 -21.18 -45.23 41.15
C GLU G 43 -20.78 -46.62 40.65
N LEU G 44 -21.66 -47.26 39.89
CA LEU G 44 -21.39 -48.56 39.27
C LEU G 44 -20.38 -48.45 38.13
N ILE G 45 -20.56 -47.44 37.27
CA ILE G 45 -19.68 -47.14 36.13
C ILE G 45 -18.21 -46.99 36.58
N VAL G 46 -18.01 -46.21 37.66
CA VAL G 46 -16.67 -45.97 38.25
C VAL G 46 -15.98 -47.28 38.68
N GLU G 47 -16.71 -48.13 39.39
CA GLU G 47 -16.20 -49.44 39.83
C GLU G 47 -16.09 -50.48 38.72
N LEU G 48 -16.86 -50.31 37.65
CA LEU G 48 -16.79 -51.16 36.46
C LEU G 48 -15.55 -50.83 35.64
N GLU G 49 -15.10 -49.57 35.71
CA GLU G 49 -13.86 -49.11 35.08
C GLU G 49 -12.62 -49.58 35.84
N SER G 50 -12.67 -49.46 37.18
CA SER G 50 -11.57 -49.84 38.07
C SER G 50 -11.26 -51.33 38.07
N ARG G 51 -12.30 -52.15 37.87
CA ARG G 51 -12.18 -53.61 37.91
C ARG G 51 -11.74 -54.21 36.57
N PHE G 52 -12.36 -53.74 35.49
CA PHE G 52 -12.23 -54.38 34.17
C PHE G 52 -11.21 -53.73 33.23
N ASP G 53 -10.66 -52.57 33.64
CA ASP G 53 -9.71 -51.76 32.86
C ASP G 53 -10.27 -51.24 31.51
N ILE G 54 -11.61 -51.08 31.47
CA ILE G 54 -12.32 -50.55 30.29
C ILE G 54 -12.92 -49.19 30.65
N ARG G 55 -12.88 -48.27 29.69
CA ARG G 55 -13.52 -46.97 29.81
C ARG G 55 -14.90 -47.03 29.13
N VAL G 56 -15.95 -46.74 29.91
CA VAL G 56 -17.35 -46.95 29.51
C VAL G 56 -17.94 -45.69 28.83
N PRO G 57 -18.49 -45.84 27.61
CA PRO G 57 -19.15 -44.71 26.92
C PRO G 57 -20.50 -44.39 27.54
N VAL G 58 -20.58 -43.24 28.22
CA VAL G 58 -21.81 -42.80 28.91
C VAL G 58 -22.57 -41.73 28.13
N SER G 59 -21.92 -41.16 27.12
CA SER G 59 -22.53 -40.17 26.23
C SER G 59 -23.26 -40.82 25.05
N GLU G 60 -23.11 -42.14 24.92
CA GLU G 60 -23.83 -42.94 23.93
C GLU G 60 -24.83 -43.89 24.62
N PHE G 61 -24.69 -44.01 25.95
CA PHE G 61 -25.58 -44.75 26.85
C PHE G 61 -27.06 -44.34 26.65
N GLY G 62 -27.82 -45.21 25.98
CA GLY G 62 -29.27 -45.05 25.87
C GLY G 62 -29.97 -45.68 27.06
N ARG G 63 -31.29 -45.46 27.15
CA ARG G 63 -32.08 -46.00 28.27
C ARG G 63 -32.31 -47.51 28.15
N ASP G 64 -32.50 -48.00 26.92
CA ASP G 64 -32.74 -49.41 26.65
C ASP G 64 -31.45 -50.21 26.40
N ASP G 65 -30.30 -49.52 26.44
CA ASP G 65 -29.00 -50.13 26.11
C ASP G 65 -28.46 -51.06 27.21
N TRP G 66 -28.06 -50.49 28.34
CA TRP G 66 -27.39 -51.23 29.41
C TRP G 66 -28.23 -51.19 30.70
N ASN G 67 -29.45 -51.72 30.62
CA ASN G 67 -30.41 -51.71 31.73
C ASN G 67 -30.48 -53.03 32.50
N THR G 68 -30.42 -54.14 31.77
CA THR G 68 -30.43 -55.49 32.37
C THR G 68 -29.01 -56.02 32.55
N ALA G 69 -28.82 -56.86 33.58
CA ALA G 69 -27.51 -57.41 33.95
C ALA G 69 -26.81 -58.22 32.86
N ASN G 70 -27.62 -58.92 32.05
CA ASN G 70 -27.13 -59.72 30.92
C ASN G 70 -26.59 -58.84 29.78
N LYS G 71 -27.21 -57.68 29.58
CA LYS G 71 -26.74 -56.67 28.62
C LYS G 71 -25.51 -55.91 29.13
N ILE G 72 -25.31 -55.92 30.44
CA ILE G 72 -24.12 -55.34 31.09
C ILE G 72 -22.92 -56.31 30.95
N VAL G 73 -23.17 -57.60 31.22
CA VAL G 73 -22.15 -58.67 31.06
C VAL G 73 -21.68 -58.76 29.60
N GLU G 74 -22.63 -58.87 28.67
CA GLU G 74 -22.36 -59.02 27.23
C GLU G 74 -21.73 -57.77 26.61
N GLY G 75 -22.07 -56.60 27.14
CA GLY G 75 -21.51 -55.33 26.70
C GLY G 75 -20.07 -55.07 27.16
N VAL G 76 -19.71 -55.61 28.32
CA VAL G 76 -18.35 -55.50 28.88
C VAL G 76 -17.35 -56.35 28.08
N THR G 77 -17.76 -57.55 27.68
CA THR G 77 -16.94 -58.47 26.87
C THR G 77 -16.61 -57.90 25.48
N GLU G 78 -17.61 -57.25 24.86
CA GLU G 78 -17.45 -56.59 23.55
C GLU G 78 -16.46 -55.42 23.60
N LEU G 79 -16.45 -54.71 24.72
CA LEU G 79 -15.55 -53.58 24.95
C LEU G 79 -14.17 -54.01 25.47
N ARG G 80 -14.05 -55.26 25.91
CA ARG G 80 -12.80 -55.81 26.46
C ARG G 80 -11.76 -56.15 25.39
N ASN G 81 -12.24 -56.55 24.20
CA ASN G 81 -11.37 -56.93 23.09
C ASN G 81 -11.68 -56.22 21.76
N ALA G 82 -12.96 -56.13 21.41
CA ALA G 82 -13.41 -55.53 20.14
C ALA G 82 -13.83 -54.07 20.28
N MET H 1 -17.53 -6.97 -1.77
CA MET H 1 -17.86 -8.41 -1.57
C MET H 1 -18.94 -8.60 -0.49
N ILE H 2 -18.83 -7.81 0.57
CA ILE H 2 -19.86 -7.72 1.62
C ILE H 2 -21.14 -7.10 1.05
N ASP H 3 -20.99 -5.99 0.32
CA ASP H 3 -22.10 -5.35 -0.41
C ASP H 3 -22.82 -6.25 -1.43
N PHE H 4 -22.10 -7.22 -1.98
CA PHE H 4 -22.69 -8.25 -2.86
C PHE H 4 -23.66 -9.14 -2.09
N LEU H 5 -23.21 -9.63 -0.92
CA LEU H 5 -24.01 -10.50 -0.06
C LEU H 5 -25.25 -9.80 0.48
N LYS H 6 -25.13 -8.48 0.69
CA LYS H 6 -26.23 -7.64 1.15
C LYS H 6 -27.28 -7.39 0.06
N GLN H 7 -26.81 -7.33 -1.19
CA GLN H 7 -27.65 -7.19 -2.39
C GLN H 7 -28.46 -8.48 -2.68
N LEU H 8 -27.89 -9.61 -2.28
CA LEU H 8 -28.45 -10.96 -2.45
C LEU H 8 -29.82 -11.10 -1.75
N PRO H 9 -30.77 -11.83 -2.38
CA PRO H 9 -32.15 -11.98 -1.83
C PRO H 9 -32.20 -12.61 -0.45
N HIS H 10 -33.21 -12.28 0.35
CA HIS H 10 -33.28 -12.69 1.76
C HIS H 10 -34.63 -13.29 2.15
N LEU H 11 -34.61 -14.45 2.79
CA LEU H 11 -35.79 -15.06 3.39
C LEU H 11 -35.50 -15.58 4.79
N GLU H 12 -36.02 -14.88 5.79
CA GLU H 12 -35.85 -15.22 7.20
C GLU H 12 -36.56 -16.55 7.48
N PRO H 13 -35.87 -17.52 8.12
CA PRO H 13 -36.42 -18.90 8.22
C PRO H 13 -37.69 -18.95 9.08
N TYR H 14 -38.76 -19.49 8.50
CA TYR H 14 -40.12 -19.49 9.09
C TYR H 14 -40.58 -18.09 9.54
N GLY H 15 -40.26 -17.09 8.74
CA GLY H 15 -40.55 -15.69 9.04
C GLY H 15 -42.00 -15.32 8.83
N ASN H 16 -42.66 -15.99 7.89
CA ASN H 16 -44.08 -15.80 7.60
C ASN H 16 -44.68 -17.14 7.08
N PRO H 17 -46.04 -17.23 7.00
CA PRO H 17 -46.67 -18.42 6.40
C PRO H 17 -46.26 -18.69 4.94
N PHE H 18 -46.07 -17.62 4.17
CA PHE H 18 -45.84 -17.68 2.72
C PHE H 18 -44.44 -18.23 2.35
N TYR H 19 -43.56 -18.29 3.37
CA TYR H 19 -42.25 -18.95 3.32
C TYR H 19 -42.36 -20.44 3.02
N PHE H 20 -43.37 -21.09 3.63
CA PHE H 20 -43.60 -22.53 3.48
C PHE H 20 -44.04 -22.95 2.08
N ILE H 21 -44.54 -21.99 1.29
CA ILE H 21 -44.85 -22.23 -0.12
C ILE H 21 -43.55 -22.53 -0.88
N TYR H 22 -42.52 -21.71 -0.67
CA TYR H 22 -41.20 -21.91 -1.27
C TYR H 22 -40.60 -23.24 -0.86
N LEU H 23 -40.41 -23.42 0.44
CA LEU H 23 -39.81 -24.62 1.03
C LEU H 23 -40.61 -25.89 0.72
N GLY H 24 -41.94 -25.75 0.63
CA GLY H 24 -42.84 -26.84 0.27
C GLY H 24 -42.60 -27.33 -1.15
N ILE H 25 -42.61 -26.40 -2.09
CA ILE H 25 -42.30 -26.69 -3.51
C ILE H 25 -40.91 -27.29 -3.63
N ALA H 26 -39.93 -26.67 -2.97
CA ALA H 26 -38.52 -27.08 -3.01
C ALA H 26 -38.25 -28.49 -2.50
N LEU H 27 -38.88 -28.87 -1.38
CA LEU H 27 -38.63 -30.17 -0.76
C LEU H 27 -39.47 -31.30 -1.37
N LEU H 28 -40.48 -30.93 -2.16
CA LEU H 28 -41.43 -31.89 -2.74
C LEU H 28 -40.76 -33.06 -3.51
N PRO H 29 -39.73 -32.77 -4.35
CA PRO H 29 -38.97 -33.88 -4.96
C PRO H 29 -38.29 -34.81 -3.96
N ILE H 30 -37.67 -34.26 -2.91
CA ILE H 30 -37.00 -35.05 -1.86
C ILE H 30 -37.99 -36.03 -1.23
N PHE H 31 -39.14 -35.51 -0.79
CA PHE H 31 -40.17 -36.32 -0.13
C PHE H 31 -40.75 -37.42 -1.02
N ILE H 32 -41.14 -37.06 -2.26
CA ILE H 32 -41.60 -38.03 -3.27
C ILE H 32 -40.52 -39.10 -3.52
N GLY H 33 -39.26 -38.66 -3.58
CA GLY H 33 -38.10 -39.54 -3.73
C GLY H 33 -37.97 -40.63 -2.67
N LEU H 34 -38.17 -40.25 -1.41
CA LEU H 34 -38.07 -41.17 -0.27
C LEU H 34 -39.07 -42.34 -0.32
N PHE H 35 -40.19 -42.17 -1.03
CA PHE H 35 -41.18 -43.23 -1.23
C PHE H 35 -40.66 -44.35 -2.11
N PHE H 36 -39.65 -44.03 -2.92
CA PHE H 36 -38.98 -45.00 -3.78
C PHE H 36 -37.56 -45.29 -3.26
N LYS H 37 -37.39 -45.07 -1.95
CA LYS H 37 -36.17 -45.37 -1.19
C LYS H 37 -34.87 -44.79 -1.75
N LYS H 38 -34.98 -43.62 -2.41
CA LYS H 38 -33.84 -42.93 -3.01
C LYS H 38 -33.72 -41.48 -2.51
N ARG H 39 -32.46 -41.02 -2.38
CA ARG H 39 -32.17 -39.63 -2.06
C ARG H 39 -31.41 -38.98 -3.20
N PHE H 40 -31.67 -37.69 -3.42
CA PHE H 40 -30.95 -36.91 -4.42
C PHE H 40 -29.86 -36.09 -3.77
N ALA H 41 -28.74 -36.75 -3.52
CA ALA H 41 -27.60 -36.23 -2.74
C ALA H 41 -27.20 -34.80 -3.12
N ILE H 42 -27.02 -34.55 -4.42
CA ILE H 42 -26.62 -33.23 -4.93
C ILE H 42 -27.72 -32.20 -4.70
N TYR H 43 -28.96 -32.53 -5.09
CA TYR H 43 -30.11 -31.64 -4.97
C TYR H 43 -30.44 -31.26 -3.52
N GLU H 44 -30.25 -32.22 -2.62
CA GLU H 44 -30.44 -32.00 -1.19
C GLU H 44 -29.47 -30.97 -0.61
N CYS H 45 -28.21 -30.99 -1.04
CA CYS H 45 -27.23 -29.99 -0.59
C CYS H 45 -27.48 -28.62 -1.22
N LEU H 46 -27.91 -28.60 -2.49
CA LEU H 46 -28.21 -27.35 -3.19
C LEU H 46 -29.35 -26.60 -2.53
N VAL H 47 -30.48 -27.28 -2.34
CA VAL H 47 -31.65 -26.71 -1.66
C VAL H 47 -31.35 -26.33 -0.19
N SER H 48 -30.46 -27.08 0.46
CA SER H 48 -29.98 -26.75 1.81
C SER H 48 -29.14 -25.47 1.83
N ILE H 49 -28.15 -25.40 0.94
CA ILE H 49 -27.28 -24.22 0.82
C ILE H 49 -28.08 -22.95 0.48
N THR H 50 -29.08 -23.08 -0.41
CA THR H 50 -29.90 -21.94 -0.80
C THR H 50 -30.60 -21.33 0.40
N PHE H 51 -31.33 -22.17 1.15
CA PHE H 51 -32.09 -21.73 2.31
C PHE H 51 -31.23 -21.27 3.49
N ILE H 52 -30.08 -21.91 3.71
CA ILE H 52 -29.11 -21.43 4.70
C ILE H 52 -28.58 -20.04 4.30
N VAL H 53 -28.24 -19.87 3.03
CA VAL H 53 -27.75 -18.59 2.50
C VAL H 53 -28.83 -17.51 2.63
N LEU H 54 -30.04 -17.84 2.15
CA LEU H 54 -31.19 -16.93 2.24
C LEU H 54 -31.55 -16.54 3.67
N ALA H 55 -31.32 -17.45 4.62
CA ALA H 55 -31.51 -17.19 6.04
C ALA H 55 -30.47 -16.25 6.62
N LEU H 56 -29.32 -16.16 5.93
CA LEU H 56 -28.17 -15.39 6.41
C LEU H 56 -27.89 -14.10 5.63
N THR H 57 -28.63 -13.89 4.54
CA THR H 57 -28.41 -12.74 3.65
C THR H 57 -29.15 -11.48 4.10
N GLY H 58 -29.13 -11.22 5.41
CA GLY H 58 -29.79 -10.06 5.96
C GLY H 58 -29.09 -8.74 5.76
N THR H 59 -29.35 -7.82 6.67
CA THR H 59 -28.67 -6.52 6.70
C THR H 59 -27.25 -6.71 7.26
N HIS H 60 -27.06 -7.71 8.12
CA HIS H 60 -25.71 -8.25 8.38
C HIS H 60 -25.51 -9.58 7.64
N ALA H 61 -25.39 -9.45 6.32
CA ALA H 61 -25.14 -10.58 5.40
C ALA H 61 -23.67 -11.02 5.40
N SER H 62 -22.79 -10.14 5.91
CA SER H 62 -21.36 -10.41 6.06
C SER H 62 -21.04 -11.68 6.84
N GLN H 63 -22.01 -12.11 7.67
CA GLN H 63 -21.88 -13.35 8.46
C GLN H 63 -21.66 -14.62 7.64
N ILE H 64 -22.03 -14.60 6.35
CA ILE H 64 -21.84 -15.74 5.46
C ILE H 64 -20.35 -16.12 5.41
N LEU H 65 -19.48 -15.10 5.38
CA LEU H 65 -18.03 -15.28 5.45
C LEU H 65 -17.62 -15.90 6.77
N ALA H 66 -18.23 -15.45 7.87
CA ALA H 66 -18.03 -16.04 9.19
C ALA H 66 -18.42 -17.51 9.23
N LEU H 67 -19.50 -17.87 8.51
CA LEU H 67 -19.92 -19.27 8.36
C LEU H 67 -18.90 -20.04 7.53
N LEU H 68 -18.50 -19.47 6.39
CA LEU H 68 -17.47 -20.05 5.53
C LEU H 68 -16.15 -20.32 6.25
N PHE H 69 -15.72 -19.35 7.06
CA PHE H 69 -14.57 -19.53 7.95
C PHE H 69 -14.81 -20.70 8.90
N TYR H 70 -15.99 -20.72 9.51
CA TYR H 70 -16.38 -21.74 10.50
C TYR H 70 -16.32 -23.17 9.94
N ILE H 71 -16.86 -23.39 8.74
CA ILE H 71 -16.85 -24.72 8.11
C ILE H 71 -15.41 -25.21 7.87
N VAL H 72 -14.56 -24.32 7.35
CA VAL H 72 -13.14 -24.61 7.12
C VAL H 72 -12.44 -24.95 8.43
N TRP H 73 -12.59 -24.06 9.42
CA TRP H 73 -12.01 -24.23 10.76
C TRP H 73 -12.43 -25.55 11.42
N GLN H 74 -13.71 -25.91 11.31
CA GLN H 74 -14.22 -27.16 11.87
C GLN H 74 -13.70 -28.41 11.14
N ILE H 75 -13.66 -28.37 9.81
CA ILE H 75 -13.08 -29.47 9.00
C ILE H 75 -11.65 -29.78 9.45
N ILE H 76 -10.83 -28.73 9.55
CA ILE H 76 -9.45 -28.81 10.05
C ILE H 76 -9.40 -29.60 11.38
N TRP H 77 -10.07 -29.10 12.41
CA TRP H 77 -9.90 -29.68 13.77
C TRP H 77 -10.68 -30.96 14.04
N VAL H 78 -11.75 -31.21 13.27
CA VAL H 78 -12.47 -32.49 13.34
C VAL H 78 -11.60 -33.57 12.71
N TYR H 79 -11.09 -33.29 11.51
CA TYR H 79 -10.19 -34.22 10.83
C TYR H 79 -8.85 -34.39 11.52
N SER H 80 -8.33 -33.31 12.11
CA SER H 80 -7.12 -33.36 12.95
C SER H 80 -7.26 -34.39 14.07
N TYR H 81 -8.41 -34.38 14.75
CA TYR H 81 -8.67 -35.35 15.79
C TYR H 81 -8.92 -36.75 15.24
N LYS H 82 -9.61 -36.82 14.10
CA LYS H 82 -9.93 -38.11 13.45
C LYS H 82 -8.64 -38.86 13.11
N ARG H 83 -7.72 -38.14 12.46
CA ARG H 83 -6.38 -38.61 12.08
C ARG H 83 -5.60 -39.09 13.32
N TYR H 84 -5.62 -38.28 14.37
CA TYR H 84 -4.93 -38.58 15.62
C TYR H 84 -5.51 -39.81 16.34
N ARG H 85 -6.84 -39.89 16.43
CA ARG H 85 -7.54 -40.89 17.23
C ARG H 85 -7.34 -42.34 16.73
N SER H 86 -6.98 -42.49 15.46
CA SER H 86 -6.65 -43.78 14.85
C SER H 86 -5.52 -44.50 15.60
N GLN H 87 -4.46 -43.75 15.91
CA GLN H 87 -3.24 -44.31 16.50
C GLN H 87 -3.25 -44.16 18.04
N ARG H 88 -3.07 -42.92 18.51
CA ARG H 88 -3.00 -42.64 19.94
C ARG H 88 -4.36 -42.15 20.49
N ASP H 89 -4.49 -42.13 21.83
CA ASP H 89 -5.62 -41.51 22.52
C ASP H 89 -5.19 -40.94 23.88
N ASN H 90 -5.09 -39.62 23.93
CA ASN H 90 -4.62 -38.90 25.12
C ASN H 90 -5.70 -37.94 25.60
N LYS H 91 -5.70 -37.69 26.91
CA LYS H 91 -6.60 -36.75 27.58
C LYS H 91 -6.50 -35.34 26.99
N TRP H 92 -5.31 -34.76 27.10
CA TRP H 92 -5.09 -33.35 26.80
C TRP H 92 -5.21 -32.99 25.32
N VAL H 93 -4.89 -33.97 24.46
CA VAL H 93 -5.07 -33.82 23.00
C VAL H 93 -6.55 -33.62 22.71
N PHE H 94 -7.38 -34.48 23.31
CA PHE H 94 -8.83 -34.39 23.25
C PHE H 94 -9.35 -33.07 23.81
N TYR H 95 -8.76 -32.61 24.92
CA TYR H 95 -9.11 -31.32 25.52
C TYR H 95 -8.77 -30.16 24.59
N LEU H 96 -7.60 -30.23 23.95
CA LEU H 96 -7.17 -29.22 23.00
C LEU H 96 -8.10 -29.12 21.79
N HIS H 97 -8.47 -30.28 21.23
CA HIS H 97 -9.37 -30.35 20.09
C HIS H 97 -10.80 -29.91 20.44
N SER H 98 -11.22 -30.20 21.68
CA SER H 98 -12.49 -29.71 22.21
C SER H 98 -12.49 -28.19 22.32
N PHE H 99 -11.47 -27.65 22.99
CA PHE H 99 -11.28 -26.21 23.14
C PHE H 99 -11.29 -25.47 21.80
N LEU H 100 -10.57 -26.03 20.82
CA LEU H 100 -10.42 -25.40 19.50
C LEU H 100 -11.71 -25.40 18.67
N VAL H 101 -12.50 -26.47 18.80
CA VAL H 101 -13.81 -26.59 18.15
C VAL H 101 -14.83 -25.58 18.73
N VAL H 102 -14.76 -25.35 20.03
CA VAL H 102 -15.63 -24.38 20.71
C VAL H 102 -15.08 -22.94 20.73
N LEU H 103 -13.79 -22.76 20.42
CA LEU H 103 -13.13 -21.44 20.47
C LEU H 103 -13.81 -20.29 19.70
N PRO H 104 -14.31 -20.55 18.46
CA PRO H 104 -15.08 -19.48 17.80
C PRO H 104 -16.33 -19.06 18.60
N LEU H 105 -17.07 -20.05 19.11
CA LEU H 105 -18.23 -19.80 19.99
C LEU H 105 -17.82 -19.04 21.26
N ILE H 106 -16.71 -19.43 21.88
CA ILE H 106 -16.16 -18.72 23.07
C ILE H 106 -15.84 -17.28 22.73
N LEU H 107 -15.23 -17.06 21.57
CA LEU H 107 -14.90 -15.71 21.12
C LEU H 107 -16.13 -14.85 20.88
N VAL H 108 -17.18 -15.44 20.29
CA VAL H 108 -18.46 -14.75 20.03
C VAL H 108 -19.14 -14.30 21.32
N LYS H 109 -19.18 -15.21 22.30
CA LYS H 109 -19.76 -14.93 23.63
C LYS H 109 -18.93 -13.91 24.42
N VAL H 110 -17.62 -14.10 24.48
CA VAL H 110 -16.71 -13.26 25.28
C VAL H 110 -16.61 -11.83 24.74
N GLU H 111 -16.69 -11.68 23.41
CA GLU H 111 -16.47 -10.40 22.72
C GLU H 111 -17.19 -9.18 23.32
N PRO H 112 -18.55 -9.19 23.41
CA PRO H 112 -19.21 -7.97 23.87
C PRO H 112 -18.94 -7.58 25.34
N THR H 113 -18.32 -8.47 26.11
CA THR H 113 -17.82 -8.15 27.45
C THR H 113 -16.63 -7.19 27.35
N ILE H 114 -15.69 -7.53 26.46
CA ILE H 114 -14.52 -6.69 26.19
C ILE H 114 -14.94 -5.46 25.37
N ASN H 115 -15.58 -5.72 24.22
CA ASN H 115 -15.78 -4.74 23.17
C ASN H 115 -16.99 -3.84 23.36
N GLY H 116 -18.11 -4.46 23.75
CA GLY H 116 -19.42 -3.82 23.67
C GLY H 116 -20.04 -4.03 22.31
N THR H 117 -19.33 -4.76 21.44
CA THR H 117 -19.78 -5.09 20.09
C THR H 117 -19.54 -6.57 19.77
N GLN H 118 -20.12 -7.01 18.66
CA GLN H 118 -20.08 -8.42 18.24
C GLN H 118 -18.69 -8.87 17.77
N SER H 119 -18.48 -10.18 17.75
CA SER H 119 -17.31 -10.79 17.11
C SER H 119 -17.51 -10.86 15.61
N LEU H 120 -16.40 -10.86 14.87
CA LEU H 120 -16.41 -11.03 13.42
C LEU H 120 -16.78 -12.47 13.03
N LEU H 121 -16.45 -13.43 13.91
CA LEU H 121 -16.74 -14.85 13.68
C LEU H 121 -18.22 -15.21 13.85
N ASN H 122 -19.01 -14.28 14.39
CA ASN H 122 -20.43 -14.47 14.66
C ASN H 122 -21.30 -14.59 13.40
N PHE H 123 -22.09 -15.67 13.36
CA PHE H 123 -23.12 -15.91 12.35
C PHE H 123 -24.30 -16.59 13.06
N LEU H 124 -25.46 -16.65 12.41
CA LEU H 124 -26.71 -17.01 13.07
C LEU H 124 -26.72 -18.32 13.87
N GLY H 125 -26.61 -19.46 13.20
CA GLY H 125 -26.73 -20.74 13.90
C GLY H 125 -25.57 -21.20 14.79
N ILE H 126 -24.59 -20.31 15.03
CA ILE H 126 -23.28 -20.68 15.63
C ILE H 126 -23.37 -21.44 16.94
N SER H 127 -24.29 -21.02 17.81
CA SER H 127 -24.47 -21.61 19.13
C SER H 127 -25.02 -23.03 19.06
N TYR H 128 -25.78 -23.31 18.01
CA TYR H 128 -26.44 -24.60 17.85
C TYR H 128 -25.64 -25.55 16.97
N LEU H 129 -24.86 -24.99 16.06
CA LEU H 129 -23.93 -25.76 15.21
C LEU H 129 -22.77 -26.35 16.00
N THR H 130 -22.22 -25.57 16.94
CA THR H 130 -21.07 -25.97 17.75
C THR H 130 -21.31 -27.27 18.51
N PHE H 131 -22.53 -27.48 19.01
CA PHE H 131 -22.90 -28.74 19.67
C PHE H 131 -22.76 -29.96 18.77
N ARG H 132 -23.06 -29.77 17.49
CA ARG H 132 -22.93 -30.84 16.48
C ARG H 132 -21.45 -31.15 16.22
N ALA H 133 -20.65 -30.09 16.13
CA ALA H 133 -19.19 -30.18 15.95
C ALA H 133 -18.44 -30.85 17.11
N VAL H 134 -18.59 -30.34 18.34
CA VAL H 134 -17.96 -30.93 19.53
C VAL H 134 -18.44 -32.36 19.75
N GLY H 135 -19.73 -32.58 19.46
CA GLY H 135 -20.36 -33.90 19.50
C GLY H 135 -19.51 -35.00 18.88
N MET H 136 -18.96 -34.69 17.70
CA MET H 136 -18.06 -35.62 17.02
C MET H 136 -16.70 -35.83 17.68
N ILE H 137 -16.11 -34.77 18.23
CA ILE H 137 -14.88 -34.87 19.00
C ILE H 137 -15.08 -35.78 20.23
N ILE H 138 -16.22 -35.61 20.93
CA ILE H 138 -16.59 -36.44 22.07
C ILE H 138 -16.85 -37.89 21.64
N GLU H 139 -17.57 -38.07 20.52
CA GLU H 139 -17.92 -39.41 20.03
C GLU H 139 -16.72 -40.20 19.51
N MET H 140 -15.73 -39.49 18.96
CA MET H 140 -14.46 -40.09 18.54
C MET H 140 -13.60 -40.48 19.74
N ARG H 141 -13.61 -39.62 20.77
CA ARG H 141 -12.91 -39.87 22.02
C ARG H 141 -13.37 -41.16 22.70
N ASP H 142 -14.69 -41.36 22.73
CA ASP H 142 -15.29 -42.55 23.34
C ASP H 142 -15.17 -43.81 22.46
N GLY H 143 -14.59 -43.63 21.27
CA GLY H 143 -14.37 -44.74 20.34
C GLY H 143 -15.62 -45.31 19.71
N VAL H 144 -16.74 -44.59 19.86
CA VAL H 144 -18.02 -45.00 19.31
C VAL H 144 -18.20 -44.53 17.84
N LEU H 145 -17.35 -43.58 17.44
CA LEU H 145 -17.27 -43.14 16.04
C LEU H 145 -15.87 -43.40 15.47
N LYS H 146 -15.83 -43.97 14.27
CA LYS H 146 -14.59 -44.31 13.58
C LYS H 146 -14.60 -43.91 12.09
N GLU H 147 -15.66 -44.29 11.38
CA GLU H 147 -15.78 -44.03 9.93
C GLU H 147 -16.74 -42.88 9.66
N PHE H 148 -16.33 -41.92 8.82
CA PHE H 148 -17.24 -40.93 8.24
C PHE H 148 -16.71 -40.19 7.02
N THR H 149 -17.60 -39.98 6.04
CA THR H 149 -17.35 -39.11 4.89
C THR H 149 -17.34 -37.65 5.34
N LEU H 150 -16.68 -36.78 4.57
CA LEU H 150 -16.83 -35.32 4.68
C LEU H 150 -18.29 -34.92 4.41
N GLY H 151 -18.94 -35.64 3.48
CA GLY H 151 -20.36 -35.48 3.17
C GLY H 151 -21.28 -35.77 4.34
N GLU H 152 -21.02 -36.89 5.04
CA GLU H 152 -21.77 -37.27 6.24
C GLU H 152 -21.63 -36.27 7.38
N PHE H 153 -20.41 -35.75 7.58
CA PHE H 153 -20.10 -34.75 8.59
C PHE H 153 -20.76 -33.41 8.27
N LEU H 154 -20.68 -32.99 7.01
CA LEU H 154 -21.28 -31.73 6.55
C LEU H 154 -22.80 -31.74 6.58
N ARG H 155 -23.42 -32.83 6.09
CA ARG H 155 -24.90 -33.00 6.11
C ARG H 155 -25.45 -32.87 7.52
N PHE H 156 -24.75 -33.46 8.47
CA PHE H 156 -25.12 -33.43 9.88
C PHE H 156 -24.93 -32.04 10.47
N MET H 157 -23.70 -31.55 10.46
CA MET H 157 -23.34 -30.31 11.15
C MET H 157 -24.13 -29.10 10.65
N LEU H 158 -24.30 -28.99 9.34
CA LEU H 158 -25.09 -27.88 8.79
C LEU H 158 -26.36 -28.34 8.08
N PHE H 159 -27.11 -29.20 8.78
CA PHE H 159 -28.47 -29.63 8.43
C PHE H 159 -29.38 -28.41 8.35
N MET H 160 -30.11 -28.28 7.25
CA MET H 160 -30.86 -27.05 6.93
C MET H 160 -32.03 -26.65 7.88
N PRO H 161 -32.95 -27.59 8.21
CA PRO H 161 -34.10 -27.20 9.05
C PRO H 161 -33.75 -26.80 10.50
N THR H 162 -32.68 -27.37 11.03
CA THR H 162 -32.27 -27.14 12.41
C THR H 162 -31.05 -26.21 12.51
N PHE H 163 -30.87 -25.36 11.50
CA PHE H 163 -29.65 -24.55 11.38
C PHE H 163 -29.59 -23.43 12.41
N THR H 164 -30.56 -22.54 12.33
CA THR H 164 -30.56 -21.25 13.03
C THR H 164 -30.65 -21.36 14.55
N SER H 165 -31.50 -22.28 15.02
CA SER H 165 -31.80 -22.44 16.45
C SER H 165 -32.36 -23.83 16.74
N GLY H 166 -32.58 -24.61 15.68
CA GLY H 166 -33.33 -25.87 15.73
C GLY H 166 -32.70 -26.91 16.60
N PRO H 167 -33.46 -27.99 16.93
CA PRO H 167 -33.07 -29.01 17.90
C PRO H 167 -31.63 -29.52 17.74
N ILE H 168 -30.91 -29.60 18.85
CA ILE H 168 -29.55 -30.13 18.88
C ILE H 168 -29.57 -31.64 18.59
N ASP H 169 -28.65 -32.10 17.75
CA ASP H 169 -28.57 -33.51 17.39
C ASP H 169 -27.19 -34.13 17.66
N ARG H 170 -27.18 -35.46 17.77
CA ARG H 170 -25.95 -36.25 17.92
C ARG H 170 -25.70 -36.98 16.60
N PHE H 171 -24.42 -37.15 16.26
CA PHE H 171 -24.03 -37.70 14.95
C PHE H 171 -24.51 -39.13 14.69
N LYS H 172 -24.22 -40.05 15.61
CA LYS H 172 -24.56 -41.47 15.43
C LYS H 172 -26.04 -41.68 15.14
N ARG H 173 -26.88 -40.94 15.88
CA ARG H 173 -28.33 -41.03 15.75
C ARG H 173 -28.82 -40.36 14.45
N PHE H 174 -28.28 -39.19 14.12
CA PHE H 174 -28.64 -38.48 12.87
C PHE H 174 -28.22 -39.27 11.65
N ASN H 175 -27.01 -39.83 11.69
CA ASN H 175 -26.43 -40.53 10.56
C ASN H 175 -27.20 -41.80 10.23
N GLU H 176 -27.50 -42.61 11.24
CA GLU H 176 -28.27 -43.83 11.08
C GLU H 176 -29.67 -43.58 10.54
N ASP H 177 -30.31 -42.51 11.03
CA ASP H 177 -31.65 -42.07 10.59
C ASP H 177 -31.62 -41.70 9.10
N TYR H 178 -30.60 -40.97 8.69
CA TYR H 178 -30.38 -40.58 7.29
C TYR H 178 -30.00 -41.78 6.43
N GLN H 179 -29.26 -42.72 7.03
CA GLN H 179 -28.72 -43.90 6.34
C GLN H 179 -29.82 -44.84 5.86
N SER H 180 -30.81 -45.10 6.72
CA SER H 180 -31.95 -45.94 6.38
C SER H 180 -33.24 -45.13 6.27
N ILE H 181 -33.68 -44.97 5.02
CA ILE H 181 -34.92 -44.27 4.69
C ILE H 181 -36.10 -45.07 5.26
N PRO H 182 -36.95 -44.42 6.07
CA PRO H 182 -38.15 -45.05 6.64
C PRO H 182 -39.11 -45.58 5.57
N ASN H 183 -39.81 -46.66 5.89
CA ASN H 183 -40.71 -47.36 4.97
C ASN H 183 -41.99 -46.56 4.65
N ARG H 184 -42.68 -47.00 3.60
CA ARG H 184 -43.76 -46.24 2.94
C ARG H 184 -44.79 -45.59 3.84
N ASP H 185 -45.40 -46.36 4.75
CA ASP H 185 -46.47 -45.82 5.61
C ASP H 185 -45.98 -45.07 6.86
N GLU H 186 -44.78 -45.40 7.32
CA GLU H 186 -44.09 -44.64 8.37
C GLU H 186 -43.71 -43.24 7.84
N LEU H 187 -43.40 -43.18 6.56
CA LEU H 187 -43.08 -41.96 5.86
C LEU H 187 -44.32 -41.08 5.68
N LEU H 188 -45.47 -41.71 5.38
CA LEU H 188 -46.76 -41.02 5.27
C LEU H 188 -47.24 -40.51 6.62
N ASN H 189 -46.89 -41.27 7.66
CA ASN H 189 -47.14 -40.90 9.05
C ASN H 189 -46.41 -39.61 9.44
N MET H 190 -45.19 -39.45 8.92
CA MET H 190 -44.38 -38.25 9.13
C MET H 190 -44.96 -37.03 8.41
N LEU H 191 -45.60 -37.25 7.26
CA LEU H 191 -46.29 -36.21 6.51
C LEU H 191 -47.48 -35.68 7.30
N GLU H 192 -48.21 -36.61 7.92
CA GLU H 192 -49.34 -36.31 8.77
C GLU H 192 -48.89 -35.49 9.99
N GLN H 193 -47.76 -35.90 10.58
CA GLN H 193 -47.19 -35.19 11.72
C GLN H 193 -46.61 -33.83 11.33
N ALA H 194 -46.08 -33.73 10.11
CA ALA H 194 -45.52 -32.48 9.59
C ALA H 194 -46.60 -31.43 9.36
N VAL H 195 -47.71 -31.85 8.75
CA VAL H 195 -48.85 -30.96 8.48
C VAL H 195 -49.54 -30.52 9.79
N LYS H 196 -49.49 -31.39 10.80
CA LYS H 196 -49.97 -31.08 12.15
C LYS H 196 -49.08 -30.02 12.83
N TYR H 197 -47.77 -30.27 12.82
CA TYR H 197 -46.75 -29.40 13.43
C TYR H 197 -46.69 -27.98 12.84
N ILE H 198 -46.99 -27.87 11.55
CA ILE H 198 -47.05 -26.57 10.86
C ILE H 198 -48.29 -25.79 11.34
N MET H 199 -49.44 -26.46 11.40
CA MET H 199 -50.69 -25.85 11.89
C MET H 199 -50.54 -25.29 13.30
N LEU H 200 -49.95 -26.08 14.21
CA LEU H 200 -49.68 -25.66 15.59
C LEU H 200 -48.70 -24.51 15.67
N GLY H 201 -47.58 -24.65 14.95
CA GLY H 201 -46.56 -23.60 14.82
C GLY H 201 -47.09 -22.26 14.37
N PHE H 202 -48.03 -22.29 13.42
CA PHE H 202 -48.75 -21.09 12.97
C PHE H 202 -49.42 -20.38 14.16
N LEU H 203 -50.19 -21.15 14.93
CA LEU H 203 -50.88 -20.64 16.11
C LEU H 203 -49.89 -20.15 17.17
N TYR H 204 -48.90 -20.99 17.49
CA TYR H 204 -47.91 -20.70 18.52
C TYR H 204 -47.09 -19.44 18.24
N LYS H 205 -46.53 -19.34 17.03
CA LYS H 205 -45.60 -18.25 16.70
C LYS H 205 -46.26 -16.98 16.18
N PHE H 206 -47.18 -17.11 15.23
CA PHE H 206 -47.79 -15.93 14.61
C PHE H 206 -49.02 -15.36 15.33
N VAL H 207 -49.70 -16.22 16.10
CA VAL H 207 -50.88 -15.80 16.86
C VAL H 207 -50.52 -15.55 18.33
N LEU H 208 -50.17 -16.60 19.07
CA LEU H 208 -50.02 -16.51 20.53
C LEU H 208 -48.80 -15.71 20.99
N ALA H 209 -47.63 -16.01 20.41
CA ALA H 209 -46.39 -15.28 20.72
C ALA H 209 -46.49 -13.79 20.34
N GLN H 210 -47.40 -13.50 19.41
CA GLN H 210 -47.71 -12.14 19.01
C GLN H 210 -48.46 -11.40 20.10
N ILE H 211 -49.49 -12.05 20.65
CA ILE H 211 -50.33 -11.49 21.71
C ILE H 211 -49.51 -11.25 22.98
N PHE H 212 -48.75 -12.25 23.41
CA PHE H 212 -47.90 -12.10 24.59
C PHE H 212 -46.75 -11.12 24.34
N GLY H 213 -46.01 -11.35 23.26
CA GLY H 213 -44.75 -10.64 22.99
C GLY H 213 -44.85 -9.19 22.58
N SER H 214 -45.63 -8.94 21.52
CA SER H 214 -45.68 -7.61 20.91
C SER H 214 -46.87 -6.76 21.34
N MET H 215 -47.89 -7.40 21.93
CA MET H 215 -49.12 -6.73 22.39
C MET H 215 -49.16 -6.44 23.89
N LEU H 216 -48.99 -7.47 24.72
CA LEU H 216 -49.10 -7.33 26.18
C LEU H 216 -47.79 -6.91 26.85
N LEU H 217 -46.68 -7.52 26.44
CA LEU H 217 -45.37 -7.31 27.06
C LEU H 217 -44.84 -5.85 27.04
N PRO H 218 -44.90 -5.15 25.86
CA PRO H 218 -44.34 -3.78 25.86
C PRO H 218 -44.99 -2.76 26.83
N PRO H 219 -46.35 -2.66 26.89
CA PRO H 219 -46.91 -1.73 27.89
C PRO H 219 -46.72 -2.17 29.35
N LEU H 220 -46.71 -3.47 29.59
CA LEU H 220 -46.45 -4.04 30.92
C LEU H 220 -45.06 -3.66 31.44
N LYS H 221 -44.06 -3.70 30.56
CA LYS H 221 -42.69 -3.29 30.87
C LYS H 221 -42.63 -1.79 31.15
N ALA H 222 -43.27 -1.01 30.28
CA ALA H 222 -43.34 0.46 30.41
C ALA H 222 -43.88 0.87 31.76
N GLN H 223 -44.97 0.21 32.17
CA GLN H 223 -45.61 0.48 33.46
C GLN H 223 -44.70 0.09 34.62
N ALA H 224 -44.17 -1.13 34.57
CA ALA H 224 -43.22 -1.64 35.58
C ALA H 224 -42.03 -0.71 35.79
N LEU H 225 -41.58 -0.09 34.71
CA LEU H 225 -40.48 0.88 34.76
C LEU H 225 -40.86 2.16 35.49
N SER H 226 -42.06 2.71 35.19
CA SER H 226 -42.57 3.90 35.87
C SER H 226 -42.76 3.68 37.36
N GLN H 227 -43.24 2.48 37.73
CA GLN H 227 -43.48 2.09 39.12
C GLN H 227 -42.21 2.15 39.98
N GLY H 228 -41.10 1.66 39.45
CA GLY H 228 -39.82 1.65 40.17
C GLY H 228 -39.75 0.57 41.24
N GLY H 229 -38.71 0.65 42.06
CA GLY H 229 -38.46 -0.35 43.11
C GLY H 229 -37.86 -1.63 42.56
N ILE H 230 -37.45 -2.54 43.44
CA ILE H 230 -36.81 -3.79 43.01
C ILE H 230 -37.81 -4.84 42.49
N PHE H 231 -39.08 -4.66 42.83
CA PHE H 231 -40.17 -5.47 42.28
C PHE H 231 -41.46 -4.68 42.39
N ASN H 232 -42.38 -4.88 41.46
CA ASN H 232 -43.75 -4.36 41.58
C ASN H 232 -44.75 -5.28 40.91
N LEU H 233 -46.03 -4.96 41.01
CA LEU H 233 -47.08 -5.79 40.44
C LEU H 233 -47.03 -5.90 38.90
N PRO H 234 -46.77 -4.79 38.17
CA PRO H 234 -46.56 -4.97 36.73
C PRO H 234 -45.34 -5.84 36.38
N THR H 235 -44.33 -5.89 37.26
CA THR H 235 -43.16 -6.76 37.10
C THR H 235 -43.55 -8.24 37.26
N LEU H 236 -44.51 -8.53 38.15
CA LEU H 236 -45.12 -9.85 38.24
C LEU H 236 -45.88 -10.15 36.94
N GLY H 237 -46.44 -9.11 36.32
CA GLY H 237 -47.10 -9.21 35.03
C GLY H 237 -46.16 -9.59 33.89
N VAL H 238 -45.03 -8.89 33.78
CA VAL H 238 -44.04 -9.19 32.72
C VAL H 238 -43.46 -10.60 32.90
N MET H 239 -43.33 -11.02 34.15
CA MET H 239 -42.81 -12.34 34.48
C MET H 239 -43.59 -13.47 33.81
N TYR H 240 -44.91 -13.43 33.91
CA TYR H 240 -45.78 -14.43 33.29
C TYR H 240 -45.87 -14.22 31.80
N VAL H 241 -46.13 -12.97 31.39
CA VAL H 241 -46.32 -12.64 29.97
C VAL H 241 -45.10 -13.01 29.11
N TYR H 242 -43.91 -12.60 29.55
CA TYR H 242 -42.65 -12.96 28.88
C TYR H 242 -42.46 -14.46 28.88
N GLY H 243 -42.67 -15.09 30.04
CA GLY H 243 -42.53 -16.54 30.19
C GLY H 243 -43.28 -17.32 29.13
N PHE H 244 -44.57 -17.00 28.96
CA PHE H 244 -45.41 -17.59 27.91
C PHE H 244 -44.95 -17.21 26.51
N ASP H 245 -44.54 -15.96 26.35
CA ASP H 245 -43.98 -15.47 25.09
C ASP H 245 -42.74 -16.27 24.68
N LEU H 246 -41.79 -16.42 25.61
CA LEU H 246 -40.60 -17.24 25.40
C LEU H 246 -40.98 -18.64 24.96
N PHE H 247 -41.88 -19.28 25.70
CA PHE H 247 -42.32 -20.63 25.35
C PHE H 247 -42.96 -20.71 23.98
N PHE H 248 -43.95 -19.86 23.70
CA PHE H 248 -44.71 -19.98 22.46
C PHE H 248 -43.89 -19.69 21.22
N ASP H 249 -43.01 -18.71 21.31
CA ASP H 249 -42.13 -18.32 20.22
C ASP H 249 -41.16 -19.46 19.90
N PHE H 250 -40.53 -20.00 20.95
CA PHE H 250 -39.54 -21.05 20.77
C PHE H 250 -40.12 -22.41 20.43
N ALA H 251 -41.24 -22.76 21.05
CA ALA H 251 -41.91 -24.04 20.81
C ALA H 251 -42.50 -24.10 19.42
N GLY H 252 -43.03 -22.97 18.96
CA GLY H 252 -43.58 -22.82 17.62
C GLY H 252 -42.50 -22.98 16.56
N TYR H 253 -41.38 -22.31 16.80
CA TYR H 253 -40.20 -22.46 15.97
C TYR H 253 -39.80 -23.95 15.88
N SER H 254 -39.64 -24.56 17.05
CA SER H 254 -39.22 -25.95 17.16
C SER H 254 -40.10 -26.90 16.36
N MET H 255 -41.41 -26.60 16.34
CA MET H 255 -42.38 -27.41 15.61
C MET H 255 -42.20 -27.28 14.11
N PHE H 256 -41.94 -26.05 13.65
CA PHE H 256 -41.60 -25.79 12.25
C PHE H 256 -40.34 -26.59 11.88
N ALA H 257 -39.31 -26.45 12.71
CA ALA H 257 -38.05 -27.16 12.53
C ALA H 257 -38.25 -28.67 12.36
N LEU H 258 -39.02 -29.26 13.28
CA LEU H 258 -39.35 -30.68 13.24
C LEU H 258 -40.16 -31.09 11.99
N ALA H 259 -41.04 -30.19 11.56
CA ALA H 259 -41.92 -30.43 10.41
C ALA H 259 -41.14 -30.50 9.09
N VAL H 260 -40.24 -29.53 8.90
CA VAL H 260 -39.39 -29.43 7.71
C VAL H 260 -38.43 -30.63 7.66
N SER H 261 -37.78 -30.90 8.80
CA SER H 261 -36.96 -32.09 8.99
C SER H 261 -37.69 -33.37 8.56
N ASN H 262 -38.95 -33.51 8.95
CA ASN H 262 -39.78 -34.68 8.59
C ASN H 262 -39.95 -34.84 7.09
N LEU H 263 -40.18 -33.73 6.39
CA LEU H 263 -40.28 -33.71 4.94
C LEU H 263 -38.96 -34.10 4.29
N MET H 264 -37.86 -33.79 4.99
CA MET H 264 -36.51 -34.21 4.59
C MET H 264 -36.14 -35.64 5.06
N GLY H 265 -37.14 -36.39 5.52
CA GLY H 265 -36.96 -37.80 5.82
C GLY H 265 -36.49 -38.15 7.21
N ILE H 266 -35.68 -37.29 7.82
CA ILE H 266 -35.15 -37.58 9.15
C ILE H 266 -36.03 -36.96 10.24
N LYS H 267 -36.05 -37.60 11.43
CA LYS H 267 -36.80 -37.06 12.57
C LYS H 267 -35.87 -36.60 13.70
N SER H 268 -35.63 -35.29 13.69
CA SER H 268 -34.82 -34.58 14.67
C SER H 268 -35.41 -34.71 16.08
N PRO H 269 -34.58 -34.55 17.14
CA PRO H 269 -35.10 -34.67 18.51
C PRO H 269 -36.11 -33.57 18.84
N ILE H 270 -37.08 -33.89 19.69
CA ILE H 270 -38.13 -32.92 20.07
C ILE H 270 -37.62 -31.98 21.18
N ASN H 271 -38.20 -30.78 21.25
CA ASN H 271 -37.76 -29.74 22.19
C ASN H 271 -38.66 -29.52 23.42
N PHE H 272 -39.97 -29.73 23.25
CA PHE H 272 -40.92 -29.49 24.34
C PHE H 272 -41.93 -30.61 24.52
N ASP H 273 -42.23 -30.90 25.79
CA ASP H 273 -43.21 -31.91 26.17
C ASP H 273 -44.08 -31.45 27.35
N LYS H 274 -45.03 -30.57 27.07
CA LYS H 274 -45.91 -29.95 28.09
C LYS H 274 -45.09 -29.53 29.33
N PRO H 275 -44.21 -28.50 29.19
CA PRO H 275 -43.30 -28.17 30.30
C PRO H 275 -43.95 -27.63 31.57
N PHE H 276 -45.16 -27.06 31.46
CA PHE H 276 -45.79 -26.38 32.59
C PHE H 276 -46.55 -27.28 33.58
N ILE H 277 -46.96 -28.47 33.13
CA ILE H 277 -47.56 -29.47 34.03
C ILE H 277 -46.52 -30.26 34.84
N SER H 278 -45.25 -29.85 34.78
CA SER H 278 -44.18 -30.51 35.53
C SER H 278 -44.25 -30.14 37.01
N ARG H 279 -44.25 -31.18 37.84
CA ARG H 279 -44.40 -31.06 39.29
C ARG H 279 -43.05 -30.79 39.95
N ASP H 280 -41.99 -30.98 39.18
CA ASP H 280 -40.63 -31.11 39.68
C ASP H 280 -39.73 -30.20 38.84
N MET H 281 -38.66 -29.70 39.44
CA MET H 281 -37.57 -29.05 38.70
C MET H 281 -36.82 -30.08 37.86
N LYS H 282 -36.61 -31.26 38.45
CA LYS H 282 -36.08 -32.43 37.75
C LYS H 282 -36.94 -32.81 36.54
N GLU H 283 -38.26 -32.76 36.71
CA GLU H 283 -39.20 -33.06 35.63
C GLU H 283 -39.20 -31.97 34.57
N PHE H 284 -39.00 -30.72 34.98
CA PHE H 284 -39.03 -29.57 34.07
C PHE H 284 -37.98 -29.68 32.97
N TRP H 285 -36.77 -30.08 33.36
CA TRP H 285 -35.67 -30.23 32.42
C TRP H 285 -35.77 -31.47 31.53
N ASN H 286 -36.77 -32.31 31.81
CA ASN H 286 -37.15 -33.39 30.90
C ASN H 286 -38.29 -32.99 29.96
N ARG H 287 -38.65 -31.70 30.00
CA ARG H 287 -39.80 -31.19 29.25
C ARG H 287 -39.52 -29.86 28.56
N TRP H 288 -38.51 -29.14 29.04
CA TRP H 288 -38.13 -27.82 28.51
C TRP H 288 -36.82 -27.84 27.74
N HIS H 289 -36.83 -27.23 26.56
CA HIS H 289 -35.70 -27.20 25.61
C HIS H 289 -34.90 -28.50 25.65
N MET H 290 -35.62 -29.61 25.45
CA MET H 290 -35.13 -30.95 25.71
C MET H 290 -33.82 -31.28 25.00
N SER H 291 -33.74 -30.98 23.70
CA SER H 291 -32.53 -31.22 22.91
C SER H 291 -31.28 -30.56 23.52
N LEU H 292 -31.44 -29.36 24.07
CA LEU H 292 -30.36 -28.68 24.80
C LEU H 292 -30.08 -29.33 26.15
N SER H 293 -31.13 -29.61 26.90
CA SER H 293 -31.02 -30.21 28.22
C SER H 293 -30.42 -31.61 28.15
N PHE H 294 -30.96 -32.43 27.25
CA PHE H 294 -30.50 -33.81 27.04
C PHE H 294 -29.05 -33.88 26.54
N TRP H 295 -28.63 -32.88 25.75
CA TRP H 295 -27.22 -32.75 25.37
C TRP H 295 -26.37 -32.48 26.61
N PHE H 296 -26.65 -31.36 27.29
CA PHE H 296 -25.93 -30.97 28.50
C PHE H 296 -25.90 -32.05 29.59
N ARG H 297 -26.95 -32.87 29.65
CA ARG H 297 -27.04 -33.98 30.59
C ARG H 297 -25.96 -35.01 30.31
N ASP H 298 -25.86 -35.43 29.05
CA ASP H 298 -24.96 -36.51 28.63
C ASP H 298 -23.52 -36.06 28.38
N PHE H 299 -23.37 -34.84 27.88
CA PHE H 299 -22.05 -34.37 27.47
C PHE H 299 -21.34 -33.49 28.51
N VAL H 300 -22.09 -32.77 29.35
CA VAL H 300 -21.48 -31.91 30.37
C VAL H 300 -21.67 -32.50 31.77
N PHE H 301 -22.92 -32.80 32.15
CA PHE H 301 -23.21 -33.34 33.49
C PHE H 301 -22.57 -34.71 33.70
N MET H 302 -23.09 -35.74 33.00
CA MET H 302 -22.65 -37.14 33.14
C MET H 302 -21.14 -37.28 33.11
N ARG H 303 -20.51 -36.62 32.14
CA ARG H 303 -19.05 -36.63 31.98
C ARG H 303 -18.31 -36.01 33.17
N LEU H 304 -18.87 -34.94 33.73
CA LEU H 304 -18.27 -34.26 34.88
C LEU H 304 -18.38 -35.07 36.16
N VAL H 305 -19.51 -35.75 36.35
CA VAL H 305 -19.75 -36.57 37.54
C VAL H 305 -18.73 -37.70 37.65
N ILE H 306 -18.45 -38.37 36.53
CA ILE H 306 -17.45 -39.44 36.45
C ILE H 306 -16.07 -38.95 36.88
N VAL H 307 -15.67 -37.77 36.39
CA VAL H 307 -14.38 -37.13 36.74
C VAL H 307 -14.26 -36.85 38.25
N LEU H 308 -15.34 -36.37 38.86
CA LEU H 308 -15.34 -36.08 40.30
C LEU H 308 -15.45 -37.35 41.15
N MET H 309 -15.81 -38.47 40.51
CA MET H 309 -15.93 -39.78 41.17
C MET H 309 -14.72 -40.68 40.92
N ARG H 310 -14.10 -40.53 39.74
CA ARG H 310 -12.79 -41.11 39.41
C ARG H 310 -11.80 -40.58 40.45
N ASN H 311 -11.68 -39.25 40.52
CA ASN H 311 -10.74 -38.55 41.39
C ASN H 311 -11.18 -38.44 42.85
N LYS H 312 -12.39 -38.92 43.16
CA LYS H 312 -13.02 -38.84 44.50
C LYS H 312 -12.71 -37.53 45.26
N VAL H 313 -12.96 -36.41 44.58
CA VAL H 313 -12.62 -35.08 45.08
C VAL H 313 -13.45 -34.64 46.29
N PHE H 314 -14.75 -34.93 46.26
CA PHE H 314 -15.66 -34.55 47.35
C PHE H 314 -16.00 -35.72 48.27
N LYS H 315 -16.26 -35.38 49.54
CA LYS H 315 -16.48 -36.32 50.64
C LYS H 315 -17.56 -37.38 50.36
N ASN H 316 -18.80 -36.94 50.11
CA ASN H 316 -19.95 -37.83 49.97
C ASN H 316 -20.55 -37.92 48.57
N ARG H 317 -21.48 -38.86 48.42
CA ARG H 317 -22.23 -39.13 47.19
C ARG H 317 -22.96 -37.91 46.64
N ASN H 318 -23.50 -37.08 47.53
CA ASN H 318 -24.44 -36.03 47.15
C ASN H 318 -23.78 -34.69 46.78
N THR H 319 -22.58 -34.44 47.31
CA THR H 319 -21.84 -33.21 47.01
C THR H 319 -21.31 -33.23 45.57
N THR H 320 -20.80 -34.40 45.12
CA THR H 320 -20.38 -34.58 43.74
C THR H 320 -21.56 -34.40 42.77
N SER H 321 -22.76 -34.81 43.21
CA SER H 321 -24.01 -34.59 42.48
C SER H 321 -24.42 -33.12 42.48
N ASN H 322 -24.19 -32.45 43.60
CA ASN H 322 -24.60 -31.06 43.76
C ASN H 322 -23.70 -30.11 42.97
N VAL H 323 -22.38 -30.31 43.10
CA VAL H 323 -21.37 -29.52 42.39
C VAL H 323 -21.51 -29.69 40.86
N ALA H 324 -21.76 -30.92 40.42
CA ALA H 324 -22.02 -31.21 39.01
C ALA H 324 -23.23 -30.45 38.47
N TYR H 325 -24.32 -30.40 39.25
CA TYR H 325 -25.52 -29.64 38.91
C TYR H 325 -25.26 -28.14 38.73
N ILE H 326 -24.61 -27.53 39.73
CA ILE H 326 -24.33 -26.08 39.75
C ILE H 326 -23.37 -25.66 38.62
N ILE H 327 -22.33 -26.46 38.38
CA ILE H 327 -21.40 -26.21 37.27
C ILE H 327 -22.13 -26.37 35.92
N ASN H 328 -22.81 -27.50 35.75
CA ASN H 328 -23.51 -27.84 34.50
C ASN H 328 -24.54 -26.81 34.07
N MET H 329 -25.36 -26.34 35.01
CA MET H 329 -26.38 -25.35 34.73
C MET H 329 -25.80 -23.95 34.54
N MET H 330 -24.64 -23.70 35.16
CA MET H 330 -23.91 -22.45 35.00
C MET H 330 -23.21 -22.34 33.65
N VAL H 331 -22.61 -23.45 33.18
CA VAL H 331 -22.02 -23.56 31.83
C VAL H 331 -23.10 -23.28 30.77
N MET H 332 -24.30 -23.83 30.99
CA MET H 332 -25.49 -23.56 30.18
C MET H 332 -25.88 -22.08 30.18
N GLY H 333 -25.68 -21.42 31.31
CA GLY H 333 -25.91 -19.98 31.44
C GLY H 333 -24.91 -19.20 30.60
N PHE H 334 -23.63 -19.56 30.73
CA PHE H 334 -22.53 -19.00 29.93
C PHE H 334 -22.79 -19.18 28.43
N TRP H 335 -23.36 -20.32 28.07
CA TRP H 335 -23.76 -20.62 26.69
C TRP H 335 -24.77 -19.62 26.13
N HIS H 336 -25.73 -19.21 26.96
CA HIS H 336 -26.69 -18.18 26.56
C HIS H 336 -26.01 -16.82 26.33
N GLY H 337 -25.05 -16.48 27.19
CA GLY H 337 -24.30 -15.24 27.07
C GLY H 337 -23.53 -14.92 28.34
N ILE H 338 -22.50 -14.09 28.20
CA ILE H 338 -21.68 -13.67 29.34
C ILE H 338 -22.19 -12.32 29.89
N THR H 339 -23.45 -12.31 30.32
CA THR H 339 -24.03 -11.18 31.05
C THR H 339 -24.58 -11.66 32.38
N TRP H 340 -24.57 -10.80 33.40
CA TRP H 340 -24.88 -11.17 34.78
C TRP H 340 -26.15 -12.05 34.91
N TYR H 341 -27.17 -11.70 34.13
CA TYR H 341 -28.47 -12.34 34.24
C TYR H 341 -28.56 -13.72 33.62
N TYR H 342 -27.83 -13.96 32.54
CA TYR H 342 -27.72 -15.31 32.00
C TYR H 342 -26.98 -16.25 32.97
N ILE H 343 -25.92 -15.74 33.59
CA ILE H 343 -25.16 -16.47 34.61
C ILE H 343 -26.04 -16.68 35.85
N ALA H 344 -26.80 -15.65 36.22
CA ALA H 344 -27.78 -15.74 37.30
C ALA H 344 -28.82 -16.82 36.99
N TYR H 345 -29.45 -16.74 35.82
CA TYR H 345 -30.38 -17.75 35.31
C TYR H 345 -29.82 -19.16 35.44
N GLY H 346 -28.51 -19.29 35.22
CA GLY H 346 -27.78 -20.53 35.37
C GLY H 346 -27.73 -21.00 36.81
N ILE H 347 -27.10 -20.20 37.68
CA ILE H 347 -26.92 -20.55 39.10
C ILE H 347 -28.26 -20.78 39.81
N PHE H 348 -29.31 -20.08 39.34
CA PHE H 348 -30.68 -20.23 39.81
C PHE H 348 -31.14 -21.69 39.71
N HIS H 349 -31.26 -22.22 38.49
CA HIS H 349 -31.60 -23.62 38.24
C HIS H 349 -30.60 -24.61 38.84
N GLY H 350 -29.38 -24.12 39.09
CA GLY H 350 -28.35 -24.88 39.77
C GLY H 350 -28.81 -25.21 41.18
N ILE H 351 -28.84 -24.18 42.03
CA ILE H 351 -29.30 -24.31 43.42
C ILE H 351 -30.77 -24.75 43.49
N GLY H 352 -31.52 -24.49 42.43
CA GLY H 352 -32.88 -24.96 42.24
C GLY H 352 -32.96 -26.47 42.19
N LEU H 353 -32.05 -27.09 41.45
CA LEU H 353 -32.03 -28.56 41.32
C LEU H 353 -31.47 -29.27 42.53
N VAL H 354 -30.51 -28.64 43.21
CA VAL H 354 -29.94 -29.24 44.43
C VAL H 354 -30.96 -29.23 45.56
N ILE H 355 -31.70 -28.12 45.69
CA ILE H 355 -32.82 -27.98 46.64
C ILE H 355 -33.89 -29.02 46.33
N ASN H 356 -34.22 -29.15 45.05
CA ASN H 356 -35.19 -30.12 44.58
C ASN H 356 -34.78 -31.56 44.92
N ASP H 357 -33.51 -31.90 44.68
CA ASP H 357 -33.01 -33.23 44.92
C ASP H 357 -32.93 -33.55 46.42
N ALA H 358 -32.49 -32.55 47.20
CA ALA H 358 -32.39 -32.63 48.65
C ALA H 358 -33.74 -32.89 49.32
N TRP H 359 -34.79 -32.32 48.73
CA TRP H 359 -36.16 -32.53 49.17
C TRP H 359 -36.63 -33.97 48.95
N LEU H 360 -36.34 -34.54 47.76
CA LEU H 360 -36.70 -35.93 47.45
C LEU H 360 -36.04 -36.93 48.42
N ARG H 361 -34.77 -36.66 48.74
CA ARG H 361 -34.01 -37.41 49.76
C ARG H 361 -34.62 -37.24 51.17
N LYS H 362 -34.98 -36.00 51.51
CA LYS H 362 -35.61 -35.68 52.80
C LYS H 362 -37.00 -36.27 52.96
N LYS H 363 -37.79 -36.26 51.89
CA LYS H 363 -39.15 -36.82 51.89
C LYS H 363 -39.15 -38.32 52.17
N LYS H 364 -38.17 -39.04 51.65
CA LYS H 364 -38.04 -40.48 51.91
C LYS H 364 -37.65 -40.82 53.35
N THR H 365 -36.81 -39.97 53.94
CA THR H 365 -36.37 -40.16 55.34
C THR H 365 -37.38 -39.63 56.35
N ILE H 366 -38.20 -38.65 55.96
CA ILE H 366 -39.33 -38.19 56.78
C ILE H 366 -40.44 -39.25 56.82
N ASN H 367 -40.65 -39.94 55.70
CA ASN H 367 -41.60 -41.07 55.62
C ASN H 367 -41.20 -42.26 56.48
N LYS H 368 -39.89 -42.56 56.53
CA LYS H 368 -39.34 -43.58 57.42
C LYS H 368 -39.40 -43.17 58.89
N ASP H 369 -39.21 -41.87 59.16
CA ASP H 369 -39.33 -41.27 60.49
C ASP H 369 -40.75 -41.36 61.05
N ARG H 370 -41.73 -41.24 60.15
CA ARG H 370 -43.14 -41.31 60.49
C ARG H 370 -43.61 -42.75 60.70
N LYS H 371 -43.23 -43.64 59.77
CA LYS H 371 -43.63 -45.06 59.79
C LYS H 371 -43.16 -45.80 61.05
N LYS H 372 -41.94 -45.49 61.48
CA LYS H 372 -41.35 -46.09 62.69
C LYS H 372 -41.85 -45.44 63.99
N ALA H 373 -42.28 -44.18 63.91
CA ALA H 373 -42.87 -43.47 65.05
C ALA H 373 -44.39 -43.64 65.15
N GLY H 374 -44.95 -44.53 64.33
CA GLY H 374 -46.38 -44.87 64.37
C GLY H 374 -47.24 -44.25 63.27
N LEU H 375 -46.95 -43.00 62.93
CA LEU H 375 -47.73 -42.21 61.96
C LEU H 375 -47.78 -42.81 60.53
N LYS H 376 -48.84 -42.48 59.79
CA LYS H 376 -49.03 -42.86 58.40
C LYS H 376 -48.10 -42.06 57.47
N PRO H 377 -47.65 -42.64 56.33
CA PRO H 377 -46.87 -41.91 55.32
C PRO H 377 -47.48 -40.56 54.89
N LEU H 378 -46.61 -39.57 54.67
CA LEU H 378 -46.99 -38.20 54.25
C LEU H 378 -47.95 -38.22 53.05
N PRO H 379 -49.04 -37.42 53.11
CA PRO H 379 -50.12 -37.57 52.11
C PRO H 379 -49.72 -37.17 50.68
N GLU H 380 -50.09 -38.01 49.72
CA GLU H 380 -49.84 -37.76 48.31
C GLU H 380 -51.13 -37.93 47.50
N ASN H 381 -51.69 -36.81 47.06
CA ASN H 381 -53.01 -36.74 46.43
C ASN H 381 -53.06 -35.61 45.39
N LYS H 382 -54.26 -35.35 44.85
CA LYS H 382 -54.45 -34.36 43.78
C LYS H 382 -54.04 -32.93 44.15
N TRP H 383 -54.11 -32.59 45.44
CA TRP H 383 -53.77 -31.24 45.91
C TRP H 383 -52.30 -31.04 46.25
N THR H 384 -51.65 -32.08 46.76
CA THR H 384 -50.19 -32.05 46.94
C THR H 384 -49.52 -31.99 45.57
N LYS H 385 -50.02 -32.79 44.63
CA LYS H 385 -49.56 -32.79 43.24
C LYS H 385 -49.69 -31.41 42.59
N ALA H 386 -50.88 -30.81 42.71
CA ALA H 386 -51.14 -29.47 42.18
C ALA H 386 -50.25 -28.40 42.84
N LEU H 387 -50.06 -28.51 44.15
CA LEU H 387 -49.18 -27.60 44.90
C LEU H 387 -47.77 -27.64 44.33
N GLY H 388 -47.25 -28.86 44.14
CA GLY H 388 -45.96 -29.11 43.48
C GLY H 388 -45.86 -28.41 42.13
N ILE H 389 -46.84 -28.67 41.27
CA ILE H 389 -46.99 -27.98 39.97
C ILE H 389 -46.95 -26.45 40.15
N PHE H 390 -47.72 -25.93 41.11
CA PHE H 390 -47.78 -24.49 41.37
C PHE H 390 -46.44 -23.89 41.80
N ILE H 391 -45.75 -24.54 42.73
CA ILE H 391 -44.43 -24.10 43.18
C ILE H 391 -43.44 -24.10 42.01
N THR H 392 -43.40 -25.22 41.26
CA THR H 392 -42.49 -25.39 40.11
C THR H 392 -42.72 -24.29 39.08
N PHE H 393 -43.97 -24.16 38.64
CA PHE H 393 -44.40 -23.15 37.66
C PHE H 393 -43.88 -21.75 37.96
N ASN H 394 -43.92 -21.35 39.23
CA ASN H 394 -43.50 -20.00 39.61
C ASN H 394 -42.00 -19.86 39.77
N THR H 395 -41.32 -20.92 40.16
CA THR H 395 -39.86 -20.97 40.19
C THR H 395 -39.33 -20.80 38.75
N VAL H 396 -39.88 -21.60 37.85
CA VAL H 396 -39.60 -21.57 36.42
C VAL H 396 -39.87 -20.19 35.81
N MET H 397 -41.02 -19.58 36.15
CA MET H 397 -41.42 -18.28 35.60
C MET H 397 -40.54 -17.14 36.09
N LEU H 398 -40.10 -17.22 37.35
CA LEU H 398 -39.22 -16.21 37.94
C LEU H 398 -37.85 -16.24 37.26
N SER H 399 -37.39 -17.45 36.93
CA SER H 399 -36.13 -17.64 36.22
C SER H 399 -36.15 -16.99 34.84
N PHE H 400 -37.30 -17.10 34.15
CA PHE H 400 -37.50 -16.46 32.84
C PHE H 400 -37.51 -14.93 32.91
N LEU H 401 -37.88 -14.37 34.07
CA LEU H 401 -37.79 -12.94 34.31
C LEU H 401 -36.32 -12.51 34.39
N ILE H 402 -35.52 -13.31 35.09
CA ILE H 402 -34.09 -13.08 35.19
C ILE H 402 -33.49 -13.18 33.78
N PHE H 403 -33.83 -14.29 33.10
CA PHE H 403 -33.40 -14.63 31.73
C PHE H 403 -33.70 -13.54 30.69
N SER H 404 -34.87 -12.90 30.82
CA SER H 404 -35.35 -11.85 29.91
C SER H 404 -34.44 -10.62 29.88
N GLY H 405 -33.63 -10.48 30.93
CA GLY H 405 -32.79 -9.31 31.13
C GLY H 405 -33.57 -8.04 31.43
N PHE H 406 -34.86 -8.17 31.75
CA PHE H 406 -35.67 -7.01 32.12
C PHE H 406 -35.25 -6.46 33.48
N LEU H 407 -34.82 -7.33 34.38
CA LEU H 407 -34.34 -6.90 35.71
C LEU H 407 -33.13 -5.96 35.64
N ASN H 408 -32.44 -5.99 34.51
CA ASN H 408 -31.38 -5.03 34.22
C ASN H 408 -31.94 -3.62 34.00
N ASP H 409 -33.07 -3.54 33.28
CA ASP H 409 -33.80 -2.28 33.08
C ASP H 409 -34.36 -1.71 34.38
N LEU H 410 -34.93 -2.60 35.19
CA LEU H 410 -35.65 -2.20 36.41
C LEU H 410 -34.71 -1.79 37.54
N TRP H 411 -33.61 -2.53 37.71
CA TRP H 411 -32.69 -2.26 38.80
C TRP H 411 -31.58 -1.27 38.45
N PHE H 412 -31.03 -1.40 37.24
CA PHE H 412 -29.73 -0.78 36.94
C PHE H 412 -29.69 0.38 35.91
N THR H 413 -30.83 0.72 35.30
CA THR H 413 -30.92 1.90 34.40
C THR H 413 -30.46 3.20 35.11
N LYS H 414 -30.99 3.43 36.32
CA LYS H 414 -30.61 4.55 37.21
C LYS H 414 -30.66 5.94 36.57
#